data_4WSU
#
_entry.id   4WSU
#
_cell.length_a   186.978
_cell.length_b   100.080
_cell.length_c   135.239
_cell.angle_alpha   90.00
_cell.angle_beta   126.04
_cell.angle_gamma   90.00
#
_symmetry.space_group_name_H-M   'C 1 2 1'
#
loop_
_entity.id
_entity.type
_entity.pdbx_description
1 polymer 'Hemagglutinin HA1 chain'
2 polymer 'Hemagglutinin HA2 chain'
3 branched beta-D-galactopyranose-(1-3)-2-acetamido-2-deoxy-beta-D-glucopyranose
4 non-polymer 2-acetamido-2-deoxy-beta-D-glucopyranose
5 non-polymer 'N-acetyl-alpha-neuraminic acid'
#
loop_
_entity_poly.entity_id
_entity_poly.type
_entity_poly.pdbx_seq_one_letter_code
_entity_poly.pdbx_strand_id
1 'polypeptide(L)'
;ADLGSDKICIGYHANNSTTQVDTLLEKNVTVTHSVELLENQKEKRFCKIMNKAPLDLKDCTIEGWILGNPKCDLLLGDQS
WSYIVERPNAQNGICYPGVLNELEELKAFIGSGERVERFEMFPKSTWAGVDTSRGVTNACPSYTIDSSFYRNLVWIVKTD
SATYPVIKGTYNNTGTQPILYFWGVHHPLDTTVQDNLYGSGDKYVRMGTESMNFAKSPEIAARPAVNGQRSRIDYYWSVL
RPGETLNVESNGNLIAPWYAYKFVSTNKKGAVFKSDLPIENCDATCQTITGVLRTNKTFQNVSPLWIGECPKYVKSESLR
LATGLRNVPQIATR
;
A,C,E
2 'polypeptide(L)'
;GIFGAIAGFIEGGWTGMIDGWYGYHHENSQGSGYAADRESTQKAIDGITNKVNSIINKMNTQFEAVDHEFSNLERRIGNL
NKRMEDGFLDVWTYNAELLVLLENERTLDLHDANVKNLYEKVKSQLRDNANDLGNGCFEFWHKCDNECMESVKNGTYDYP
KYQKESKLNRQGIESGRLVPR
;
B,D,F
#
# COMPACT_ATOMS: atom_id res chain seq x y z
N SER A 5 -13.39 -61.85 -25.50
CA SER A 5 -13.48 -61.41 -24.07
C SER A 5 -14.04 -60.00 -23.82
N ASP A 6 -14.85 -59.87 -22.76
CA ASP A 6 -15.47 -58.60 -22.36
C ASP A 6 -14.50 -57.62 -21.58
N LYS A 7 -14.50 -56.15 -22.05
CA LYS A 7 -13.53 -55.22 -21.33
C LYS A 7 -14.49 -54.25 -20.59
N ILE A 8 -14.01 -53.89 -19.45
CA ILE A 8 -14.47 -52.57 -18.92
C ILE A 8 -13.27 -51.72 -18.55
N CYS A 9 -13.26 -50.46 -19.01
CA CYS A 9 -12.12 -49.53 -18.85
C CYS A 9 -12.51 -48.23 -18.14
N ILE A 10 -11.57 -47.69 -17.39
CA ILE A 10 -11.78 -46.46 -16.68
C ILE A 10 -10.99 -45.41 -17.37
N GLY A 11 -11.58 -44.22 -17.50
CA GLY A 11 -10.95 -43.19 -18.30
C GLY A 11 -11.54 -41.82 -18.10
N TYR A 12 -11.15 -40.91 -18.99
CA TYR A 12 -11.46 -39.51 -18.83
C TYR A 12 -11.75 -38.79 -20.14
N HIS A 13 -12.38 -37.62 -20.02
CA HIS A 13 -12.89 -36.85 -21.16
C HIS A 13 -11.79 -36.22 -22.00
N ALA A 14 -12.01 -36.17 -23.29
CA ALA A 14 -11.20 -35.36 -24.20
C ALA A 14 -12.10 -34.67 -25.21
N ASN A 15 -11.60 -33.60 -25.81
CA ASN A 15 -12.39 -32.83 -26.75
C ASN A 15 -11.42 -32.12 -27.71
N ASN A 16 -11.94 -31.22 -28.54
CA ASN A 16 -11.17 -30.53 -29.58
C ASN A 16 -10.54 -29.20 -29.12
N SER A 17 -10.56 -28.93 -27.81
CA SER A 17 -9.97 -27.70 -27.26
C SER A 17 -8.46 -27.59 -27.55
N THR A 18 -8.04 -26.38 -27.90
CA THR A 18 -6.61 -26.04 -28.03
C THR A 18 -6.20 -24.92 -27.06
N THR A 19 -7.09 -24.56 -26.17
CA THR A 19 -6.82 -23.56 -25.15
C THR A 19 -5.88 -24.11 -24.07
N GLN A 20 -4.94 -23.29 -23.64
CA GLN A 20 -3.91 -23.67 -22.72
C GLN A 20 -3.91 -22.85 -21.43
N VAL A 21 -3.34 -23.42 -20.38
CA VAL A 21 -3.13 -22.71 -19.15
C VAL A 21 -1.72 -22.97 -18.67
N ASP A 22 -1.25 -22.14 -17.74
CA ASP A 22 0.01 -22.35 -17.06
C ASP A 22 -0.23 -22.82 -15.65
N THR A 23 0.72 -23.64 -15.15
CA THR A 23 0.76 -24.03 -13.75
C THR A 23 2.17 -23.78 -13.23
N LEU A 24 2.36 -23.86 -11.91
CA LEU A 24 3.72 -23.74 -11.34
C LEU A 24 4.68 -24.78 -11.95
N LEU A 25 4.14 -25.96 -12.26
CA LEU A 25 4.95 -27.07 -12.71
C LEU A 25 5.15 -27.06 -14.21
N GLU A 26 4.20 -26.50 -14.97
CA GLU A 26 4.22 -26.71 -16.41
C GLU A 26 3.53 -25.58 -17.16
N LYS A 27 4.16 -25.12 -18.24
CA LYS A 27 3.60 -24.11 -19.07
C LYS A 27 2.87 -24.74 -20.26
N ASN A 28 2.00 -23.97 -20.90
CA ASN A 28 1.25 -24.41 -22.11
C ASN A 28 0.65 -25.81 -21.98
N VAL A 29 -0.25 -25.99 -21.01
CA VAL A 29 -0.94 -27.23 -20.84
C VAL A 29 -2.31 -27.08 -21.47
N THR A 30 -2.62 -27.93 -22.45
CA THR A 30 -3.91 -27.87 -23.09
C THR A 30 -4.98 -28.49 -22.16
N VAL A 31 -6.09 -27.76 -21.90
CA VAL A 31 -7.13 -28.31 -21.06
C VAL A 31 -8.50 -28.32 -21.73
N THR A 32 -9.37 -29.22 -21.26
CA THR A 32 -10.69 -29.41 -21.88
C THR A 32 -11.61 -28.21 -21.67
N HIS A 33 -11.51 -27.56 -20.51
CA HIS A 33 -12.38 -26.45 -20.15
C HIS A 33 -11.59 -25.45 -19.32
N SER A 34 -11.88 -24.17 -19.51
CA SER A 34 -11.21 -23.15 -18.72
C SER A 34 -12.02 -21.87 -18.74
N VAL A 35 -11.71 -20.96 -17.86
CA VAL A 35 -12.44 -19.71 -17.80
C VAL A 35 -11.43 -18.59 -17.66
N GLU A 36 -11.62 -17.58 -18.49
CA GLU A 36 -10.76 -16.40 -18.55
C GLU A 36 -11.37 -15.39 -17.57
N LEU A 37 -10.54 -14.87 -16.67
CA LEU A 37 -11.01 -13.97 -15.64
C LEU A 37 -10.71 -12.48 -15.90
N LEU A 38 -10.03 -12.19 -17.00
CA LEU A 38 -9.53 -10.85 -17.28
C LEU A 38 -10.13 -10.29 -18.56
N GLU A 39 -10.59 -9.04 -18.49
CA GLU A 39 -11.16 -8.35 -19.63
C GLU A 39 -10.11 -7.47 -20.27
N ASN A 40 -9.98 -7.51 -21.60
CA ASN A 40 -9.10 -6.56 -22.31
C ASN A 40 -9.78 -5.76 -23.42
N GLN A 41 -11.09 -5.88 -23.57
CA GLN A 41 -11.90 -5.09 -24.53
C GLN A 41 -12.54 -3.82 -23.89
N LYS A 42 -12.60 -2.76 -24.68
CA LYS A 42 -13.21 -1.49 -24.29
C LYS A 42 -13.87 -0.87 -25.51
N GLU A 43 -14.97 -0.14 -25.32
CA GLU A 43 -15.48 0.79 -26.33
C GLU A 43 -14.81 2.15 -26.11
N LYS A 44 -14.17 2.67 -27.15
CA LYS A 44 -13.40 3.90 -27.08
C LYS A 44 -14.29 5.14 -27.19
N ARG A 45 -15.01 5.43 -26.12
CA ARG A 45 -15.93 6.54 -26.10
C ARG A 45 -16.35 6.78 -24.66
N PHE A 46 -17.03 7.91 -24.41
CA PHE A 46 -17.51 8.24 -23.08
C PHE A 46 -19.02 8.15 -23.13
N CYS A 47 -19.60 7.51 -22.12
CA CYS A 47 -21.04 7.30 -22.05
C CYS A 47 -21.62 7.88 -20.76
N LYS A 48 -22.95 7.89 -20.67
CA LYS A 48 -23.62 8.30 -19.45
C LYS A 48 -23.38 7.25 -18.38
N ILE A 49 -23.40 7.71 -17.13
CA ILE A 49 -23.25 6.87 -15.94
C ILE A 49 -24.42 7.23 -15.07
N MET A 50 -25.19 6.23 -14.64
CA MET A 50 -26.36 6.45 -13.76
C MET A 50 -27.32 7.37 -14.47
N ASN A 51 -27.48 7.12 -15.76
CA ASN A 51 -28.22 7.97 -16.69
C ASN A 51 -27.81 9.44 -16.83
N LYS A 52 -26.79 9.90 -16.09
CA LYS A 52 -26.35 11.30 -16.18
C LYS A 52 -25.21 11.49 -17.16
N ALA A 53 -25.35 12.47 -18.02
CA ALA A 53 -24.33 12.78 -19.00
C ALA A 53 -23.09 13.42 -18.36
N PRO A 54 -21.92 13.14 -18.93
CA PRO A 54 -20.73 13.85 -18.48
C PRO A 54 -20.75 15.30 -19.02
N LEU A 55 -19.91 16.17 -18.47
CA LEU A 55 -19.78 17.55 -18.93
C LEU A 55 -18.56 17.75 -19.84
N ASP A 56 -18.81 18.12 -21.09
CA ASP A 56 -17.74 18.33 -22.09
C ASP A 56 -17.29 19.78 -22.06
N LEU A 57 -16.07 20.05 -21.60
CA LEU A 57 -15.61 21.43 -21.50
C LEU A 57 -15.11 21.95 -22.84
N LYS A 58 -15.06 21.08 -23.83
CA LYS A 58 -14.75 21.43 -25.23
C LYS A 58 -13.42 22.21 -25.38
N ASP A 59 -13.47 23.49 -25.68
CA ASP A 59 -12.24 24.26 -25.93
C ASP A 59 -11.87 25.11 -24.69
N CYS A 60 -12.48 24.79 -23.55
CA CYS A 60 -12.18 25.43 -22.28
C CYS A 60 -11.51 24.47 -21.30
N THR A 61 -10.66 25.05 -20.46
CA THR A 61 -10.18 24.39 -19.26
C THR A 61 -11.15 24.62 -18.08
N ILE A 62 -10.92 23.88 -17.01
CA ILE A 62 -11.68 24.08 -15.78
C ILE A 62 -11.62 25.54 -15.31
N GLU A 63 -10.43 26.12 -15.37
CA GLU A 63 -10.21 27.52 -15.00
C GLU A 63 -11.10 28.43 -15.83
N GLY A 64 -11.03 28.28 -17.15
CA GLY A 64 -11.80 29.13 -18.03
C GLY A 64 -13.29 29.03 -17.79
N TRP A 65 -13.75 27.79 -17.60
CA TRP A 65 -15.15 27.51 -17.32
C TRP A 65 -15.63 28.21 -16.08
N ILE A 66 -14.87 28.01 -15.00
CA ILE A 66 -15.33 28.37 -13.68
C ILE A 66 -15.09 29.85 -13.35
N LEU A 67 -14.16 30.49 -14.04
CA LEU A 67 -13.97 31.96 -13.91
C LEU A 67 -14.92 32.75 -14.82
N GLY A 68 -15.39 32.09 -15.89
CA GLY A 68 -16.28 32.73 -16.86
C GLY A 68 -15.50 33.47 -17.93
N ASN A 69 -14.42 32.87 -18.41
CA ASN A 69 -13.75 33.38 -19.60
C ASN A 69 -14.83 33.62 -20.65
N PRO A 70 -14.84 34.82 -21.25
CA PRO A 70 -15.86 35.16 -22.25
C PRO A 70 -15.98 34.20 -23.44
N LYS A 71 -14.90 33.47 -23.79
CA LYS A 71 -15.00 32.41 -24.83
C LYS A 71 -15.53 31.06 -24.30
N CYS A 72 -16.01 31.06 -23.06
CA CYS A 72 -16.58 29.87 -22.46
C CYS A 72 -18.07 30.07 -22.17
N ASP A 73 -18.71 31.01 -22.86
CA ASP A 73 -20.15 31.25 -22.68
C ASP A 73 -21.06 30.06 -22.92
N LEU A 74 -20.72 29.18 -23.85
CA LEU A 74 -21.57 28.01 -24.11
C LEU A 74 -21.70 27.11 -22.86
N LEU A 75 -20.77 27.23 -21.91
CA LEU A 75 -20.85 26.51 -20.64
C LEU A 75 -21.57 27.27 -19.53
N LEU A 76 -21.94 28.51 -19.79
CA LEU A 76 -22.42 29.42 -18.73
C LEU A 76 -23.75 28.96 -18.14
N GLY A 77 -23.93 29.17 -16.83
CA GLY A 77 -25.17 28.78 -16.15
C GLY A 77 -25.07 27.47 -15.37
N ASP A 78 -26.21 26.81 -15.20
CA ASP A 78 -26.29 25.57 -14.43
C ASP A 78 -25.69 24.41 -15.20
N GLN A 79 -25.02 23.50 -14.47
CA GLN A 79 -24.54 22.25 -15.02
C GLN A 79 -24.73 21.11 -14.04
N SER A 80 -25.09 19.94 -14.58
CA SER A 80 -25.15 18.65 -13.87
C SER A 80 -24.26 17.67 -14.60
N TRP A 81 -23.51 16.86 -13.86
CA TRP A 81 -22.61 15.93 -14.51
C TRP A 81 -22.29 14.68 -13.70
N SER A 82 -22.09 13.58 -14.42
CA SER A 82 -21.64 12.30 -13.86
C SER A 82 -20.12 12.29 -13.70
N TYR A 83 -19.46 13.09 -14.52
CA TYR A 83 -18.00 13.25 -14.54
C TYR A 83 -17.67 14.34 -15.52
N ILE A 84 -16.40 14.76 -15.53
CA ILE A 84 -15.98 15.87 -16.35
C ILE A 84 -14.91 15.47 -17.34
N VAL A 85 -15.07 15.93 -18.58
CA VAL A 85 -14.12 15.61 -19.65
C VAL A 85 -13.45 16.91 -20.06
N GLU A 86 -12.15 17.00 -19.76
CA GLU A 86 -11.33 18.12 -20.15
C GLU A 86 -10.46 17.68 -21.32
N ARG A 87 -10.59 18.39 -22.44
CA ARG A 87 -9.84 18.10 -23.64
C ARG A 87 -8.42 18.61 -23.48
N PRO A 88 -7.41 17.80 -23.85
CA PRO A 88 -6.05 18.11 -23.47
C PRO A 88 -5.44 19.36 -24.14
N ASN A 89 -5.95 19.78 -25.30
CA ASN A 89 -5.47 20.98 -25.96
C ASN A 89 -6.33 22.23 -25.84
N ALA A 90 -7.26 22.23 -24.88
CA ALA A 90 -8.16 23.36 -24.67
C ALA A 90 -7.39 24.67 -24.47
N GLN A 91 -7.82 25.71 -25.21
CA GLN A 91 -7.09 26.98 -25.34
C GLN A 91 -7.57 28.05 -24.36
N ASN A 92 -8.82 27.99 -23.97
CA ASN A 92 -9.45 29.07 -23.23
C ASN A 92 -9.49 28.78 -21.73
N GLY A 93 -8.52 29.36 -21.01
CA GLY A 93 -8.44 29.28 -19.55
C GLY A 93 -8.31 30.66 -18.94
N ILE A 94 -7.23 30.92 -18.24
CA ILE A 94 -6.96 32.27 -17.70
C ILE A 94 -6.48 33.17 -18.83
N CYS A 95 -7.28 34.18 -19.16
CA CYS A 95 -7.01 35.05 -20.30
C CYS A 95 -6.05 36.17 -19.85
N TYR A 96 -6.32 36.78 -18.68
CA TYR A 96 -5.47 37.87 -18.15
C TYR A 96 -4.45 37.27 -17.21
N PRO A 97 -3.18 37.41 -17.56
CA PRO A 97 -2.12 36.61 -16.93
C PRO A 97 -2.06 36.71 -15.42
N GLY A 98 -1.91 35.55 -14.78
CA GLY A 98 -1.78 35.46 -13.33
C GLY A 98 -2.00 34.05 -12.86
N VAL A 99 -1.88 33.88 -11.56
CA VAL A 99 -1.99 32.59 -10.92
C VAL A 99 -3.36 32.45 -10.22
N LEU A 100 -3.99 31.29 -10.39
CA LEU A 100 -5.14 30.94 -9.57
C LEU A 100 -4.64 30.15 -8.36
N ASN A 101 -4.72 30.78 -7.21
CA ASN A 101 -4.13 30.23 -6.02
C ASN A 101 -4.85 28.94 -5.61
N GLU A 102 -4.07 27.95 -5.14
CA GLU A 102 -4.58 26.64 -4.76
C GLU A 102 -5.39 25.95 -5.87
N LEU A 103 -4.77 25.92 -7.05
CA LEU A 103 -5.40 25.42 -8.24
C LEU A 103 -5.72 23.93 -8.18
N GLU A 104 -4.80 23.16 -7.65
CA GLU A 104 -4.94 21.73 -7.64
C GLU A 104 -6.09 21.39 -6.67
N GLU A 105 -6.19 22.14 -5.59
CA GLU A 105 -7.23 21.88 -4.59
C GLU A 105 -8.62 22.30 -5.08
N LEU A 106 -8.65 23.30 -5.97
CA LEU A 106 -9.86 23.69 -6.70
C LEU A 106 -10.29 22.64 -7.71
N LYS A 107 -9.35 22.16 -8.53
CA LYS A 107 -9.60 21.08 -9.52
C LYS A 107 -10.17 19.87 -8.68
N ALA A 108 -9.66 19.64 -7.49
CA ALA A 108 -10.16 18.50 -6.68
C ALA A 108 -11.56 18.71 -6.10
N PHE A 109 -11.83 19.91 -5.61
CA PHE A 109 -13.14 20.23 -5.05
C PHE A 109 -14.23 20.16 -6.14
N ILE A 110 -13.94 20.70 -7.30
CA ILE A 110 -14.90 20.71 -8.37
C ILE A 110 -15.24 19.29 -8.79
N GLY A 111 -14.21 18.46 -8.93
CA GLY A 111 -14.38 17.03 -9.26
C GLY A 111 -15.23 16.24 -8.29
N SER A 112 -15.28 16.65 -7.03
CA SER A 112 -16.13 16.01 -6.01
C SER A 112 -17.61 16.42 -6.07
N GLY A 113 -18.00 17.25 -7.05
CA GLY A 113 -19.38 17.72 -7.10
C GLY A 113 -20.16 17.05 -8.20
N GLU A 114 -21.45 17.37 -8.27
CA GLU A 114 -22.32 16.86 -9.35
C GLU A 114 -23.23 17.92 -10.04
N ARG A 115 -23.42 19.07 -9.40
CA ARG A 115 -24.15 20.18 -10.01
C ARG A 115 -23.61 21.50 -9.45
N VAL A 116 -23.75 22.54 -10.26
CA VAL A 116 -23.59 23.92 -9.81
C VAL A 116 -24.81 24.70 -10.30
N GLU A 117 -25.26 25.69 -9.51
CA GLU A 117 -26.24 26.69 -10.01
C GLU A 117 -25.61 28.08 -9.97
N ARG A 118 -25.51 28.74 -11.11
CA ARG A 118 -24.90 30.06 -11.18
C ARG A 118 -25.89 31.13 -10.75
N PHE A 119 -25.44 32.09 -9.95
CA PHE A 119 -26.32 33.18 -9.44
C PHE A 119 -25.50 34.44 -9.15
N GLU A 120 -26.14 35.61 -9.22
CA GLU A 120 -25.49 36.88 -8.86
C GLU A 120 -25.33 36.96 -7.34
N MET A 121 -24.08 36.92 -6.87
CA MET A 121 -23.77 36.94 -5.45
C MET A 121 -23.62 38.37 -4.97
N PHE A 122 -22.91 39.19 -5.75
CA PHE A 122 -22.80 40.64 -5.51
C PHE A 122 -23.19 41.42 -6.77
N PRO A 123 -24.34 42.10 -6.75
CA PRO A 123 -24.58 42.95 -7.91
C PRO A 123 -23.61 44.13 -7.96
N LYS A 124 -23.39 44.65 -9.16
CA LYS A 124 -22.47 45.78 -9.36
C LYS A 124 -22.80 47.00 -8.47
N SER A 125 -24.09 47.22 -8.22
CA SER A 125 -24.53 48.33 -7.37
C SER A 125 -24.03 48.19 -5.92
N THR A 126 -23.61 46.99 -5.53
CA THR A 126 -22.98 46.77 -4.22
C THR A 126 -21.87 47.77 -3.96
N TRP A 127 -21.14 48.16 -4.99
CA TRP A 127 -19.90 48.90 -4.82
C TRP A 127 -20.09 50.40 -5.10
N ALA A 128 -20.09 51.19 -4.02
CA ALA A 128 -20.51 52.59 -4.02
C ALA A 128 -19.35 53.54 -4.29
N GLY A 129 -19.55 54.43 -5.27
CA GLY A 129 -18.61 55.50 -5.59
C GLY A 129 -17.48 55.12 -6.55
N VAL A 130 -17.67 54.03 -7.27
CA VAL A 130 -16.65 53.51 -8.19
C VAL A 130 -17.29 53.16 -9.52
N ASP A 131 -16.45 53.00 -10.53
CA ASP A 131 -16.87 52.59 -11.87
C ASP A 131 -16.81 51.07 -12.04
N THR A 132 -17.96 50.46 -12.30
CA THR A 132 -18.08 49.01 -12.46
C THR A 132 -18.27 48.63 -13.91
N SER A 133 -18.25 49.60 -14.81
CA SER A 133 -18.74 49.39 -16.18
C SER A 133 -17.65 49.48 -17.25
N ARG A 134 -16.47 49.95 -16.88
CA ARG A 134 -15.28 49.67 -17.68
C ARG A 134 -14.74 48.54 -16.85
N GLY A 135 -13.65 47.93 -17.26
CA GLY A 135 -13.15 46.81 -16.46
C GLY A 135 -13.06 45.63 -17.37
N VAL A 136 -12.37 45.91 -18.46
CA VAL A 136 -12.43 45.15 -19.66
C VAL A 136 -11.01 45.17 -20.24
N THR A 137 -10.65 44.21 -21.10
CA THR A 137 -9.28 44.18 -21.60
C THR A 137 -9.13 43.30 -22.80
N ASN A 138 -8.29 43.75 -23.71
CA ASN A 138 -7.97 43.05 -24.96
C ASN A 138 -7.23 41.71 -24.73
N ALA A 139 -6.73 41.47 -23.52
CA ALA A 139 -6.16 40.17 -23.21
C ALA A 139 -7.23 39.08 -23.10
N CYS A 140 -8.48 39.44 -23.30
CA CYS A 140 -9.53 38.66 -22.72
C CYS A 140 -10.88 38.87 -23.48
N PRO A 141 -10.89 38.54 -24.79
CA PRO A 141 -11.97 38.85 -25.72
C PRO A 141 -13.05 37.79 -25.82
N SER A 142 -14.26 38.16 -26.28
CA SER A 142 -15.27 37.18 -26.76
C SER A 142 -14.98 36.71 -28.19
N TYR A 143 -15.93 35.99 -28.77
CA TYR A 143 -15.88 35.73 -30.20
C TYR A 143 -16.33 36.97 -31.01
N THR A 144 -17.06 37.91 -30.37
CA THR A 144 -17.52 39.13 -31.05
C THR A 144 -16.87 40.45 -30.63
N ILE A 145 -16.58 40.61 -29.34
CA ILE A 145 -16.04 41.85 -28.78
C ILE A 145 -14.61 41.50 -28.47
N ASP A 146 -13.64 42.22 -29.03
CA ASP A 146 -12.29 41.75 -28.76
C ASP A 146 -11.62 42.41 -27.51
N SER A 147 -12.43 43.05 -26.67
CA SER A 147 -12.01 43.54 -25.38
C SER A 147 -13.12 43.33 -24.30
N SER A 148 -12.95 42.33 -23.42
CA SER A 148 -14.01 41.88 -22.51
C SER A 148 -13.42 41.50 -21.14
N PHE A 149 -14.16 40.72 -20.36
CA PHE A 149 -13.67 40.24 -19.07
C PHE A 149 -14.47 39.04 -18.58
N TYR A 150 -13.87 38.29 -17.66
CA TYR A 150 -14.52 37.13 -17.03
C TYR A 150 -15.92 37.46 -16.58
N ARG A 151 -16.84 36.57 -16.82
CA ARG A 151 -18.24 36.81 -16.57
C ARG A 151 -18.57 36.65 -15.09
N ASN A 152 -17.69 36.05 -14.30
CA ASN A 152 -17.96 35.95 -12.87
C ASN A 152 -17.21 36.95 -11.99
N LEU A 153 -16.56 37.91 -12.60
CA LEU A 153 -15.80 38.87 -11.82
C LEU A 153 -16.01 40.26 -12.35
N VAL A 154 -15.85 41.28 -11.49
CA VAL A 154 -15.84 42.68 -11.94
C VAL A 154 -14.52 43.35 -11.61
N TRP A 155 -13.91 43.92 -12.65
CA TRP A 155 -12.72 44.75 -12.50
C TRP A 155 -13.19 46.15 -12.19
N ILE A 156 -13.15 46.52 -10.92
CA ILE A 156 -13.54 47.85 -10.49
C ILE A 156 -12.39 48.84 -10.66
N VAL A 157 -12.68 49.98 -11.27
CA VAL A 157 -11.77 51.17 -11.28
C VAL A 157 -12.47 52.42 -10.69
N LYS A 158 -11.69 53.43 -10.29
CA LYS A 158 -12.28 54.68 -9.75
C LYS A 158 -12.89 55.51 -10.88
N THR A 159 -13.80 56.42 -10.53
CA THR A 159 -14.41 57.33 -11.52
C THR A 159 -13.40 58.44 -11.88
N ASP A 160 -13.48 58.98 -13.10
CA ASP A 160 -12.56 60.05 -13.59
C ASP A 160 -12.39 61.14 -12.55
N SER A 161 -13.54 61.73 -12.23
CA SER A 161 -13.66 62.74 -11.20
C SER A 161 -12.77 62.48 -9.96
N ALA A 162 -12.94 61.34 -9.31
CA ALA A 162 -12.78 61.26 -7.87
C ALA A 162 -11.63 60.40 -7.32
N THR A 163 -11.74 60.15 -6.02
CA THR A 163 -10.93 59.23 -5.24
C THR A 163 -11.58 57.82 -5.31
N TYR A 164 -10.79 56.75 -5.14
CA TYR A 164 -11.35 55.41 -4.96
C TYR A 164 -11.71 55.27 -3.48
N PRO A 165 -13.02 55.31 -3.15
CA PRO A 165 -13.43 55.28 -1.75
C PRO A 165 -13.31 53.88 -1.18
N VAL A 166 -13.52 53.75 0.11
CA VAL A 166 -13.62 52.44 0.70
C VAL A 166 -14.94 51.87 0.24
N ILE A 167 -14.90 50.68 -0.33
CA ILE A 167 -16.11 50.00 -0.79
C ILE A 167 -16.32 48.74 0.05
N LYS A 168 -17.58 48.38 0.25
CA LYS A 168 -17.97 47.28 1.11
C LYS A 168 -19.06 46.47 0.49
N GLY A 169 -19.13 45.20 0.88
CA GLY A 169 -20.19 44.31 0.45
C GLY A 169 -20.32 43.14 1.40
N THR A 170 -21.54 42.65 1.56
CA THR A 170 -21.81 41.54 2.44
C THR A 170 -22.77 40.54 1.73
N TYR A 171 -22.60 39.24 1.97
CA TYR A 171 -23.56 38.24 1.49
C TYR A 171 -23.71 37.17 2.59
N ASN A 172 -24.95 36.97 3.07
CA ASN A 172 -25.31 35.97 4.09
C ASN A 172 -25.83 34.73 3.36
N ASN A 173 -25.11 33.61 3.46
CA ASN A 173 -25.54 32.38 2.84
C ASN A 173 -26.58 31.75 3.72
N THR A 174 -27.84 32.13 3.48
CA THR A 174 -29.01 31.60 4.17
C THR A 174 -29.53 30.26 3.58
N GLY A 175 -28.95 29.78 2.48
CA GLY A 175 -29.41 28.55 1.80
C GLY A 175 -28.92 27.27 2.46
N THR A 176 -29.22 26.13 1.84
CA THR A 176 -28.74 24.83 2.34
C THR A 176 -27.45 24.33 1.66
N GLN A 177 -26.99 25.04 0.61
CA GLN A 177 -25.88 24.57 -0.20
C GLN A 177 -24.68 25.47 -0.01
N PRO A 178 -23.47 24.89 -0.02
CA PRO A 178 -22.26 25.69 -0.01
C PRO A 178 -22.05 26.42 -1.33
N ILE A 179 -21.38 27.55 -1.27
CA ILE A 179 -21.17 28.41 -2.43
C ILE A 179 -19.69 28.50 -2.78
N LEU A 180 -19.41 28.23 -4.04
CA LEU A 180 -18.06 28.36 -4.56
C LEU A 180 -17.96 29.74 -5.18
N TYR A 181 -17.00 30.53 -4.75
CA TYR A 181 -16.87 31.87 -5.31
C TYR A 181 -15.43 32.31 -5.48
N PHE A 182 -15.26 33.42 -6.20
CA PHE A 182 -13.98 33.85 -6.78
C PHE A 182 -13.74 35.36 -6.67
N TRP A 183 -12.47 35.72 -6.52
CA TRP A 183 -12.05 37.10 -6.53
C TRP A 183 -10.61 37.19 -6.97
N GLY A 184 -10.11 38.41 -7.09
CA GLY A 184 -8.71 38.64 -7.42
C GLY A 184 -8.21 39.98 -6.91
N VAL A 185 -6.93 40.21 -7.15
CA VAL A 185 -6.25 41.43 -6.76
C VAL A 185 -5.36 41.82 -7.92
N HIS A 186 -5.51 43.06 -8.40
CA HIS A 186 -4.75 43.52 -9.57
C HIS A 186 -3.38 44.00 -9.18
N HIS A 187 -2.36 43.57 -9.93
CA HIS A 187 -0.98 43.98 -9.70
C HIS A 187 -0.43 44.74 -10.94
N PRO A 188 -0.59 46.08 -10.97
CA PRO A 188 -0.13 46.85 -12.12
C PRO A 188 1.36 46.80 -12.37
N LEU A 189 1.74 47.00 -13.62
CA LEU A 189 3.15 46.97 -14.03
C LEU A 189 3.99 48.13 -13.46
N ASP A 190 3.35 49.26 -13.22
CA ASP A 190 4.09 50.42 -12.71
C ASP A 190 3.19 51.34 -11.92
N THR A 191 3.81 52.38 -11.35
CA THR A 191 3.10 53.35 -10.54
C THR A 191 2.05 54.20 -11.27
N THR A 192 2.30 54.57 -12.52
CA THR A 192 1.40 55.43 -13.30
C THR A 192 0.01 54.81 -13.42
N VAL A 193 -0.01 53.54 -13.81
CA VAL A 193 -1.25 52.76 -13.96
C VAL A 193 -1.94 52.57 -12.58
N GLN A 194 -1.15 52.32 -11.54
CA GLN A 194 -1.71 52.25 -10.21
C GLN A 194 -2.49 53.52 -9.92
N ASP A 195 -1.89 54.68 -10.24
CA ASP A 195 -2.52 55.94 -9.90
C ASP A 195 -3.72 56.20 -10.80
N ASN A 196 -3.58 55.94 -12.10
CA ASN A 196 -4.73 56.03 -13.02
C ASN A 196 -5.97 55.33 -12.51
N LEU A 197 -5.81 54.05 -12.17
CA LEU A 197 -6.94 53.16 -11.95
C LEU A 197 -7.53 53.33 -10.54
N TYR A 198 -6.66 53.51 -9.55
CA TYR A 198 -7.08 53.39 -8.14
C TYR A 198 -6.71 54.59 -7.26
N GLY A 199 -5.97 55.55 -7.81
CA GLY A 199 -5.44 56.67 -7.03
C GLY A 199 -4.19 56.28 -6.26
N SER A 200 -3.64 57.23 -5.54
CA SER A 200 -2.42 57.00 -4.77
C SER A 200 -2.83 56.57 -3.36
N GLY A 201 -1.86 56.12 -2.57
CA GLY A 201 -2.10 55.61 -1.20
C GLY A 201 -1.93 54.11 -1.05
N ASP A 202 -1.60 53.65 0.16
CA ASP A 202 -1.50 52.21 0.49
C ASP A 202 -2.87 51.57 0.23
N LYS A 203 -2.93 50.54 -0.63
CA LYS A 203 -4.19 49.89 -0.98
C LYS A 203 -4.32 48.49 -0.40
N TYR A 204 -5.57 48.04 -0.20
CA TYR A 204 -5.84 46.73 0.35
C TYR A 204 -7.14 46.11 -0.16
N VAL A 205 -7.16 44.79 -0.10
CA VAL A 205 -8.35 43.98 -0.27
C VAL A 205 -8.41 43.11 0.96
N ARG A 206 -9.51 43.18 1.71
CA ARG A 206 -9.69 42.29 2.85
C ARG A 206 -11.05 41.63 2.77
N MET A 207 -11.09 40.36 3.14
CA MET A 207 -12.31 39.57 3.08
C MET A 207 -12.36 38.71 4.32
N GLY A 208 -13.56 38.28 4.68
CA GLY A 208 -13.72 37.53 5.91
C GLY A 208 -15.06 36.90 6.11
N THR A 209 -15.07 35.94 7.03
CA THR A 209 -16.10 34.95 7.15
C THR A 209 -15.99 34.53 8.62
N GLU A 210 -16.98 33.80 9.14
CA GLU A 210 -16.89 33.29 10.54
C GLU A 210 -15.65 32.39 10.74
N SER A 211 -15.14 31.81 9.65
CA SER A 211 -14.00 30.92 9.71
C SER A 211 -12.81 31.22 8.79
N MET A 212 -12.82 32.26 7.96
CA MET A 212 -11.58 32.63 7.24
C MET A 212 -11.38 34.12 7.20
N ASN A 213 -10.13 34.55 7.10
CA ASN A 213 -9.78 35.93 6.69
C ASN A 213 -8.68 36.01 5.64
N PHE A 214 -8.68 37.10 4.88
CA PHE A 214 -7.81 37.30 3.74
C PHE A 214 -7.47 38.75 3.70
N ALA A 215 -6.23 39.05 3.38
CA ALA A 215 -5.77 40.43 3.22
C ALA A 215 -4.60 40.50 2.25
N LYS A 216 -4.74 41.22 1.14
CA LYS A 216 -3.61 41.37 0.22
C LYS A 216 -3.46 42.77 -0.25
N SER A 217 -2.23 43.09 -0.60
CA SER A 217 -1.85 44.41 -1.03
C SER A 217 -1.17 44.35 -2.40
N PRO A 218 -1.38 45.37 -3.22
CA PRO A 218 -0.83 45.30 -4.58
C PRO A 218 0.69 45.30 -4.60
N GLU A 219 1.25 44.62 -5.59
CA GLU A 219 2.68 44.38 -5.73
C GLU A 219 3.03 44.88 -7.12
N ILE A 220 3.47 46.11 -7.17
CA ILE A 220 3.61 46.77 -8.43
C ILE A 220 4.94 46.44 -9.07
N ALA A 221 4.91 45.99 -10.31
CA ALA A 221 6.12 45.53 -11.00
C ALA A 221 5.82 45.11 -12.41
N ALA A 222 6.76 45.35 -13.32
CA ALA A 222 6.63 44.90 -14.70
C ALA A 222 7.13 43.47 -14.85
N ARG A 223 6.24 42.59 -15.27
CA ARG A 223 6.58 41.19 -15.48
C ARG A 223 6.46 40.92 -16.98
N PRO A 224 7.03 39.80 -17.45
CA PRO A 224 7.02 39.57 -18.89
C PRO A 224 5.64 39.56 -19.52
N ALA A 225 5.54 40.13 -20.71
CA ALA A 225 4.27 40.25 -21.45
C ALA A 225 3.62 38.90 -21.78
N VAL A 226 2.36 38.75 -21.41
CA VAL A 226 1.58 37.53 -21.70
C VAL A 226 0.23 38.06 -22.20
N ASN A 227 -0.14 37.67 -23.42
CA ASN A 227 -1.33 38.23 -24.09
C ASN A 227 -1.35 39.76 -24.01
N GLY A 228 -0.18 40.37 -24.28
CA GLY A 228 -0.01 41.83 -24.23
C GLY A 228 0.05 42.50 -22.85
N GLN A 229 0.11 41.73 -21.76
CA GLN A 229 0.02 42.32 -20.41
C GLN A 229 1.27 42.07 -19.60
N ARG A 230 1.86 43.16 -19.10
CA ARG A 230 2.98 43.12 -18.15
C ARG A 230 2.49 43.31 -16.69
N SER A 231 1.20 43.59 -16.52
CA SER A 231 0.55 43.53 -15.21
C SER A 231 0.09 42.10 -14.95
N ARG A 232 -0.43 41.84 -13.75
CA ARG A 232 -0.97 40.55 -13.41
C ARG A 232 -2.17 40.69 -12.51
N ILE A 233 -2.93 39.58 -12.42
CA ILE A 233 -3.93 39.39 -11.38
C ILE A 233 -3.66 38.10 -10.63
N ASP A 234 -3.71 38.16 -9.31
CA ASP A 234 -3.73 36.96 -8.51
C ASP A 234 -5.20 36.56 -8.31
N TYR A 235 -5.56 35.38 -8.77
CA TYR A 235 -6.93 34.90 -8.58
C TYR A 235 -7.02 34.06 -7.30
N TYR A 236 -8.19 34.11 -6.65
CA TYR A 236 -8.46 33.35 -5.43
C TYR A 236 -9.86 32.73 -5.51
N TRP A 237 -10.10 31.69 -4.71
CA TRP A 237 -11.40 31.02 -4.65
C TRP A 237 -11.63 30.61 -3.23
N SER A 238 -12.89 30.38 -2.87
CA SER A 238 -13.23 29.84 -1.56
C SER A 238 -14.64 29.31 -1.57
N VAL A 239 -15.00 28.76 -0.42
CA VAL A 239 -16.30 28.14 -0.24
C VAL A 239 -16.99 28.70 1.02
N LEU A 240 -18.05 29.48 0.79
CA LEU A 240 -18.88 30.01 1.87
C LEU A 240 -19.86 28.91 2.24
N ARG A 241 -19.72 28.41 3.46
CA ARG A 241 -20.54 27.30 3.93
C ARG A 241 -21.95 27.75 4.34
N PRO A 242 -22.90 26.81 4.46
CA PRO A 242 -24.26 27.21 4.77
C PRO A 242 -24.34 27.85 6.13
N GLY A 243 -25.00 29.00 6.26
CA GLY A 243 -25.03 29.73 7.51
C GLY A 243 -24.00 30.85 7.64
N GLU A 244 -22.86 30.74 6.92
CA GLU A 244 -21.78 31.73 6.97
C GLU A 244 -22.11 32.98 6.18
N THR A 245 -21.46 34.07 6.53
CA THR A 245 -21.60 35.36 5.85
C THR A 245 -20.22 35.84 5.39
N LEU A 246 -20.17 36.50 4.23
CA LEU A 246 -18.93 37.05 3.67
C LEU A 246 -18.96 38.57 3.68
N ASN A 247 -17.91 39.19 4.24
CA ASN A 247 -17.71 40.65 4.18
C ASN A 247 -16.52 40.93 3.34
N VAL A 248 -16.70 41.84 2.39
CA VAL A 248 -15.63 42.30 1.52
C VAL A 248 -15.37 43.78 1.81
N GLU A 249 -14.10 44.13 1.90
CA GLU A 249 -13.71 45.49 2.13
C GLU A 249 -12.47 45.79 1.30
N SER A 250 -12.50 46.87 0.52
CA SER A 250 -11.34 47.32 -0.25
C SER A 250 -11.32 48.82 -0.51
N ASN A 251 -10.14 49.38 -0.65
CA ASN A 251 -9.99 50.77 -1.12
C ASN A 251 -9.25 50.88 -2.47
N GLY A 252 -9.18 49.77 -3.21
CA GLY A 252 -8.38 49.68 -4.43
C GLY A 252 -7.91 48.28 -4.78
N ASN A 253 -7.77 48.06 -6.09
CA ASN A 253 -7.18 46.86 -6.68
C ASN A 253 -8.02 45.57 -6.61
N LEU A 254 -9.28 45.68 -6.17
CA LEU A 254 -10.17 44.52 -6.03
C LEU A 254 -10.72 44.10 -7.37
N ILE A 255 -10.59 42.82 -7.70
CA ILE A 255 -11.36 42.22 -8.79
C ILE A 255 -12.45 41.50 -8.04
N ALA A 256 -13.64 42.05 -8.06
CA ALA A 256 -14.69 41.64 -7.13
C ALA A 256 -15.47 40.46 -7.61
N PRO A 257 -16.01 39.66 -6.66
CA PRO A 257 -16.92 38.61 -7.04
C PRO A 257 -18.20 39.23 -7.53
N TRP A 258 -18.77 38.64 -8.59
CA TRP A 258 -20.04 39.06 -9.20
C TRP A 258 -21.02 37.88 -9.20
N TYR A 259 -20.70 36.86 -10.00
CA TYR A 259 -21.46 35.60 -10.01
C TYR A 259 -20.65 34.48 -9.32
N ALA A 260 -21.36 33.58 -8.65
CA ALA A 260 -20.82 32.42 -7.95
C ALA A 260 -21.73 31.20 -8.17
N TYR A 261 -21.37 30.08 -7.56
CA TYR A 261 -22.07 28.82 -7.76
C TYR A 261 -22.51 28.20 -6.45
N LYS A 262 -23.78 27.87 -6.36
CA LYS A 262 -24.29 26.99 -5.32
C LYS A 262 -23.87 25.62 -5.73
N PHE A 263 -23.11 24.97 -4.86
CA PHE A 263 -22.41 23.75 -5.21
C PHE A 263 -23.02 22.57 -4.49
N VAL A 264 -23.26 21.48 -5.20
CA VAL A 264 -23.84 20.30 -4.54
C VAL A 264 -22.90 19.10 -4.67
N SER A 265 -22.51 18.57 -3.51
CA SER A 265 -21.47 17.56 -3.43
C SER A 265 -22.03 16.19 -3.70
N THR A 266 -21.18 15.34 -4.26
CA THR A 266 -21.56 13.98 -4.60
C THR A 266 -21.24 13.12 -3.36
N ASN A 267 -22.17 12.24 -3.00
CA ASN A 267 -21.91 11.23 -1.96
C ASN A 267 -20.92 10.17 -2.47
N LYS A 268 -20.95 9.97 -3.79
CA LYS A 268 -20.01 9.14 -4.55
C LYS A 268 -18.53 9.63 -4.48
N LYS A 269 -17.71 9.14 -5.41
CA LYS A 269 -16.43 9.76 -5.79
C LYS A 269 -16.64 10.30 -7.21
N GLY A 270 -15.97 11.40 -7.54
CA GLY A 270 -16.11 11.99 -8.87
C GLY A 270 -14.83 11.90 -9.67
N ALA A 271 -14.91 12.25 -10.95
CA ALA A 271 -13.76 12.13 -11.84
C ALA A 271 -13.62 13.28 -12.81
N VAL A 272 -12.37 13.52 -13.21
CA VAL A 272 -12.01 14.50 -14.21
C VAL A 272 -11.12 13.78 -15.20
N PHE A 273 -11.62 13.54 -16.40
CA PHE A 273 -10.89 12.82 -17.41
C PHE A 273 -10.32 13.80 -18.43
N LYS A 274 -8.99 13.78 -18.58
CA LYS A 274 -8.30 14.52 -19.62
C LYS A 274 -8.16 13.64 -20.87
N SER A 275 -9.04 13.81 -21.87
CA SER A 275 -9.10 12.85 -23.00
C SER A 275 -9.64 13.46 -24.28
N ASP A 276 -9.22 12.85 -25.40
CA ASP A 276 -9.68 13.20 -26.75
C ASP A 276 -10.98 12.51 -27.17
N LEU A 277 -11.38 11.48 -26.42
CA LEU A 277 -12.39 10.52 -26.89
C LEU A 277 -13.80 11.10 -27.06
N PRO A 278 -14.57 10.58 -28.03
CA PRO A 278 -15.92 11.16 -28.23
C PRO A 278 -16.94 10.87 -27.11
N ILE A 279 -17.89 11.78 -26.91
CA ILE A 279 -19.00 11.53 -26.01
C ILE A 279 -20.22 11.19 -26.84
N GLU A 280 -20.82 10.03 -26.60
CA GLU A 280 -21.95 9.55 -27.41
C GLU A 280 -23.22 9.35 -26.55
N ASN A 281 -24.38 9.19 -27.18
CA ASN A 281 -25.59 8.94 -26.42
C ASN A 281 -25.71 7.45 -26.04
N CYS A 282 -24.95 7.02 -25.06
CA CYS A 282 -24.92 5.61 -24.66
C CYS A 282 -24.96 5.55 -23.15
N ASP A 283 -25.41 4.44 -22.59
CA ASP A 283 -25.38 4.26 -21.16
C ASP A 283 -24.22 3.32 -20.82
N ALA A 284 -23.79 3.33 -19.56
CA ALA A 284 -22.70 2.46 -19.11
C ALA A 284 -22.71 2.34 -17.61
N THR A 285 -22.14 1.26 -17.08
CA THR A 285 -21.98 1.14 -15.64
C THR A 285 -20.54 1.28 -15.20
N CYS A 286 -19.59 1.11 -16.14
CA CYS A 286 -18.15 1.33 -15.87
C CYS A 286 -17.48 2.16 -16.97
N GLN A 287 -16.93 3.32 -16.60
CA GLN A 287 -16.25 4.20 -17.54
C GLN A 287 -14.82 4.46 -17.12
N THR A 288 -13.86 4.02 -17.94
CA THR A 288 -12.45 4.30 -17.74
C THR A 288 -12.02 5.45 -18.65
N ILE A 289 -10.97 6.14 -18.23
CA ILE A 289 -10.36 7.23 -18.96
C ILE A 289 -10.13 6.86 -20.45
N THR A 290 -9.90 5.57 -20.75
CA THR A 290 -9.63 5.14 -22.12
C THR A 290 -10.81 4.40 -22.78
N GLY A 291 -11.94 4.24 -22.08
CA GLY A 291 -13.10 3.63 -22.67
C GLY A 291 -14.01 2.92 -21.70
N VAL A 292 -15.17 2.48 -22.19
CA VAL A 292 -16.14 1.83 -21.32
C VAL A 292 -15.84 0.34 -21.38
N LEU A 293 -15.95 -0.33 -20.24
CA LEU A 293 -15.94 -1.79 -20.21
C LEU A 293 -17.36 -2.28 -20.01
N ARG A 294 -17.86 -3.18 -20.85
CA ARG A 294 -19.12 -3.92 -20.53
C ARG A 294 -18.74 -5.38 -20.34
N THR A 295 -18.64 -5.82 -19.09
CA THR A 295 -18.09 -7.14 -18.82
C THR A 295 -18.58 -7.68 -17.48
N ASN A 296 -18.48 -9.00 -17.33
CA ASN A 296 -18.79 -9.63 -16.05
C ASN A 296 -17.50 -10.06 -15.37
N LYS A 297 -16.39 -9.94 -16.09
CA LYS A 297 -15.10 -10.47 -15.61
C LYS A 297 -14.61 -9.71 -14.40
N THR A 298 -13.76 -10.33 -13.59
CA THR A 298 -13.40 -9.73 -12.29
C THR A 298 -12.09 -8.99 -12.37
N PHE A 299 -11.34 -9.18 -13.46
CA PHE A 299 -10.14 -8.41 -13.69
C PHE A 299 -10.19 -7.62 -15.00
N GLN A 300 -9.34 -6.59 -15.14
CA GLN A 300 -9.17 -5.87 -16.41
C GLN A 300 -7.80 -5.24 -16.53
N ASN A 301 -7.28 -5.07 -17.74
CA ASN A 301 -6.00 -4.40 -17.97
C ASN A 301 -6.06 -3.17 -18.87
N VAL A 302 -7.24 -2.60 -18.94
CA VAL A 302 -7.48 -1.34 -19.62
C VAL A 302 -6.93 -0.09 -18.89
N SER A 303 -7.42 0.24 -17.72
CA SER A 303 -6.95 1.41 -17.00
C SER A 303 -7.22 1.36 -15.50
N PRO A 304 -6.35 1.98 -14.70
CA PRO A 304 -6.59 2.14 -13.26
C PRO A 304 -7.51 3.30 -12.91
N LEU A 305 -7.81 4.18 -13.86
CA LEU A 305 -8.68 5.34 -13.59
C LEU A 305 -10.10 5.14 -14.13
N TRP A 306 -11.10 5.27 -13.26
CA TRP A 306 -12.47 5.14 -13.72
C TRP A 306 -13.50 5.76 -12.77
N ILE A 307 -14.76 5.82 -13.23
CA ILE A 307 -15.93 5.88 -12.34
C ILE A 307 -16.90 4.77 -12.69
N GLY A 308 -17.85 4.56 -11.79
CA GLY A 308 -18.74 3.43 -11.86
C GLY A 308 -18.14 2.17 -11.24
N GLU A 309 -18.79 1.03 -11.52
CA GLU A 309 -18.43 -0.27 -10.97
C GLU A 309 -17.59 -1.04 -11.99
N CYS A 310 -16.27 -1.00 -11.82
CA CYS A 310 -15.35 -1.67 -12.71
C CYS A 310 -14.68 -2.85 -12.04
N PRO A 311 -14.12 -3.75 -12.83
CA PRO A 311 -13.19 -4.76 -12.31
C PRO A 311 -11.79 -4.26 -11.88
N LYS A 312 -11.17 -5.03 -11.01
CA LYS A 312 -9.85 -4.73 -10.50
C LYS A 312 -8.86 -4.64 -11.66
N TYR A 313 -8.06 -3.58 -11.65
CA TYR A 313 -7.02 -3.36 -12.67
C TYR A 313 -5.76 -4.14 -12.30
N VAL A 314 -5.19 -4.86 -13.25
CA VAL A 314 -3.92 -5.56 -13.08
C VAL A 314 -3.09 -5.46 -14.35
N LYS A 315 -1.80 -5.75 -14.26
CA LYS A 315 -0.92 -5.68 -15.42
C LYS A 315 -0.97 -6.90 -16.34
N SER A 316 -1.75 -7.91 -16.01
CA SER A 316 -1.69 -9.15 -16.78
C SER A 316 -2.30 -9.04 -18.16
N GLU A 317 -1.79 -9.86 -19.07
CA GLU A 317 -2.37 -9.99 -20.40
C GLU A 317 -3.54 -10.94 -20.31
N SER A 318 -3.45 -11.89 -19.39
CA SER A 318 -4.40 -12.99 -19.29
C SER A 318 -4.43 -13.60 -17.88
N LEU A 319 -5.60 -14.09 -17.46
CA LEU A 319 -5.69 -14.80 -16.22
C LEU A 319 -6.65 -15.97 -16.37
N ARG A 320 -6.19 -17.02 -17.03
CA ARG A 320 -7.02 -18.16 -17.38
C ARG A 320 -6.89 -19.27 -16.39
N LEU A 321 -8.01 -19.61 -15.76
CA LEU A 321 -8.09 -20.65 -14.74
C LEU A 321 -8.58 -21.95 -15.37
N ALA A 322 -7.83 -23.04 -15.22
CA ALA A 322 -8.31 -24.37 -15.63
C ALA A 322 -9.58 -24.77 -14.86
N THR A 323 -10.53 -25.35 -15.56
CA THR A 323 -11.69 -26.00 -14.91
C THR A 323 -11.74 -27.48 -15.24
N GLY A 324 -11.49 -27.82 -16.50
CA GLY A 324 -11.42 -29.21 -16.90
C GLY A 324 -10.01 -29.78 -16.71
N LEU A 325 -9.73 -30.84 -17.45
CA LEU A 325 -8.54 -31.61 -17.23
C LEU A 325 -7.63 -31.49 -18.42
N ARG A 326 -6.49 -32.15 -18.34
CA ARG A 326 -5.54 -32.15 -19.44
C ARG A 326 -6.18 -32.87 -20.63
N ASN A 327 -6.10 -32.27 -21.81
CA ASN A 327 -6.79 -32.78 -23.04
C ASN A 327 -5.81 -33.61 -23.84
N VAL A 328 -6.08 -34.89 -23.96
CA VAL A 328 -5.24 -35.81 -24.68
C VAL A 328 -6.12 -36.67 -25.62
N PRO A 329 -6.49 -36.15 -26.82
CA PRO A 329 -7.48 -36.79 -27.74
C PRO A 329 -6.97 -37.92 -28.66
N SER B 5 16.67 -65.54 -2.58
CA SER B 5 15.67 -64.98 -3.56
C SER B 5 15.99 -63.57 -4.11
N ASP B 6 15.82 -63.39 -5.40
CA ASP B 6 16.17 -62.15 -6.07
C ASP B 6 15.19 -60.99 -5.70
N LYS B 7 15.92 -59.71 -5.41
CA LYS B 7 15.05 -58.60 -4.86
C LYS B 7 15.26 -57.45 -5.88
N ILE B 8 14.01 -56.89 -6.27
CA ILE B 8 14.11 -55.51 -6.82
C ILE B 8 13.29 -54.59 -5.94
N CYS B 9 13.87 -53.46 -5.57
CA CYS B 9 13.22 -52.50 -4.66
C CYS B 9 13.11 -51.12 -5.27
N ILE B 10 12.10 -50.38 -4.81
CA ILE B 10 11.93 -49.01 -5.22
C ILE B 10 12.30 -48.11 -4.09
N GLY B 11 12.95 -47.00 -4.40
CA GLY B 11 13.41 -46.11 -3.35
C GLY B 11 13.82 -44.73 -3.82
N TYR B 12 14.48 -43.99 -2.94
CA TYR B 12 14.75 -42.59 -3.17
C TYR B 12 16.09 -42.18 -2.64
N HIS B 13 16.55 -41.03 -3.16
CA HIS B 13 17.91 -40.51 -2.93
C HIS B 13 18.14 -39.99 -1.52
N ALA B 14 19.36 -40.20 -1.03
CA ALA B 14 19.80 -39.57 0.22
C ALA B 14 21.22 -39.17 0.05
N ASN B 15 21.66 -38.25 0.88
CA ASN B 15 22.99 -37.70 0.78
C ASN B 15 23.38 -37.16 2.15
N ASN B 16 24.51 -36.47 2.22
CA ASN B 16 25.11 -35.98 3.47
C ASN B 16 24.69 -34.55 3.81
N SER B 17 23.65 -34.03 3.13
CA SER B 17 23.16 -32.69 3.39
C SER B 17 22.65 -32.55 4.81
N THR B 18 22.98 -31.39 5.40
CA THR B 18 22.43 -30.99 6.71
C THR B 18 21.64 -29.68 6.61
N THR B 19 21.42 -29.21 5.39
CA THR B 19 20.60 -28.03 5.15
C THR B 19 19.12 -28.32 5.34
N GLN B 20 18.43 -27.39 5.99
CA GLN B 20 17.04 -27.57 6.40
C GLN B 20 16.12 -26.53 5.82
N VAL B 21 14.84 -26.90 5.71
CA VAL B 21 13.79 -25.94 5.30
C VAL B 21 12.63 -26.08 6.24
N ASP B 22 11.77 -25.07 6.22
CA ASP B 22 10.52 -25.10 7.00
C ASP B 22 9.38 -25.32 6.04
N THR B 23 8.33 -25.97 6.54
CA THR B 23 7.06 -26.08 5.84
C THR B 23 5.95 -25.66 6.78
N LEU B 24 4.73 -25.50 6.29
CA LEU B 24 3.61 -25.25 7.19
C LEU B 24 3.47 -26.36 8.26
N LEU B 25 3.81 -27.58 7.91
CA LEU B 25 3.55 -28.74 8.76
C LEU B 25 4.70 -28.99 9.68
N GLU B 26 5.90 -28.61 9.30
CA GLU B 26 7.07 -29.06 10.03
C GLU B 26 8.28 -28.13 9.87
N LYS B 27 8.96 -27.87 10.97
CA LYS B 27 10.14 -27.02 10.97
C LYS B 27 11.38 -27.88 10.88
N ASN B 28 12.50 -27.27 10.50
CA ASN B 28 13.81 -27.94 10.44
C ASN B 28 13.76 -29.33 9.78
N VAL B 29 13.34 -29.36 8.52
CA VAL B 29 13.28 -30.60 7.78
C VAL B 29 14.52 -30.65 6.89
N THR B 30 15.34 -31.66 7.07
CA THR B 30 16.56 -31.77 6.29
C THR B 30 16.20 -32.24 4.87
N VAL B 31 16.68 -31.51 3.86
CA VAL B 31 16.42 -31.93 2.49
C VAL B 31 17.69 -32.10 1.66
N THR B 32 17.57 -32.89 0.60
CA THR B 32 18.74 -33.25 -0.17
C THR B 32 19.28 -32.10 -0.98
N HIS B 33 18.39 -31.23 -1.47
CA HIS B 33 18.77 -30.07 -2.29
C HIS B 33 17.85 -28.92 -2.00
N SER B 34 18.40 -27.70 -2.03
CA SER B 34 17.59 -26.54 -1.82
C SER B 34 18.21 -25.30 -2.42
N VAL B 35 17.45 -24.23 -2.53
CA VAL B 35 17.99 -23.00 -3.05
C VAL B 35 17.56 -21.88 -2.13
N GLU B 36 18.52 -21.03 -1.79
CA GLU B 36 18.32 -19.83 -0.98
C GLU B 36 17.97 -18.68 -1.93
N LEU B 37 16.86 -17.98 -1.64
CA LEU B 37 16.38 -16.91 -2.49
C LEU B 37 16.69 -15.48 -1.98
N LEU B 38 17.31 -15.39 -0.81
CA LEU B 38 17.51 -14.11 -0.16
C LEU B 38 18.97 -13.79 0.02
N GLU B 39 19.35 -12.56 -0.35
CA GLU B 39 20.73 -12.07 -0.20
C GLU B 39 20.88 -11.27 1.08
N ASN B 40 21.90 -11.55 1.87
CA ASN B 40 22.18 -10.72 3.07
C ASN B 40 23.59 -10.13 3.14
N GLN B 41 24.37 -10.30 2.07
CA GLN B 41 25.69 -9.72 1.95
C GLN B 41 25.69 -8.41 1.16
N LYS B 42 26.58 -7.50 1.57
CA LYS B 42 26.78 -6.19 0.92
C LYS B 42 28.24 -5.81 1.01
N GLU B 43 28.76 -5.10 0.01
CA GLU B 43 30.03 -4.41 0.14
C GLU B 43 29.73 -3.00 0.66
N LYS B 44 30.36 -2.62 1.78
CA LYS B 44 30.10 -1.35 2.49
C LYS B 44 30.86 -0.16 1.87
N ARG B 45 30.39 0.27 0.72
CA ARG B 45 31.04 1.30 -0.04
C ARG B 45 30.08 1.78 -1.11
N PHE B 46 30.41 2.88 -1.78
CA PHE B 46 29.61 3.40 -2.87
C PHE B 46 30.41 3.22 -4.15
N CYS B 47 29.75 2.74 -5.20
CA CYS B 47 30.38 2.50 -6.49
C CYS B 47 29.67 3.26 -7.60
N LYS B 48 30.26 3.24 -8.79
CA LYS B 48 29.65 3.83 -9.96
C LYS B 48 28.43 3.01 -10.36
N ILE B 49 27.46 3.67 -10.97
CA ILE B 49 26.25 3.07 -11.48
C ILE B 49 26.17 3.50 -12.93
N MET B 50 25.99 2.56 -13.86
CA MET B 50 25.88 2.87 -15.29
C MET B 50 27.13 3.62 -15.69
N ASN B 51 28.25 3.15 -15.15
CA ASN B 51 29.55 3.77 -15.34
C ASN B 51 29.73 5.22 -14.85
N LYS B 52 28.66 5.86 -14.35
CA LYS B 52 28.73 7.24 -13.84
C LYS B 52 29.04 7.30 -12.34
N ALA B 53 30.02 8.12 -11.97
CA ALA B 53 30.41 8.28 -10.58
C ALA B 53 29.34 9.05 -9.81
N PRO B 54 29.19 8.73 -8.52
CA PRO B 54 28.33 9.55 -7.68
C PRO B 54 29.05 10.86 -7.35
N LEU B 55 28.30 11.83 -6.85
CA LEU B 55 28.86 13.14 -6.47
C LEU B 55 29.05 13.25 -4.96
N ASP B 56 30.31 13.36 -4.54
CA ASP B 56 30.68 13.42 -3.14
C ASP B 56 30.71 14.88 -2.72
N LEU B 57 29.78 15.28 -1.86
CA LEU B 57 29.74 16.67 -1.44
C LEU B 57 30.73 16.95 -0.34
N LYS B 58 31.38 15.91 0.16
CA LYS B 58 32.48 16.00 1.13
C LYS B 58 32.10 16.80 2.36
N ASP B 59 32.61 18.02 2.50
CA ASP B 59 32.40 18.79 3.73
C ASP B 59 31.31 19.86 3.50
N CYS B 60 30.57 19.71 2.40
CA CYS B 60 29.48 20.60 2.07
C CYS B 60 28.13 19.87 2.12
N THR B 61 27.11 20.62 2.49
CA THR B 61 25.74 20.22 2.29
C THR B 61 25.23 20.63 0.88
N ILE B 62 24.06 20.11 0.52
CA ILE B 62 23.43 20.47 -0.74
C ILE B 62 23.28 21.99 -0.83
N GLU B 63 22.85 22.59 0.27
CA GLU B 63 22.67 24.04 0.35
C GLU B 63 23.96 24.77 0.05
N GLY B 64 25.04 24.39 0.74
CA GLY B 64 26.34 25.03 0.52
C GLY B 64 26.86 24.90 -0.89
N TRP B 65 26.72 23.70 -1.43
CA TRP B 65 27.08 23.42 -2.82
C TRP B 65 26.35 24.33 -3.78
N ILE B 66 25.01 24.32 -3.67
CA ILE B 66 24.17 24.88 -4.71
C ILE B 66 24.03 26.40 -4.60
N LEU B 67 24.30 26.95 -3.42
CA LEU B 67 24.36 28.41 -3.25
C LEU B 67 25.76 28.97 -3.59
N GLY B 68 26.79 28.12 -3.50
CA GLY B 68 28.18 28.54 -3.76
C GLY B 68 28.87 29.09 -2.52
N ASN B 69 28.65 28.46 -1.39
CA ASN B 69 29.42 28.79 -0.18
C ASN B 69 30.89 28.78 -0.57
N PRO B 70 31.64 29.84 -0.22
CA PRO B 70 33.02 29.99 -0.67
C PRO B 70 33.94 28.83 -0.27
N LYS B 71 33.61 28.09 0.79
CA LYS B 71 34.39 26.90 1.15
C LYS B 71 33.99 25.65 0.35
N CYS B 72 33.12 25.84 -0.65
CA CYS B 72 32.63 24.75 -1.46
C CYS B 72 33.13 24.92 -2.91
N ASP B 73 34.20 25.67 -3.07
CA ASP B 73 34.81 25.88 -4.39
C ASP B 73 35.24 24.62 -5.14
N LEU B 74 35.71 23.60 -4.44
CA LEU B 74 36.11 22.37 -5.11
C LEU B 74 34.95 21.74 -5.88
N LEU B 75 33.71 22.06 -5.52
CA LEU B 75 32.50 21.58 -6.23
C LEU B 75 32.03 22.51 -7.36
N LEU B 76 32.66 23.65 -7.51
CA LEU B 76 32.18 24.72 -8.38
C LEU B 76 32.25 24.32 -9.86
N GLY B 77 31.27 24.76 -10.64
CA GLY B 77 31.21 24.43 -12.07
C GLY B 77 30.25 23.29 -12.42
N ASP B 78 30.54 22.62 -13.52
CA ASP B 78 29.69 21.54 -14.03
C ASP B 78 29.84 20.29 -13.19
N GLN B 79 28.75 19.55 -13.03
CA GLN B 79 28.76 18.24 -12.40
C GLN B 79 27.83 17.29 -13.12
N SER B 80 28.25 16.01 -13.17
CA SER B 80 27.43 14.87 -13.63
C SER B 80 27.42 13.78 -12.58
N TRP B 81 26.28 13.16 -12.33
CA TRP B 81 26.22 12.20 -11.23
C TRP B 81 25.15 11.14 -11.38
N SER B 82 25.48 9.95 -10.90
CA SER B 82 24.58 8.81 -10.86
C SER B 82 23.72 8.88 -9.62
N TYR B 83 24.21 9.53 -8.59
CA TYR B 83 23.51 9.76 -7.32
C TYR B 83 24.39 10.65 -6.48
N ILE B 84 23.84 11.12 -5.37
CA ILE B 84 24.52 12.09 -4.55
C ILE B 84 24.78 11.55 -3.19
N VAL B 85 25.98 11.79 -2.69
CA VAL B 85 26.35 11.38 -1.34
C VAL B 85 26.60 12.61 -0.48
N GLU B 86 25.71 12.82 0.50
CA GLU B 86 25.86 13.89 1.47
C GLU B 86 26.32 13.31 2.78
N ARG B 87 27.46 13.80 3.27
CA ARG B 87 28.05 13.32 4.51
C ARG B 87 27.31 13.94 5.68
N PRO B 88 26.98 13.14 6.72
CA PRO B 88 26.04 13.60 7.74
C PRO B 88 26.60 14.73 8.66
N ASN B 89 27.92 14.88 8.75
CA ASN B 89 28.55 15.96 9.54
C ASN B 89 29.07 17.16 8.77
N ALA B 90 28.69 17.29 7.51
CA ALA B 90 29.18 18.36 6.66
C ALA B 90 28.90 19.73 7.29
N GLN B 91 29.94 20.56 7.31
CA GLN B 91 29.93 21.81 8.07
C GLN B 91 29.53 23.02 7.23
N ASN B 92 29.81 22.98 5.93
CA ASN B 92 29.68 24.13 5.09
C ASN B 92 28.37 24.13 4.32
N GLY B 93 27.38 24.86 4.85
CA GLY B 93 26.06 25.02 4.20
C GLY B 93 25.68 26.47 4.04
N ILE B 94 24.57 26.88 4.67
CA ILE B 94 24.18 28.30 4.73
C ILE B 94 25.08 29.01 5.73
N CYS B 95 25.95 29.90 5.25
CA CYS B 95 26.96 30.51 6.10
C CYS B 95 26.29 31.71 6.76
N TYR B 96 25.51 32.48 5.99
CA TYR B 96 24.84 33.68 6.52
C TYR B 96 23.41 33.31 6.90
N PRO B 97 23.08 33.45 8.19
CA PRO B 97 21.89 32.83 8.75
C PRO B 97 20.61 33.22 8.07
N GLY B 98 19.79 32.22 7.83
CA GLY B 98 18.48 32.39 7.24
C GLY B 98 17.94 31.08 6.71
N VAL B 99 16.73 31.16 6.20
CA VAL B 99 16.00 29.99 5.76
C VAL B 99 16.02 29.93 4.24
N LEU B 100 16.27 28.75 3.71
CA LEU B 100 16.11 28.53 2.30
C LEU B 100 14.69 28.02 2.14
N ASN B 101 13.84 28.85 1.54
CA ASN B 101 12.45 28.53 1.43
C ASN B 101 12.24 27.29 0.52
N GLU B 102 11.29 26.43 0.90
CA GLU B 102 10.98 25.19 0.18
C GLU B 102 12.21 24.31 -0.02
N LEU B 103 12.89 24.11 1.08
CA LEU B 103 14.14 23.38 1.07
C LEU B 103 13.95 21.94 0.69
N GLU B 104 12.88 21.32 1.18
CA GLU B 104 12.69 19.89 0.99
C GLU B 104 12.37 19.64 -0.46
N GLU B 105 11.61 20.56 -1.07
CA GLU B 105 11.23 20.45 -2.48
C GLU B 105 12.41 20.75 -3.41
N LEU B 106 13.35 21.57 -2.94
CA LEU B 106 14.67 21.74 -3.63
C LEU B 106 15.54 20.49 -3.56
N LYS B 107 15.69 19.89 -2.36
CA LYS B 107 16.49 18.67 -2.14
C LYS B 107 15.84 17.61 -3.10
N ALA B 108 14.52 17.62 -3.26
CA ALA B 108 13.88 16.61 -4.16
C ALA B 108 14.08 16.87 -5.64
N PHE B 109 14.04 18.14 -6.05
CA PHE B 109 14.29 18.51 -7.44
C PHE B 109 15.73 18.22 -7.87
N ILE B 110 16.68 18.57 -7.02
CA ILE B 110 18.06 18.33 -7.32
C ILE B 110 18.34 16.84 -7.48
N GLY B 111 17.82 16.03 -6.55
CA GLY B 111 17.92 14.57 -6.64
C GLY B 111 17.38 13.94 -7.93
N SER B 112 16.39 14.56 -8.56
CA SER B 112 15.80 14.07 -9.80
C SER B 112 16.64 14.40 -11.03
N GLY B 113 17.80 15.03 -10.85
CA GLY B 113 18.62 15.41 -12.00
C GLY B 113 19.82 14.52 -12.19
N GLU B 114 20.60 14.78 -13.24
CA GLU B 114 21.86 14.06 -13.48
C GLU B 114 23.06 14.93 -13.89
N ARG B 115 22.82 16.16 -14.33
CA ARG B 115 23.89 17.11 -14.60
C ARG B 115 23.40 18.52 -14.35
N VAL B 116 24.35 19.40 -14.04
CA VAL B 116 24.13 20.84 -14.03
C VAL B 116 25.28 21.48 -14.81
N GLU B 117 25.01 22.58 -15.52
CA GLU B 117 26.08 23.43 -16.07
C GLU B 117 25.97 24.83 -15.47
N ARG B 118 27.02 25.28 -14.80
CA ARG B 118 27.02 26.61 -14.17
C ARG B 118 27.33 27.70 -15.17
N PHE B 119 26.58 28.79 -15.12
CA PHE B 119 26.77 29.91 -16.06
C PHE B 119 26.31 31.26 -15.43
N GLU B 120 26.89 32.37 -15.89
CA GLU B 120 26.52 33.69 -15.43
C GLU B 120 25.15 34.06 -16.02
N MET B 121 24.15 34.16 -15.17
CA MET B 121 22.79 34.46 -15.61
C MET B 121 22.57 35.96 -15.65
N PHE B 122 23.05 36.65 -14.60
CA PHE B 122 23.05 38.12 -14.55
C PHE B 122 24.45 38.61 -14.24
N PRO B 123 25.11 39.23 -15.21
CA PRO B 123 26.38 39.84 -14.82
C PRO B 123 26.16 41.04 -13.91
N LYS B 124 27.18 41.35 -13.12
CA LYS B 124 27.13 42.45 -12.16
C LYS B 124 26.77 43.81 -12.82
N SER B 125 27.21 44.01 -14.04
CA SER B 125 26.88 45.24 -14.77
C SER B 125 25.37 45.40 -15.04
N THR B 126 24.60 44.31 -14.94
CA THR B 126 23.13 44.35 -15.03
C THR B 126 22.54 45.41 -14.12
N TRP B 127 23.16 45.63 -12.97
CA TRP B 127 22.54 46.45 -11.94
C TRP B 127 23.16 47.85 -11.93
N ALA B 128 22.38 48.81 -12.41
CA ALA B 128 22.86 50.19 -12.66
C ALA B 128 22.73 51.08 -11.43
N GLY B 129 23.81 51.76 -11.10
CA GLY B 129 23.81 52.82 -10.07
C GLY B 129 24.00 52.32 -8.66
N VAL B 130 24.53 51.11 -8.53
CA VAL B 130 24.75 50.49 -7.24
C VAL B 130 26.13 49.88 -7.18
N ASP B 131 26.57 49.57 -5.98
CA ASP B 131 27.82 48.88 -5.73
C ASP B 131 27.62 47.36 -5.68
N THR B 132 28.29 46.66 -6.60
CA THR B 132 28.22 45.22 -6.66
C THR B 132 29.50 44.55 -6.15
N SER B 133 30.45 45.33 -5.62
CA SER B 133 31.81 44.83 -5.35
C SER B 133 32.21 44.77 -3.88
N ARG B 134 31.40 45.37 -3.01
CA ARG B 134 31.43 45.01 -1.59
C ARG B 134 30.23 44.08 -1.58
N GLY B 135 29.91 43.47 -0.46
CA GLY B 135 28.78 42.55 -0.47
C GLY B 135 29.25 41.23 0.03
N VAL B 136 29.87 41.35 1.19
CA VAL B 136 30.81 40.39 1.66
C VAL B 136 30.65 40.38 3.19
N THR B 137 31.02 39.29 3.84
CA THR B 137 30.75 39.18 5.27
C THR B 137 31.54 38.11 5.95
N ASN B 138 31.99 38.45 7.15
CA ASN B 138 32.77 37.55 8.00
C ASN B 138 32.00 36.28 8.46
N ALA B 139 30.70 36.26 8.28
CA ALA B 139 29.93 35.03 8.55
C ALA B 139 30.19 33.96 7.50
N CYS B 140 31.03 34.26 6.52
CA CYS B 140 30.93 33.57 5.27
C CYS B 140 32.28 33.64 4.46
N PRO B 141 33.37 33.13 5.08
CA PRO B 141 34.73 33.22 4.60
C PRO B 141 35.18 32.12 3.63
N SER B 142 36.21 32.37 2.82
CA SER B 142 36.97 31.31 2.13
C SER B 142 38.00 30.65 3.06
N TYR B 143 38.85 29.82 2.47
CA TYR B 143 40.01 29.32 3.17
C TYR B 143 41.10 30.40 3.23
N THR B 144 41.05 31.39 2.34
CA THR B 144 42.04 32.49 2.30
C THR B 144 41.57 33.90 2.70
N ILE B 145 40.34 34.27 2.35
CA ILE B 145 39.79 35.59 2.64
C ILE B 145 38.78 35.36 3.73
N ASP B 146 38.90 35.99 4.88
CA ASP B 146 37.96 35.61 5.93
C ASP B 146 36.65 36.49 5.97
N SER B 147 36.44 37.23 4.90
CA SER B 147 35.18 37.91 4.69
C SER B 147 34.76 37.84 3.19
N SER B 148 33.78 37.00 2.86
CA SER B 148 33.46 36.66 1.44
C SER B 148 31.94 36.53 1.26
N PHE B 149 31.50 35.86 0.20
CA PHE B 149 30.07 35.61 -0.01
C PHE B 149 29.83 34.51 -1.01
N TYR B 150 28.62 33.97 -1.01
CA TYR B 150 28.20 32.91 -1.91
C TYR B 150 28.56 33.28 -3.32
N ARG B 151 29.07 32.31 -4.06
CA ARG B 151 29.56 32.52 -5.37
C ARG B 151 28.42 32.63 -6.39
N ASN B 152 27.22 32.18 -6.05
CA ASN B 152 26.10 32.31 -6.99
C ASN B 152 25.16 33.49 -6.70
N LEU B 153 25.53 34.38 -5.79
CA LEU B 153 24.68 35.51 -5.44
C LEU B 153 25.49 36.77 -5.29
N VAL B 154 24.88 37.93 -5.53
CA VAL B 154 25.53 39.22 -5.24
C VAL B 154 24.73 40.01 -4.25
N TRP B 155 25.38 40.39 -3.17
CA TRP B 155 24.80 41.28 -2.14
C TRP B 155 25.05 42.70 -2.62
N ILE B 156 24.03 43.29 -3.23
CA ILE B 156 24.11 44.66 -3.73
C ILE B 156 23.85 45.68 -2.61
N VAL B 157 24.74 46.66 -2.48
CA VAL B 157 24.55 47.82 -1.60
C VAL B 157 24.65 49.11 -2.41
N LYS B 158 24.14 50.21 -1.86
CA LYS B 158 24.19 51.51 -2.57
C LYS B 158 25.60 52.08 -2.55
N THR B 159 25.87 53.00 -3.48
CA THR B 159 27.17 53.70 -3.54
C THR B 159 27.23 54.78 -2.43
N ASP B 160 28.43 55.08 -1.92
CA ASP B 160 28.62 56.05 -0.79
C ASP B 160 27.86 57.33 -1.03
N SER B 161 28.21 57.96 -2.13
CA SER B 161 27.56 59.17 -2.63
C SER B 161 26.01 59.16 -2.44
N ALA B 162 25.35 58.15 -2.99
CA ALA B 162 24.01 58.33 -3.53
C ALA B 162 22.86 57.59 -2.83
N THR B 163 21.75 57.60 -3.56
CA THR B 163 20.52 56.87 -3.27
C THR B 163 20.66 55.46 -3.90
N TYR B 164 19.96 54.48 -3.36
CA TYR B 164 19.80 53.18 -4.03
C TYR B 164 18.67 53.34 -5.06
N PRO B 165 19.02 53.38 -6.37
CA PRO B 165 17.99 53.59 -7.40
C PRO B 165 17.19 52.33 -7.67
N VAL B 166 16.16 52.44 -8.47
CA VAL B 166 15.47 51.26 -8.92
C VAL B 166 16.40 50.55 -9.87
N ILE B 167 16.64 49.27 -9.62
CA ILE B 167 17.48 48.47 -10.50
C ILE B 167 16.64 47.38 -11.16
N LYS B 168 17.01 47.01 -12.38
CA LYS B 168 16.24 46.08 -13.20
C LYS B 168 17.17 45.11 -13.92
N GLY B 169 16.61 43.95 -14.24
CA GLY B 169 17.35 42.94 -15.00
C GLY B 169 16.37 41.96 -15.60
N THR B 170 16.75 41.44 -16.76
CA THR B 170 15.90 40.50 -17.48
C THR B 170 16.79 39.36 -18.07
N TYR B 171 16.28 38.14 -18.09
CA TYR B 171 16.99 37.00 -18.73
C TYR B 171 15.93 36.15 -19.43
N ASN B 172 16.09 35.99 -20.75
CA ASN B 172 15.23 35.17 -21.61
C ASN B 172 15.92 33.83 -21.75
N ASN B 173 15.29 32.78 -21.23
CA ASN B 173 15.84 31.41 -21.38
C ASN B 173 15.55 30.85 -22.75
N THR B 174 16.47 31.14 -23.67
CA THR B 174 16.38 30.71 -25.07
C THR B 174 16.96 29.30 -25.32
N GLY B 175 17.46 28.63 -24.28
CA GLY B 175 17.98 27.26 -24.40
C GLY B 175 16.90 26.17 -24.39
N THR B 176 17.33 24.90 -24.43
CA THR B 176 16.43 23.75 -24.34
C THR B 176 16.27 23.19 -22.91
N GLN B 177 17.06 23.71 -21.97
CA GLN B 177 17.14 23.15 -20.63
C GLN B 177 16.56 24.12 -19.65
N PRO B 178 15.89 23.60 -18.62
CA PRO B 178 15.43 24.45 -17.52
C PRO B 178 16.59 24.92 -16.68
N ILE B 179 16.42 26.08 -16.06
CA ILE B 179 17.46 26.70 -15.26
C ILE B 179 17.06 26.80 -13.80
N LEU B 180 17.93 26.32 -12.95
CA LEU B 180 17.73 26.40 -11.52
C LEU B 180 18.49 27.63 -11.04
N TYR B 181 17.79 28.53 -10.36
CA TYR B 181 18.46 29.75 -9.91
C TYR B 181 17.98 30.20 -8.54
N PHE B 182 18.69 31.18 -7.99
CA PHE B 182 18.60 31.56 -6.59
C PHE B 182 18.64 33.09 -6.36
N TRP B 183 17.94 33.52 -5.32
CA TRP B 183 18.01 34.88 -4.85
C TRP B 183 17.67 34.95 -3.40
N GLY B 184 17.75 36.16 -2.84
CA GLY B 184 17.39 36.36 -1.47
C GLY B 184 16.91 37.76 -1.20
N VAL B 185 16.53 37.99 0.04
CA VAL B 185 16.14 39.30 0.53
C VAL B 185 16.81 39.49 1.85
N HIS B 186 17.50 40.62 2.03
CA HIS B 186 18.19 40.89 3.28
C HIS B 186 17.24 41.50 4.33
N HIS B 187 17.28 40.98 5.56
CA HIS B 187 16.50 41.51 6.68
C HIS B 187 17.41 42.04 7.80
N PRO B 188 17.78 43.31 7.75
CA PRO B 188 18.72 43.84 8.75
C PRO B 188 18.20 43.82 10.16
N LEU B 189 19.11 43.80 11.12
CA LEU B 189 18.75 43.74 12.52
C LEU B 189 18.10 45.02 13.04
N ASP B 190 18.45 46.16 12.44
CA ASP B 190 17.90 47.44 12.90
C ASP B 190 17.87 48.47 11.78
N THR B 191 17.30 49.63 12.09
CA THR B 191 17.16 50.70 11.11
C THR B 191 18.46 51.34 10.60
N THR B 192 19.46 51.47 11.48
CA THR B 192 20.74 52.10 11.12
C THR B 192 21.42 51.41 9.92
N VAL B 193 21.50 50.08 10.02
CA VAL B 193 22.06 49.22 8.98
C VAL B 193 21.21 49.25 7.71
N GLN B 194 19.89 49.24 7.87
CA GLN B 194 19.02 49.46 6.74
C GLN B 194 19.42 50.74 5.99
N ASP B 195 19.62 51.84 6.73
CA ASP B 195 19.90 53.11 6.09
C ASP B 195 21.29 53.15 5.50
N ASN B 196 22.28 52.65 6.22
CA ASN B 196 23.64 52.48 5.68
C ASN B 196 23.69 51.82 4.31
N LEU B 197 23.05 50.65 4.22
CA LEU B 197 23.19 49.77 3.06
C LEU B 197 22.32 50.18 1.88
N TYR B 198 21.08 50.58 2.16
CA TYR B 198 20.07 50.75 1.13
C TYR B 198 19.40 52.13 1.09
N GLY B 199 19.71 52.99 2.06
CA GLY B 199 18.99 54.25 2.22
C GLY B 199 17.66 54.07 2.92
N SER B 200 16.95 55.18 3.11
CA SER B 200 15.65 55.16 3.79
C SER B 200 14.59 54.98 2.73
N GLY B 201 13.35 54.73 3.17
CA GLY B 201 12.22 54.53 2.26
C GLY B 201 11.73 53.09 2.25
N ASP B 202 10.45 52.90 1.94
CA ASP B 202 9.85 51.56 1.80
C ASP B 202 10.58 50.83 0.66
N LYS B 203 11.13 49.64 0.95
CA LYS B 203 11.91 48.86 -0.03
C LYS B 203 11.21 47.59 -0.48
N TYR B 204 11.56 47.13 -1.68
CA TYR B 204 10.95 45.93 -2.23
C TYR B 204 11.92 45.15 -3.12
N VAL B 205 11.63 43.85 -3.24
CA VAL B 205 12.19 42.97 -4.25
C VAL B 205 11.00 42.35 -4.94
N ARG B 206 10.92 42.50 -6.26
CA ARG B 206 9.88 41.81 -7.00
C ARG B 206 10.51 41.07 -8.16
N MET B 207 9.97 39.90 -8.45
CA MET B 207 10.45 39.07 -9.55
C MET B 207 9.26 38.44 -10.25
N GLY B 208 9.47 38.05 -11.50
CA GLY B 208 8.37 37.50 -12.26
C GLY B 208 8.74 36.84 -13.56
N THR B 209 7.78 36.07 -14.05
CA THR B 209 7.98 35.09 -15.07
C THR B 209 6.60 34.95 -15.69
N GLU B 210 6.49 34.31 -16.84
CA GLU B 210 5.18 34.08 -17.44
C GLU B 210 4.23 33.28 -16.50
N SER B 211 4.81 32.53 -15.56
CA SER B 211 4.06 31.69 -14.63
C SER B 211 4.35 31.84 -13.13
N MET B 212 5.25 32.72 -12.71
CA MET B 212 5.37 33.00 -11.27
C MET B 212 5.58 34.46 -10.99
N ASN B 213 5.12 34.91 -9.83
CA ASN B 213 5.51 36.22 -9.28
C ASN B 213 5.88 36.17 -7.81
N PHE B 214 6.68 37.14 -7.38
CA PHE B 214 7.29 37.16 -6.07
C PHE B 214 7.43 38.59 -5.69
N ALA B 215 7.14 38.89 -4.43
CA ALA B 215 7.26 40.23 -3.90
C ALA B 215 7.51 40.18 -2.41
N LYS B 216 8.63 40.69 -1.96
CA LYS B 216 8.89 40.73 -0.54
C LYS B 216 9.46 42.05 -0.10
N SER B 217 9.18 42.38 1.15
CA SER B 217 9.65 43.60 1.75
C SER B 217 10.48 43.32 3.00
N PRO B 218 11.48 44.16 3.27
CA PRO B 218 12.35 43.84 4.39
C PRO B 218 11.65 43.92 5.74
N GLU B 219 12.08 43.09 6.67
CA GLU B 219 11.43 42.91 7.94
C GLU B 219 12.55 43.14 8.91
N ILE B 220 12.64 44.36 9.40
CA ILE B 220 13.78 44.75 10.17
C ILE B 220 13.61 44.37 11.61
N ALA B 221 14.58 43.64 12.17
CA ALA B 221 14.47 43.09 13.53
C ALA B 221 15.73 42.38 13.92
N ALA B 222 16.09 42.49 15.19
CA ALA B 222 17.21 41.74 15.73
C ALA B 222 16.78 40.33 16.13
N ARG B 223 17.43 39.34 15.53
CA ARG B 223 17.19 37.93 15.84
C ARG B 223 18.46 37.35 16.44
N PRO B 224 18.36 36.18 17.09
CA PRO B 224 19.53 35.68 17.80
C PRO B 224 20.76 35.48 16.92
N ALA B 225 21.92 35.77 17.48
CA ALA B 225 23.18 35.70 16.75
C ALA B 225 23.52 34.30 16.25
N VAL B 226 23.83 34.21 14.96
CA VAL B 226 24.27 32.96 14.34
C VAL B 226 25.44 33.33 13.46
N ASN B 227 26.61 32.70 13.70
CA ASN B 227 27.89 33.11 13.05
C ASN B 227 28.07 34.62 13.09
N GLY B 228 27.83 35.22 14.27
CA GLY B 228 27.97 36.66 14.48
C GLY B 228 26.91 37.58 13.88
N GLN B 229 25.82 37.02 13.36
CA GLN B 229 24.83 37.86 12.65
C GLN B 229 23.45 37.79 13.31
N ARG B 230 22.94 38.98 13.64
CA ARG B 230 21.59 39.15 14.15
C ARG B 230 20.63 39.62 13.03
N SER B 231 21.17 39.88 11.86
CA SER B 231 20.35 40.03 10.68
C SER B 231 20.06 38.64 10.08
N ARG B 232 19.24 38.61 9.02
CA ARG B 232 19.01 37.37 8.30
C ARG B 232 18.90 37.64 6.80
N ILE B 233 19.00 36.55 6.04
CA ILE B 233 18.60 36.54 4.66
C ILE B 233 17.59 35.43 4.46
N ASP B 234 16.49 35.73 3.78
CA ASP B 234 15.59 34.71 3.33
C ASP B 234 16.06 34.29 1.93
N TYR B 235 16.43 33.03 1.77
CA TYR B 235 16.86 32.55 0.48
C TYR B 235 15.66 31.96 -0.28
N TYR B 236 15.68 32.08 -1.60
CA TYR B 236 14.63 31.56 -2.47
C TYR B 236 15.28 30.88 -3.69
N TRP B 237 14.54 29.97 -4.33
CA TRP B 237 14.99 29.29 -5.52
C TRP B 237 13.82 29.12 -6.46
N SER B 238 14.12 28.95 -7.74
CA SER B 238 13.09 28.62 -8.71
C SER B 238 13.68 28.02 -9.95
N VAL B 239 12.79 27.68 -10.88
CA VAL B 239 13.16 27.04 -12.14
C VAL B 239 12.53 27.77 -13.33
N LEU B 240 13.37 28.47 -14.07
CA LEU B 240 12.96 29.16 -15.25
C LEU B 240 12.91 28.14 -16.34
N ARG B 241 11.71 27.89 -16.84
CA ARG B 241 11.49 26.84 -17.85
C ARG B 241 11.93 27.30 -19.23
N PRO B 242 12.17 26.35 -20.16
CA PRO B 242 12.63 26.75 -21.50
C PRO B 242 11.60 27.63 -22.18
N GLY B 243 12.02 28.77 -22.73
CA GLY B 243 11.10 29.72 -23.33
C GLY B 243 10.63 30.85 -22.42
N GLU B 244 10.67 30.63 -21.11
CA GLU B 244 10.29 31.66 -20.12
C GLU B 244 11.38 32.73 -19.94
N THR B 245 10.94 33.90 -19.49
CA THR B 245 11.82 35.05 -19.22
C THR B 245 11.63 35.47 -17.78
N LEU B 246 12.73 35.91 -17.14
CA LEU B 246 12.69 36.43 -15.77
C LEU B 246 12.96 37.94 -15.73
N ASN B 247 12.08 38.69 -15.06
CA ASN B 247 12.29 40.13 -14.77
C ASN B 247 12.48 40.30 -13.29
N VAL B 248 13.55 41.01 -12.94
CA VAL B 248 13.88 41.35 -11.59
C VAL B 248 13.78 42.86 -11.41
N GLU B 249 13.14 43.27 -10.35
CA GLU B 249 13.02 44.68 -10.04
C GLU B 249 13.19 44.87 -8.53
N SER B 250 14.08 45.77 -8.13
CA SER B 250 14.26 46.12 -6.73
C SER B 250 14.76 47.55 -6.49
N ASN B 251 14.39 48.14 -5.36
CA ASN B 251 14.99 49.43 -4.96
C ASN B 251 15.80 49.32 -3.66
N GLY B 252 16.19 48.08 -3.30
CA GLY B 252 16.81 47.79 -2.01
C GLY B 252 16.59 46.37 -1.48
N ASN B 253 17.59 45.90 -0.73
CA ASN B 253 17.55 44.62 -0.01
C ASN B 253 17.66 43.32 -0.85
N LEU B 254 17.93 43.47 -2.15
CA LEU B 254 18.04 42.33 -3.05
C LEU B 254 19.38 41.66 -2.88
N ILE B 255 19.36 40.34 -2.69
CA ILE B 255 20.54 39.53 -2.88
C ILE B 255 20.32 38.92 -4.25
N ALA B 256 21.04 39.42 -5.25
CA ALA B 256 20.68 39.15 -6.62
C ALA B 256 21.24 37.84 -7.13
N PRO B 257 20.53 37.19 -8.06
CA PRO B 257 21.11 36.08 -8.75
C PRO B 257 22.29 36.53 -9.60
N TRP B 258 23.35 35.72 -9.63
CA TRP B 258 24.56 35.97 -10.43
C TRP B 258 24.82 34.78 -11.34
N TYR B 259 25.16 33.65 -10.73
CA TYR B 259 25.32 32.39 -11.46
C TYR B 259 24.15 31.45 -11.15
N ALA B 260 23.77 30.67 -12.16
CA ALA B 260 22.71 29.67 -12.07
C ALA B 260 23.11 28.39 -12.82
N TYR B 261 22.21 27.41 -12.85
CA TYR B 261 22.51 26.10 -13.42
C TYR B 261 21.50 25.73 -14.49
N LYS B 262 22.00 25.39 -15.66
CA LYS B 262 21.20 24.66 -16.63
C LYS B 262 21.09 23.25 -16.11
N PHE B 263 19.87 22.79 -15.90
CA PHE B 263 19.60 21.57 -15.18
C PHE B 263 19.07 20.52 -16.13
N VAL B 264 19.59 19.31 -16.04
CA VAL B 264 19.10 18.25 -16.95
C VAL B 264 18.53 17.08 -16.14
N SER B 265 17.26 16.80 -16.42
CA SER B 265 16.50 15.87 -15.62
C SER B 265 16.75 14.45 -16.04
N THR B 266 16.65 13.56 -15.06
CA THR B 266 16.87 12.15 -15.30
C THR B 266 15.49 11.57 -15.67
N ASN B 267 15.46 10.73 -16.70
CA ASN B 267 14.25 9.96 -17.02
C ASN B 267 14.02 8.84 -15.97
N LYS B 268 15.15 8.39 -15.39
CA LYS B 268 15.20 7.45 -14.26
C LYS B 268 14.50 8.00 -12.96
N LYS B 269 14.82 7.39 -11.83
CA LYS B 269 14.63 7.98 -10.50
C LYS B 269 16.04 8.24 -9.95
N GLY B 270 16.21 9.28 -9.15
CA GLY B 270 17.52 9.63 -8.58
C GLY B 270 17.55 9.48 -7.09
N ALA B 271 18.73 9.62 -6.49
CA ALA B 271 18.89 9.36 -5.06
C ALA B 271 19.90 10.32 -4.38
N VAL B 272 19.68 10.54 -3.10
CA VAL B 272 20.52 11.35 -2.25
C VAL B 272 20.77 10.51 -1.01
N PHE B 273 22.01 10.03 -0.86
CA PHE B 273 22.34 9.16 0.23
C PHE B 273 23.10 9.94 1.28
N LYS B 274 22.57 9.96 2.50
CA LYS B 274 23.23 10.56 3.64
C LYS B 274 24.04 9.50 4.34
N SER B 275 25.35 9.44 4.07
CA SER B 275 26.14 8.31 4.52
C SER B 275 27.60 8.65 4.72
N ASP B 276 28.23 7.88 5.60
CA ASP B 276 29.67 7.96 5.95
C ASP B 276 30.55 7.14 5.02
N LEU B 277 29.92 6.25 4.26
CA LEU B 277 30.65 5.17 3.57
C LEU B 277 31.62 5.65 2.48
N PRO B 278 32.72 4.96 2.28
CA PRO B 278 33.68 5.42 1.26
C PRO B 278 33.19 5.30 -0.18
N ILE B 279 33.68 6.18 -1.07
CA ILE B 279 33.45 6.04 -2.51
C ILE B 279 34.70 5.51 -3.16
N GLU B 280 34.60 4.37 -3.84
CA GLU B 280 35.77 3.70 -4.41
C GLU B 280 35.67 3.58 -5.93
N ASN B 281 36.77 3.24 -6.60
CA ASN B 281 36.69 3.05 -8.04
C ASN B 281 36.17 1.65 -8.35
N CYS B 282 34.86 1.46 -8.28
CA CYS B 282 34.24 0.18 -8.58
C CYS B 282 32.98 0.41 -9.39
N ASP B 283 32.55 -0.60 -10.14
CA ASP B 283 31.28 -0.52 -10.85
C ASP B 283 30.27 -1.31 -10.08
N ALA B 284 28.99 -1.08 -10.35
CA ALA B 284 27.90 -1.82 -9.68
C ALA B 284 26.63 -1.62 -10.46
N THR B 285 25.69 -2.56 -10.30
CA THR B 285 24.37 -2.39 -10.90
C THR B 285 23.33 -2.09 -9.88
N CYS B 286 23.61 -2.41 -8.60
CA CYS B 286 22.67 -2.11 -7.49
C CYS B 286 23.40 -1.49 -6.31
N GLN B 287 22.98 -0.28 -5.93
CA GLN B 287 23.59 0.45 -4.81
C GLN B 287 22.55 0.80 -3.79
N THR B 288 22.69 0.27 -2.58
CA THR B 288 21.86 0.64 -1.44
C THR B 288 22.60 1.65 -0.53
N ILE B 289 21.83 2.44 0.19
CA ILE B 289 22.33 3.39 1.16
C ILE B 289 23.40 2.78 2.07
N THR B 290 23.33 1.48 2.34
CA THR B 290 24.27 0.82 3.26
C THR B 290 25.29 -0.06 2.56
N GLY B 291 25.23 -0.15 1.23
CA GLY B 291 26.23 -0.89 0.47
C GLY B 291 25.75 -1.41 -0.86
N VAL B 292 26.68 -1.98 -1.62
CA VAL B 292 26.32 -2.52 -2.94
C VAL B 292 25.97 -3.99 -2.73
N LEU B 293 24.94 -4.46 -3.46
CA LEU B 293 24.68 -5.88 -3.55
C LEU B 293 25.16 -6.36 -4.91
N ARG B 294 25.98 -7.42 -4.96
CA ARG B 294 26.23 -8.13 -6.25
C ARG B 294 25.64 -9.52 -6.13
N THR B 295 24.49 -9.72 -6.74
CA THR B 295 23.78 -10.94 -6.48
C THR B 295 22.84 -11.27 -7.64
N ASN B 296 22.46 -12.54 -7.73
CA ASN B 296 21.43 -12.96 -8.66
C ASN B 296 20.12 -13.25 -7.92
N LYS B 297 20.17 -13.22 -6.58
CA LYS B 297 19.03 -13.57 -5.74
C LYS B 297 17.87 -12.58 -5.89
N THR B 298 16.65 -13.03 -5.62
CA THR B 298 15.48 -12.20 -5.94
C THR B 298 14.97 -11.46 -4.73
N PHE B 299 15.47 -11.82 -3.55
CA PHE B 299 15.16 -11.06 -2.33
C PHE B 299 16.43 -10.52 -1.66
N GLN B 300 16.28 -9.50 -0.80
CA GLN B 300 17.40 -8.99 0.03
C GLN B 300 16.91 -8.33 1.29
N ASN B 301 17.70 -8.39 2.36
CA ASN B 301 17.32 -7.77 3.64
C ASN B 301 18.31 -6.71 4.13
N VAL B 302 19.07 -6.19 3.20
CA VAL B 302 19.98 -5.06 3.45
C VAL B 302 19.31 -3.69 3.64
N SER B 303 18.63 -3.16 2.61
CA SER B 303 17.99 -1.86 2.71
C SER B 303 16.85 -1.67 1.72
N PRO B 304 15.81 -0.93 2.14
CA PRO B 304 14.77 -0.52 1.20
C PRO B 304 15.14 0.66 0.28
N LEU B 305 16.24 1.36 0.56
CA LEU B 305 16.65 2.52 -0.25
C LEU B 305 17.77 2.17 -1.19
N TRP B 306 17.57 2.40 -2.48
CA TRP B 306 18.62 2.16 -3.44
C TRP B 306 18.43 2.89 -4.76
N ILE B 307 19.46 2.83 -5.61
CA ILE B 307 19.30 3.01 -7.07
C ILE B 307 19.91 1.84 -7.80
N GLY B 308 19.58 1.76 -9.08
CA GLY B 308 19.91 0.61 -9.89
C GLY B 308 18.85 -0.48 -9.79
N GLU B 309 19.22 -1.65 -10.27
CA GLU B 309 18.35 -2.80 -10.33
C GLU B 309 18.65 -3.72 -9.16
N CYS B 310 17.86 -3.63 -8.11
CA CYS B 310 18.08 -4.41 -6.89
C CYS B 310 16.99 -5.44 -6.70
N PRO B 311 17.21 -6.41 -5.81
CA PRO B 311 16.18 -7.31 -5.39
C PRO B 311 15.18 -6.67 -4.41
N LYS B 312 13.98 -7.26 -4.38
CA LYS B 312 12.94 -6.86 -3.48
C LYS B 312 13.42 -6.95 -2.01
N TYR B 313 13.17 -5.89 -1.23
CA TYR B 313 13.55 -5.82 0.17
C TYR B 313 12.47 -6.51 1.00
N VAL B 314 12.89 -7.37 1.92
CA VAL B 314 11.95 -8.01 2.87
C VAL B 314 12.61 -8.12 4.21
N LYS B 315 11.83 -8.37 5.24
CA LYS B 315 12.38 -8.48 6.59
C LYS B 315 12.93 -9.85 6.94
N SER B 316 12.90 -10.81 6.04
CA SER B 316 13.31 -12.15 6.41
C SER B 316 14.81 -12.29 6.64
N GLU B 317 15.19 -13.24 7.47
CA GLU B 317 16.58 -13.65 7.60
C GLU B 317 16.95 -14.62 6.48
N SER B 318 15.99 -15.43 6.05
CA SER B 318 16.22 -16.50 5.10
C SER B 318 14.97 -16.87 4.33
N LEU B 319 15.13 -17.26 3.07
CA LEU B 319 13.98 -17.72 2.28
C LEU B 319 14.40 -18.91 1.44
N ARG B 320 14.56 -20.03 2.10
CA ARG B 320 15.10 -21.23 1.46
C ARG B 320 13.99 -22.15 0.95
N LEU B 321 14.00 -22.39 -0.34
CA LEU B 321 13.02 -23.23 -1.00
C LEU B 321 13.58 -24.63 -1.20
N ALA B 322 12.86 -25.66 -0.73
CA ALA B 322 13.22 -27.05 -1.04
C ALA B 322 13.19 -27.32 -2.55
N THR B 323 14.21 -28.03 -3.05
CA THR B 323 14.16 -28.58 -4.41
C THR B 323 14.20 -30.10 -4.41
N GLY B 324 15.05 -30.67 -3.57
CA GLY B 324 15.08 -32.12 -3.38
C GLY B 324 14.07 -32.59 -2.35
N LEU B 325 14.31 -33.78 -1.84
CA LEU B 325 13.34 -34.43 -0.99
C LEU B 325 13.86 -34.49 0.44
N ARG B 326 13.06 -35.07 1.34
CA ARG B 326 13.49 -35.25 2.70
C ARG B 326 14.66 -36.23 2.74
N ASN B 327 15.70 -35.86 3.48
CA ASN B 327 16.96 -36.63 3.53
C ASN B 327 16.86 -37.56 4.72
N VAL B 328 16.89 -38.87 4.46
CA VAL B 328 16.85 -39.89 5.50
C VAL B 328 17.93 -40.94 5.17
N PRO B 329 19.21 -40.69 5.55
CA PRO B 329 20.36 -41.56 5.14
C PRO B 329 20.58 -42.86 5.93
N SER C 5 -16.26 -65.18 11.96
CA SER C 5 -14.96 -64.61 11.44
C SER C 5 -14.52 -63.27 12.04
N ASP C 6 -13.23 -63.18 12.34
CA ASP C 6 -12.63 -62.00 12.95
C ASP C 6 -12.48 -60.82 11.96
N LYS C 7 -12.80 -59.46 12.46
CA LYS C 7 -12.69 -58.35 11.43
C LYS C 7 -11.55 -57.50 12.02
N ILE C 8 -10.82 -56.94 11.26
CA ILE C 8 -10.12 -55.70 11.63
C ILE C 8 -10.44 -54.64 10.61
N CYS C 9 -10.79 -53.43 11.08
CA CYS C 9 -11.22 -52.31 10.23
C CYS C 9 -10.38 -51.05 10.50
N ILE C 10 -10.21 -50.25 9.47
CA ILE C 10 -9.51 -49.00 9.60
C ILE C 10 -10.50 -47.87 9.54
N GLY C 11 -10.31 -46.85 10.36
CA GLY C 11 -11.28 -45.77 10.43
C GLY C 11 -10.79 -44.50 11.12
N TYR C 12 -11.75 -43.62 11.42
CA TYR C 12 -11.45 -42.27 11.86
C TYR C 12 -12.43 -41.72 12.88
N HIS C 13 -12.00 -40.66 13.57
CA HIS C 13 -12.72 -40.09 14.70
C HIS C 13 -14.01 -39.35 14.29
N ALA C 14 -15.02 -39.44 15.14
CA ALA C 14 -16.19 -38.59 15.04
C ALA C 14 -16.62 -38.14 16.42
N ASN C 15 -17.40 -37.07 16.47
CA ASN C 15 -17.83 -36.52 17.73
C ASN C 15 -19.14 -35.77 17.49
N ASN C 16 -19.58 -35.00 18.49
CA ASN C 16 -20.87 -34.27 18.48
C ASN C 16 -20.76 -32.82 17.99
N SER C 17 -19.63 -32.46 17.38
CA SER C 17 -19.41 -31.10 16.86
C SER C 17 -20.39 -30.77 15.71
N THR C 18 -20.90 -29.55 15.75
CA THR C 18 -21.73 -29.00 14.67
C THR C 18 -21.07 -27.73 14.04
N THR C 19 -19.81 -27.45 14.43
CA THR C 19 -19.07 -26.35 13.89
C THR C 19 -18.58 -26.63 12.48
N GLN C 20 -18.70 -25.64 11.61
CA GLN C 20 -18.43 -25.78 10.20
C GLN C 20 -17.32 -24.85 9.71
N VAL C 21 -16.70 -25.23 8.60
CA VAL C 21 -15.76 -24.39 7.92
C VAL C 21 -16.07 -24.39 6.44
N ASP C 22 -15.47 -23.42 5.74
CA ASP C 22 -15.49 -23.37 4.28
C ASP C 22 -14.13 -23.74 3.72
N THR C 23 -14.16 -24.32 2.54
CA THR C 23 -12.96 -24.56 1.74
C THR C 23 -13.21 -24.00 0.35
N LEU C 24 -12.19 -23.90 -0.47
CA LEU C 24 -12.39 -23.53 -1.86
C LEU C 24 -13.38 -24.49 -2.55
N LEU C 25 -13.39 -25.77 -2.17
CA LEU C 25 -14.16 -26.78 -2.87
C LEU C 25 -15.56 -26.88 -2.34
N GLU C 26 -15.77 -26.55 -1.07
CA GLU C 26 -17.03 -26.87 -0.42
C GLU C 26 -17.35 -25.95 0.76
N LYS C 27 -18.57 -25.48 0.83
CA LYS C 27 -19.02 -24.61 1.90
C LYS C 27 -19.72 -25.45 3.00
N ASN C 28 -19.83 -24.88 4.20
CA ASN C 28 -20.48 -25.55 5.35
C ASN C 28 -20.08 -27.01 5.52
N VAL C 29 -18.80 -27.26 5.75
CA VAL C 29 -18.34 -28.58 6.05
C VAL C 29 -18.18 -28.76 7.57
N THR C 30 -18.90 -29.71 8.17
CA THR C 30 -18.81 -29.90 9.59
C THR C 30 -17.49 -30.61 9.93
N VAL C 31 -16.73 -30.08 10.89
CA VAL C 31 -15.48 -30.72 11.27
C VAL C 31 -15.38 -31.02 12.77
N THR C 32 -14.51 -31.98 13.12
CA THR C 32 -14.40 -32.40 14.51
C THR C 32 -13.77 -31.35 15.40
N HIS C 33 -12.81 -30.61 14.85
CA HIS C 33 -12.09 -29.62 15.62
C HIS C 33 -11.77 -28.44 14.72
N SER C 34 -11.80 -27.26 15.28
CA SER C 34 -11.42 -26.08 14.54
C SER C 34 -11.00 -24.92 15.47
N VAL C 35 -10.38 -23.90 14.90
CA VAL C 35 -10.00 -22.76 15.69
C VAL C 35 -10.42 -21.49 14.95
N GLU C 36 -11.04 -20.57 15.69
CA GLU C 36 -11.47 -19.25 15.21
C GLU C 36 -10.32 -18.29 15.46
N LEU C 37 -9.91 -17.57 14.42
CA LEU C 37 -8.75 -16.68 14.49
C LEU C 37 -9.12 -15.19 14.63
N LEU C 38 -10.41 -14.88 14.63
CA LEU C 38 -10.89 -13.51 14.57
C LEU C 38 -11.71 -13.15 15.80
N GLU C 39 -11.39 -11.98 16.38
CA GLU C 39 -12.13 -11.43 17.55
C GLU C 39 -13.15 -10.40 17.13
N ASN C 40 -14.38 -10.50 17.64
CA ASN C 40 -15.41 -9.48 17.36
C ASN C 40 -16.04 -8.86 18.60
N GLN C 41 -15.55 -9.22 19.78
CA GLN C 41 -15.99 -8.62 21.05
C GLN C 41 -15.09 -7.45 21.50
N LYS C 42 -15.73 -6.45 22.13
CA LYS C 42 -15.05 -5.25 22.68
C LYS C 42 -15.81 -4.81 23.93
N GLU C 43 -15.08 -4.28 24.91
CA GLU C 43 -15.71 -3.55 25.98
C GLU C 43 -15.78 -2.09 25.52
N LYS C 44 -16.99 -1.53 25.55
CA LYS C 44 -17.24 -0.15 25.10
C LYS C 44 -16.86 0.93 26.16
N ARG C 45 -15.57 1.15 26.34
CA ARG C 45 -15.06 2.07 27.33
C ARG C 45 -13.60 2.34 27.04
N PHE C 46 -13.01 3.31 27.75
CA PHE C 46 -11.59 3.62 27.61
C PHE C 46 -10.91 3.25 28.90
N CYS C 47 -9.76 2.57 28.79
CA CYS C 47 -9.00 2.10 29.94
C CYS C 47 -7.57 2.64 29.91
N LYS C 48 -6.83 2.41 31.00
CA LYS C 48 -5.43 2.77 31.06
C LYS C 48 -4.64 1.85 30.14
N ILE C 49 -3.52 2.36 29.64
CA ILE C 49 -2.60 1.66 28.77
C ILE C 49 -1.24 1.84 29.38
N MET C 50 -0.53 0.73 29.59
CA MET C 50 0.80 0.79 30.19
C MET C 50 0.69 1.46 31.54
N ASN C 51 -0.39 1.11 32.25
CA ASN C 51 -0.75 1.72 33.52
C ASN C 51 -1.01 3.26 33.55
N LYS C 52 -0.85 3.96 32.43
CA LYS C 52 -1.08 5.42 32.34
C LYS C 52 -2.50 5.76 31.89
N ALA C 53 -3.14 6.66 32.62
CA ALA C 53 -4.52 7.07 32.30
C ALA C 53 -4.55 7.95 31.07
N PRO C 54 -5.65 7.89 30.33
CA PRO C 54 -5.80 8.80 29.21
C PRO C 54 -6.21 10.17 29.74
N LEU C 55 -6.14 11.20 28.90
CA LEU C 55 -6.53 12.55 29.28
C LEU C 55 -7.90 12.91 28.73
N ASP C 56 -8.86 13.14 29.64
CA ASP C 56 -10.23 13.47 29.29
C ASP C 56 -10.36 15.00 29.20
N LEU C 57 -10.55 15.53 27.99
CA LEU C 57 -10.65 16.96 27.83
C LEU C 57 -12.05 17.47 28.18
N LYS C 58 -12.98 16.55 28.46
CA LYS C 58 -14.34 16.85 28.95
C LYS C 58 -15.10 17.85 28.07
N ASP C 59 -15.27 19.09 28.51
CA ASP C 59 -16.04 20.07 27.78
C ASP C 59 -15.12 21.07 27.05
N CYS C 60 -13.84 20.70 26.92
CA CYS C 60 -12.87 21.47 26.14
C CYS C 60 -12.37 20.72 24.90
N THR C 61 -12.05 21.50 23.87
CA THR C 61 -11.27 21.00 22.74
C THR C 61 -9.76 21.13 23.02
N ILE C 62 -8.96 20.52 22.14
CA ILE C 62 -7.51 20.65 22.21
C ILE C 62 -7.07 22.11 22.17
N GLU C 63 -7.69 22.89 21.28
CA GLU C 63 -7.43 24.33 21.20
C GLU C 63 -7.69 25.02 22.56
N GLY C 64 -8.88 24.82 23.13
CA GLY C 64 -9.23 25.46 24.38
C GLY C 64 -8.29 25.09 25.53
N TRP C 65 -7.95 23.81 25.59
CA TRP C 65 -7.00 23.29 26.57
C TRP C 65 -5.68 23.98 26.45
N ILE C 66 -5.14 24.00 25.24
CA ILE C 66 -3.74 24.35 25.06
C ILE C 66 -3.53 25.85 24.99
N LEU C 67 -4.56 26.60 24.66
CA LEU C 67 -4.49 28.06 24.70
C LEU C 67 -4.78 28.61 26.09
N GLY C 68 -5.50 27.83 26.91
CA GLY C 68 -5.88 28.22 28.26
C GLY C 68 -7.18 29.01 28.30
N ASN C 69 -8.17 28.58 27.52
CA ASN C 69 -9.52 29.13 27.63
C ASN C 69 -9.90 29.09 29.08
N PRO C 70 -10.40 30.23 29.63
CA PRO C 70 -10.68 30.34 31.06
C PRO C 70 -11.67 29.29 31.58
N LYS C 71 -12.54 28.74 30.73
CA LYS C 71 -13.42 27.64 31.14
C LYS C 71 -12.75 26.25 31.08
N CYS C 72 -11.45 26.23 30.86
CA CYS C 72 -10.69 24.99 30.80
C CYS C 72 -9.67 24.93 31.94
N ASP C 73 -9.92 25.70 32.99
CA ASP C 73 -9.05 25.69 34.18
C ASP C 73 -8.83 24.34 34.89
N LEU C 74 -9.84 23.47 34.90
CA LEU C 74 -9.65 22.14 35.49
C LEU C 74 -8.51 21.35 34.83
N LEU C 75 -8.16 21.69 33.59
CA LEU C 75 -7.07 21.02 32.86
C LEU C 75 -5.74 21.70 33.03
N LEU C 76 -5.74 22.85 33.69
CA LEU C 76 -4.56 23.71 33.71
C LEU C 76 -3.39 23.04 34.43
N GLY C 77 -2.17 23.31 33.98
CA GLY C 77 -0.95 22.77 34.63
C GLY C 77 -0.36 21.57 33.92
N ASP C 78 0.31 20.70 34.68
CA ASP C 78 0.96 19.52 34.13
C ASP C 78 -0.03 18.44 33.79
N GLN C 79 0.21 17.72 32.70
CA GLN C 79 -0.55 16.53 32.34
C GLN C 79 0.35 15.45 31.78
N SER C 80 0.02 14.21 32.10
CA SER C 80 0.62 12.98 31.55
C SER C 80 -0.48 12.12 30.97
N TRP C 81 -0.25 11.50 29.83
CA TRP C 81 -1.31 10.73 29.20
C TRP C 81 -0.83 9.63 28.27
N SER C 82 -1.60 8.55 28.27
CA SER C 82 -1.37 7.41 27.37
C SER C 82 -1.99 7.67 26.00
N TYR C 83 -3.00 8.52 25.99
CA TYR C 83 -3.71 8.94 24.80
C TYR C 83 -4.72 9.99 25.21
N ILE C 84 -5.33 10.64 24.22
CA ILE C 84 -6.20 11.77 24.49
C ILE C 84 -7.59 11.51 24.01
N VAL C 85 -8.56 11.85 24.85
CA VAL C 85 -9.97 11.68 24.50
C VAL C 85 -10.63 13.05 24.38
N GLU C 86 -11.00 13.40 23.16
CA GLU C 86 -11.72 14.62 22.88
C GLU C 86 -13.18 14.26 22.63
N ARG C 87 -14.06 14.86 23.41
CA ARG C 87 -15.48 14.65 23.28
C ARG C 87 -16.00 15.43 22.10
N PRO C 88 -16.82 14.80 21.24
CA PRO C 88 -17.13 15.40 19.95
C PRO C 88 -17.95 16.72 20.01
N ASN C 89 -18.70 16.95 21.10
CA ASN C 89 -19.48 18.18 21.26
C ASN C 89 -18.91 19.24 22.24
N ALA C 90 -17.62 19.14 22.57
CA ALA C 90 -16.98 20.06 23.49
C ALA C 90 -17.11 21.50 23.02
N GLN C 91 -17.52 22.38 23.94
CA GLN C 91 -17.97 23.75 23.64
C GLN C 91 -16.88 24.79 23.79
N ASN C 92 -15.91 24.50 24.65
CA ASN C 92 -14.92 25.48 25.01
C ASN C 92 -13.64 25.29 24.24
N GLY C 93 -13.48 26.08 23.17
CA GLY C 93 -12.26 26.10 22.35
C GLY C 93 -11.75 27.51 22.18
N ILE C 94 -11.65 27.98 20.94
CA ILE C 94 -11.27 29.40 20.65
C ILE C 94 -12.44 30.32 20.94
N CYS C 95 -12.31 31.13 22.01
CA CYS C 95 -13.43 31.91 22.54
C CYS C 95 -13.47 33.21 21.74
N TYR C 96 -12.29 33.80 21.48
CA TYR C 96 -12.17 35.05 20.69
C TYR C 96 -11.88 34.70 19.23
N PRO C 97 -12.83 35.04 18.33
CA PRO C 97 -12.83 34.50 16.97
C PRO C 97 -11.53 34.73 16.23
N GLY C 98 -11.09 33.66 15.60
CA GLY C 98 -9.93 33.68 14.72
C GLY C 98 -9.45 32.30 14.40
N VAL C 99 -8.40 32.25 13.59
CA VAL C 99 -7.85 31.00 13.10
C VAL C 99 -6.57 30.68 13.86
N LEU C 100 -6.43 29.42 14.25
CA LEU C 100 -5.17 28.94 14.79
C LEU C 100 -4.42 28.36 13.60
N ASN C 101 -3.35 29.04 13.19
CA ASN C 101 -2.63 28.65 12.00
C ASN C 101 -1.93 27.28 12.19
N GLU C 102 -1.93 26.48 11.14
CA GLU C 102 -1.38 25.11 11.15
C GLU C 102 -1.98 24.24 12.27
N LEU C 103 -3.31 24.24 12.32
CA LEU C 103 -4.05 23.56 13.36
C LEU C 103 -3.88 22.07 13.31
N GLU C 104 -3.90 21.52 12.11
CA GLU C 104 -3.88 20.08 11.93
C GLU C 104 -2.49 19.57 12.34
N GLU C 105 -1.46 20.35 12.05
CA GLU C 105 -0.08 19.98 12.40
C GLU C 105 0.18 20.14 13.89
N LEU C 106 -0.55 21.05 14.53
CA LEU C 106 -0.56 21.16 16.01
C LEU C 106 -1.26 19.96 16.67
N LYS C 107 -2.47 19.61 16.19
CA LYS C 107 -3.25 18.46 16.70
C LYS C 107 -2.26 17.21 16.53
N ALA C 108 -1.48 17.15 15.47
CA ALA C 108 -0.58 15.98 15.28
C ALA C 108 0.62 15.97 16.20
N PHE C 109 1.19 17.14 16.45
CA PHE C 109 2.33 17.29 17.34
C PHE C 109 1.95 16.96 18.78
N ILE C 110 0.81 17.47 19.22
CA ILE C 110 0.35 17.22 20.56
C ILE C 110 0.12 15.72 20.78
N GLY C 111 -0.54 15.08 19.81
CA GLY C 111 -0.79 13.64 19.84
C GLY C 111 0.45 12.78 19.93
N SER C 112 1.58 13.27 19.42
CA SER C 112 2.86 12.54 19.51
C SER C 112 3.54 12.64 20.89
N GLY C 113 2.94 13.32 21.85
CA GLY C 113 3.63 13.55 23.12
C GLY C 113 3.03 12.69 24.21
N GLU C 114 3.62 12.76 25.41
CA GLU C 114 3.08 12.03 26.57
C GLU C 114 2.98 12.86 27.85
N ARG C 115 3.67 14.00 27.92
CA ARG C 115 3.52 14.92 29.05
C ARG C 115 3.79 16.34 28.59
N VAL C 116 3.19 17.29 29.30
CA VAL C 116 3.54 18.71 29.20
C VAL C 116 3.76 19.23 30.64
N GLU C 117 4.69 20.17 30.83
CA GLU C 117 4.78 20.93 32.08
C GLU C 117 4.55 22.39 31.76
N ARG C 118 3.54 22.99 32.36
CA ARG C 118 3.24 24.41 32.14
C ARG C 118 4.17 25.30 32.97
N PHE C 119 4.66 26.38 32.37
CA PHE C 119 5.56 27.33 33.07
C PHE C 119 5.46 28.76 32.46
N GLU C 120 5.74 29.79 33.27
CA GLU C 120 5.77 31.18 32.78
C GLU C 120 7.01 31.40 31.90
N MET C 121 6.79 31.62 30.60
CA MET C 121 7.87 31.78 29.65
C MET C 121 8.27 33.25 29.55
N PHE C 122 7.26 34.11 29.49
CA PHE C 122 7.47 35.56 29.55
C PHE C 122 6.60 36.17 30.65
N PRO C 123 7.21 36.63 31.74
CA PRO C 123 6.36 37.33 32.68
C PRO C 123 5.87 38.65 32.09
N LYS C 124 4.75 39.13 32.63
CA LYS C 124 4.14 40.38 32.20
C LYS C 124 5.12 41.60 32.30
N SER C 125 6.00 41.60 33.30
CA SER C 125 7.00 42.65 33.44
C SER C 125 8.01 42.69 32.28
N THR C 126 8.09 41.63 31.49
CA THR C 126 8.87 41.62 30.25
C THR C 126 8.57 42.85 29.36
N TRP C 127 7.31 43.28 29.33
CA TRP C 127 6.87 44.23 28.33
C TRP C 127 6.77 45.64 28.89
N ALA C 128 7.74 46.49 28.50
CA ALA C 128 7.98 47.78 29.14
C ALA C 128 7.17 48.88 28.50
N GLY C 129 6.47 49.66 29.33
CA GLY C 129 5.77 50.86 28.91
C GLY C 129 4.39 50.63 28.37
N VAL C 130 3.80 49.48 28.70
CA VAL C 130 2.49 49.10 28.21
C VAL C 130 1.67 48.53 29.35
N ASP C 131 0.37 48.46 29.12
CA ASP C 131 -0.57 47.88 30.08
C ASP C 131 -0.78 46.38 29.80
N THR C 132 -0.47 45.55 30.79
CA THR C 132 -0.62 44.12 30.68
C THR C 132 -1.80 43.58 31.45
N SER C 133 -2.60 44.46 32.03
CA SER C 133 -3.62 44.05 33.00
C SER C 133 -5.09 44.22 32.56
N ARG C 134 -5.39 45.00 31.52
CA ARG C 134 -6.78 45.14 31.00
C ARG C 134 -7.13 44.40 29.69
N GLY C 135 -6.46 43.29 29.47
CA GLY C 135 -6.51 42.58 28.20
C GLY C 135 -7.47 41.43 28.21
N VAL C 136 -8.75 41.79 28.19
CA VAL C 136 -9.81 40.96 28.68
C VAL C 136 -11.06 41.19 27.78
N THR C 137 -11.99 40.25 27.72
CA THR C 137 -13.10 40.40 26.79
C THR C 137 -14.26 39.48 27.09
N ASN C 138 -15.45 40.03 26.92
CA ASN C 138 -16.70 39.32 27.10
C ASN C 138 -16.94 38.15 26.14
N ALA C 139 -16.14 38.05 25.08
CA ALA C 139 -16.20 36.86 24.22
C ALA C 139 -15.64 35.64 24.89
N CYS C 140 -15.17 35.77 26.11
CA CYS C 140 -14.15 34.87 26.59
C CYS C 140 -14.11 34.81 28.13
N PRO C 141 -15.25 34.39 28.75
CA PRO C 141 -15.50 34.46 30.18
C PRO C 141 -15.08 33.24 30.95
N SER C 142 -14.86 33.38 32.27
CA SER C 142 -14.82 32.24 33.21
C SER C 142 -16.24 31.79 33.61
N TYR C 143 -16.31 30.88 34.58
CA TYR C 143 -17.56 30.55 35.15
C TYR C 143 -17.99 31.67 36.12
N THR C 144 -17.03 32.48 36.58
CA THR C 144 -17.33 33.56 37.54
C THR C 144 -17.22 35.00 37.01
N ILE C 145 -16.24 35.26 36.16
CA ILE C 145 -15.97 36.60 35.68
C ILE C 145 -16.42 36.53 34.26
N ASP C 146 -17.34 37.37 33.84
CA ASP C 146 -17.83 37.15 32.50
C ASP C 146 -17.07 37.97 31.40
N SER C 147 -15.93 38.49 31.78
CA SER C 147 -15.01 39.08 30.84
C SER C 147 -13.53 38.72 31.23
N SER C 148 -12.90 37.81 30.47
CA SER C 148 -11.59 37.25 30.82
C SER C 148 -10.74 37.06 29.57
N PHE C 149 -9.70 36.21 29.66
CA PHE C 149 -8.84 35.92 28.52
C PHE C 149 -8.04 34.67 28.73
N TYR C 150 -7.55 34.10 27.64
CA TYR C 150 -6.75 32.88 27.66
C TYR C 150 -5.67 32.99 28.69
N ARG C 151 -5.46 31.92 29.42
CA ARG C 151 -4.53 31.91 30.50
C ARG C 151 -3.05 31.79 30.00
N ASN C 152 -2.83 31.39 28.75
CA ASN C 152 -1.46 31.32 28.25
C ASN C 152 -1.04 32.50 27.36
N LEU C 153 -1.86 33.53 27.27
CA LEU C 153 -1.56 34.67 26.43
C LEU C 153 -1.89 35.98 27.15
N VAL C 154 -1.20 37.05 26.79
CA VAL C 154 -1.53 38.40 27.28
C VAL C 154 -1.87 39.34 26.13
N TRP C 155 -3.06 39.91 26.22
CA TRP C 155 -3.49 40.94 25.29
C TRP C 155 -2.93 42.25 25.83
N ILE C 156 -1.85 42.70 25.23
CA ILE C 156 -1.21 43.96 25.61
C ILE C 156 -1.87 45.15 24.91
N VAL C 157 -2.21 46.17 25.70
CA VAL C 157 -2.68 47.47 25.19
C VAL C 157 -1.81 48.61 25.75
N LYS C 158 -1.83 49.77 25.10
CA LYS C 158 -1.06 50.93 25.55
C LYS C 158 -1.68 51.53 26.80
N THR C 159 -0.90 52.29 27.57
CA THR C 159 -1.43 52.99 28.74
C THR C 159 -2.22 54.21 28.30
N ASP C 160 -3.22 54.62 29.09
CA ASP C 160 -4.09 55.79 28.77
C ASP C 160 -3.27 56.99 28.33
N SER C 161 -2.41 57.40 29.22
CA SER C 161 -1.45 58.45 28.99
C SER C 161 -0.84 58.46 27.55
N ALA C 162 -0.20 57.36 27.16
CA ALA C 162 0.97 57.43 26.28
C ALA C 162 0.83 56.84 24.88
N THR C 163 2.00 56.69 24.26
CA THR C 163 2.24 55.98 23.01
C THR C 163 2.48 54.48 23.33
N TYR C 164 2.20 53.58 22.37
CA TYR C 164 2.62 52.17 22.48
C TYR C 164 4.08 52.07 22.01
N PRO C 165 5.03 51.87 22.95
CA PRO C 165 6.44 51.90 22.57
C PRO C 165 6.85 50.61 21.90
N VAL C 166 8.08 50.53 21.42
CA VAL C 166 8.61 49.27 20.96
C VAL C 166 8.86 48.42 22.18
N ILE C 167 8.29 47.22 22.20
CA ILE C 167 8.47 46.28 23.32
C ILE C 167 9.25 45.04 22.85
N LYS C 168 10.05 44.47 23.75
CA LYS C 168 10.98 43.40 23.43
C LYS C 168 10.98 42.37 24.53
N GLY C 169 11.33 41.14 24.15
CA GLY C 169 11.47 40.05 25.09
C GLY C 169 12.34 38.98 24.47
N THR C 170 13.08 38.28 25.32
CA THR C 170 13.93 37.20 24.89
C THR C 170 13.75 35.98 25.88
N TYR C 171 13.80 34.75 25.37
CA TYR C 171 13.83 33.55 26.23
C TYR C 171 14.82 32.55 25.61
N ASN C 172 15.85 32.17 26.38
CA ASN C 172 16.86 31.17 25.98
C ASN C 172 16.41 29.84 26.58
N ASN C 173 16.08 28.87 25.72
CA ASN C 173 15.72 27.55 26.18
C ASN C 173 16.99 26.78 26.54
N THR C 174 17.41 26.94 27.79
CA THR C 174 18.54 26.23 28.38
C THR C 174 18.19 24.81 28.96
N GLY C 175 16.93 24.38 28.85
CA GLY C 175 16.52 23.04 29.28
C GLY C 175 16.82 21.92 28.28
N THR C 176 16.41 20.70 28.62
CA THR C 176 16.59 19.54 27.74
C THR C 176 15.36 19.24 26.87
N GLN C 177 14.25 19.93 27.14
CA GLN C 177 12.97 19.61 26.51
C GLN C 177 12.56 20.72 25.59
N PRO C 178 11.91 20.36 24.47
CA PRO C 178 11.38 21.37 23.57
C PRO C 178 10.17 22.02 24.19
N ILE C 179 9.95 23.28 23.80
CA ILE C 179 8.88 24.07 24.35
C ILE C 179 7.84 24.42 23.29
N LEU C 180 6.59 24.11 23.60
CA LEU C 180 5.51 24.45 22.75
C LEU C 180 4.98 25.79 23.24
N TYR C 181 4.90 26.78 22.35
CA TYR C 181 4.40 28.06 22.78
C TYR C 181 3.54 28.75 21.72
N PHE C 182 2.86 29.83 22.15
CA PHE C 182 1.73 30.43 21.43
C PHE C 182 1.76 31.95 21.45
N TRP C 183 1.30 32.54 20.36
CA TRP C 183 1.09 33.96 20.29
C TRP C 183 0.02 34.28 19.27
N GLY C 184 -0.30 35.55 19.14
CA GLY C 184 -1.27 36.00 18.17
C GLY C 184 -1.01 37.41 17.72
N VAL C 185 -1.85 37.84 16.79
CA VAL C 185 -1.85 39.20 16.30
C VAL C 185 -3.30 39.67 16.28
N HIS C 186 -3.60 40.81 16.89
CA HIS C 186 -4.96 41.33 16.91
C HIS C 186 -5.31 42.07 15.64
N HIS C 187 -6.47 41.78 15.06
CA HIS C 187 -6.97 42.48 13.87
C HIS C 187 -8.28 43.22 14.18
N PRO C 188 -8.18 44.47 14.62
CA PRO C 188 -9.39 45.23 14.92
C PRO C 188 -10.36 45.43 13.77
N LEU C 189 -11.64 45.60 14.11
CA LEU C 189 -12.70 45.83 13.10
C LEU C 189 -12.60 47.16 12.37
N ASP C 190 -12.05 48.19 13.01
CA ASP C 190 -11.94 49.49 12.37
C ASP C 190 -10.80 50.30 12.96
N THR C 191 -10.59 51.46 12.37
CA THR C 191 -9.49 52.35 12.76
C THR C 191 -9.58 52.92 14.18
N THR C 192 -10.78 53.24 14.64
CA THR C 192 -10.98 53.84 15.95
C THR C 192 -10.40 52.97 17.08
N VAL C 193 -10.76 51.68 17.04
CA VAL C 193 -10.29 50.67 18.00
C VAL C 193 -8.77 50.43 17.87
N GLN C 194 -8.28 50.38 16.64
CA GLN C 194 -6.86 50.39 16.43
C GLN C 194 -6.21 51.52 17.23
N ASP C 195 -6.74 52.74 17.13
CA ASP C 195 -6.09 53.91 17.71
C ASP C 195 -6.24 53.87 19.20
N ASN C 196 -7.43 53.54 19.69
CA ASN C 196 -7.64 53.34 21.13
C ASN C 196 -6.60 52.45 21.80
N LEU C 197 -6.41 51.28 21.22
CA LEU C 197 -5.67 50.22 21.85
C LEU C 197 -4.16 50.39 21.68
N TYR C 198 -3.74 50.80 20.48
CA TYR C 198 -2.32 50.73 20.10
C TYR C 198 -1.73 52.03 19.62
N GLY C 199 -2.57 53.05 19.45
CA GLY C 199 -2.13 54.29 18.81
C GLY C 199 -2.12 54.19 17.31
N SER C 200 -1.75 55.28 16.65
CA SER C 200 -1.73 55.36 15.19
C SER C 200 -0.35 54.94 14.73
N GLY C 201 -0.21 54.73 13.42
CA GLY C 201 1.07 54.33 12.82
C GLY C 201 1.09 52.90 12.32
N ASP C 202 1.98 52.62 11.35
CA ASP C 202 2.19 51.27 10.83
C ASP C 202 2.70 50.35 12.00
N LYS C 203 1.98 49.28 12.30
CA LYS C 203 2.32 48.37 13.39
C LYS C 203 2.85 46.99 12.93
N TYR C 204 3.62 46.34 13.79
CA TYR C 204 4.20 45.03 13.46
C TYR C 204 4.39 44.14 14.70
N VAL C 205 4.42 42.84 14.42
CA VAL C 205 4.86 41.83 15.35
C VAL C 205 5.94 41.06 14.61
N ARG C 206 7.11 40.98 15.18
CA ARG C 206 8.14 40.14 14.60
C ARG C 206 8.73 39.24 15.66
N MET C 207 9.06 38.02 15.27
CA MET C 207 9.62 37.05 16.16
C MET C 207 10.71 36.29 15.41
N GLY C 208 11.62 35.66 16.17
CA GLY C 208 12.72 34.96 15.56
C GLY C 208 13.55 34.11 16.47
N THR C 209 14.30 33.20 15.86
CA THR C 209 14.86 32.03 16.49
C THR C 209 16.05 31.73 15.58
N GLU C 210 16.96 30.88 16.00
CA GLU C 210 18.09 30.49 15.15
C GLU C 210 17.62 29.82 13.84
N SER C 211 16.41 29.27 13.85
CA SER C 211 15.84 28.61 12.68
C SER C 211 14.44 29.07 12.18
N MET C 212 13.77 30.02 12.79
CA MET C 212 12.53 30.57 12.17
C MET C 212 12.44 32.07 12.32
N ASN C 213 11.74 32.70 11.39
CA ASN C 213 11.31 34.09 11.55
C ASN C 213 9.84 34.31 11.18
N PHE C 214 9.26 35.36 11.73
CA PHE C 214 7.86 35.65 11.59
C PHE C 214 7.69 37.13 11.60
N ALA C 215 6.79 37.63 10.76
CA ALA C 215 6.47 39.04 10.70
C ALA C 215 5.05 39.29 10.20
N LYS C 216 4.20 39.89 11.00
CA LYS C 216 2.85 40.16 10.54
C LYS C 216 2.42 41.56 10.94
N SER C 217 1.48 42.07 10.17
CA SER C 217 0.96 43.40 10.34
C SER C 217 -0.56 43.36 10.46
N PRO C 218 -1.13 44.26 11.24
CA PRO C 218 -2.57 44.19 11.44
C PRO C 218 -3.35 44.46 10.18
N GLU C 219 -4.50 43.82 10.05
CA GLU C 219 -5.34 43.87 8.87
C GLU C 219 -6.69 44.33 9.38
N ILE C 220 -6.91 45.61 9.30
CA ILE C 220 -8.06 46.17 9.93
C ILE C 220 -9.25 46.04 9.04
N ALA C 221 -10.34 45.49 9.59
CA ALA C 221 -11.55 45.22 8.80
C ALA C 221 -12.65 44.65 9.68
N ALA C 222 -13.91 45.01 9.39
CA ALA C 222 -15.04 44.42 10.07
C ALA C 222 -15.41 43.08 9.41
N ARG C 223 -15.40 42.02 10.21
CA ARG C 223 -15.79 40.69 9.75
C ARG C 223 -17.03 40.27 10.53
N PRO C 224 -17.74 39.24 10.06
CA PRO C 224 -18.99 38.86 10.74
C PRO C 224 -18.85 38.52 12.23
N ALA C 225 -19.83 38.95 13.00
CA ALA C 225 -19.81 38.81 14.44
C ALA C 225 -19.79 37.35 14.88
N VAL C 226 -18.84 37.03 15.76
CA VAL C 226 -18.74 35.71 16.37
C VAL C 226 -18.49 35.94 17.88
N ASN C 227 -19.38 35.41 18.73
CA ASN C 227 -19.39 35.73 20.19
C ASN C 227 -19.26 37.24 20.43
N GLY C 228 -20.05 38.03 19.69
CA GLY C 228 -20.05 39.50 19.79
C GLY C 228 -18.85 40.25 19.21
N GLN C 229 -17.96 39.57 18.49
CA GLN C 229 -16.74 40.23 18.00
C GLN C 229 -16.67 40.25 16.47
N ARG C 230 -16.49 41.46 15.93
CA ARG C 230 -16.24 41.70 14.50
C ARG C 230 -14.75 41.94 14.23
N SER C 231 -13.96 41.99 15.29
CA SER C 231 -12.51 41.90 15.19
C SER C 231 -12.10 40.42 15.17
N ARG C 232 -10.81 40.18 15.00
CA ARG C 232 -10.27 38.82 15.03
C ARG C 232 -8.89 38.83 15.65
N ILE C 233 -8.47 37.61 16.01
CA ILE C 233 -7.08 37.31 16.30
C ILE C 233 -6.61 36.17 15.41
N ASP C 234 -5.45 36.31 14.82
CA ASP C 234 -4.77 35.17 14.21
C ASP C 234 -3.89 34.53 15.28
N TYR C 235 -4.13 33.27 15.59
CA TYR C 235 -3.30 32.58 16.55
C TYR C 235 -2.18 31.83 15.82
N TYR C 236 -1.03 31.71 16.48
CA TYR C 236 0.15 31.00 15.94
C TYR C 236 0.76 30.15 17.08
N TRP C 237 1.50 29.11 16.70
CA TRP C 237 2.19 28.27 17.66
C TRP C 237 3.54 27.91 17.08
N SER C 238 4.47 27.50 17.93
CA SER C 238 5.74 26.97 17.45
C SER C 238 6.42 26.20 18.56
N VAL C 239 7.59 25.69 18.22
CA VAL C 239 8.36 24.83 19.12
C VAL C 239 9.81 25.32 19.15
N LEU C 240 10.16 25.91 20.29
CA LEU C 240 11.51 26.35 20.56
C LEU C 240 12.31 25.13 21.00
N ARG C 241 13.28 24.74 20.18
CA ARG C 241 14.03 23.50 20.43
C ARG C 241 15.09 23.73 21.49
N PRO C 242 15.60 22.63 22.09
CA PRO C 242 16.57 22.79 23.18
C PRO C 242 17.81 23.49 22.68
N GLY C 243 18.27 24.52 23.38
CA GLY C 243 19.41 25.32 22.91
C GLY C 243 19.07 26.59 22.11
N GLU C 244 17.88 26.63 21.50
CA GLU C 244 17.39 27.80 20.76
C GLU C 244 16.91 28.94 21.68
N THR C 245 16.96 30.16 21.16
CA THR C 245 16.50 31.36 21.83
C THR C 245 15.41 32.03 21.00
N LEU C 246 14.42 32.61 21.67
CA LEU C 246 13.36 33.36 21.01
C LEU C 246 13.47 34.87 21.31
N ASN C 247 13.46 35.71 20.27
CA ASN C 247 13.32 37.17 20.41
C ASN C 247 11.99 37.62 19.85
N VAL C 248 11.29 38.42 20.66
CA VAL C 248 10.02 38.99 20.30
C VAL C 248 10.17 40.48 20.23
N GLU C 249 9.63 41.07 19.16
CA GLU C 249 9.65 42.50 18.99
C GLU C 249 8.29 42.95 18.43
N SER C 250 7.66 43.94 19.07
CA SER C 250 6.42 44.54 18.56
C SER C 250 6.24 46.00 18.95
N ASN C 251 5.52 46.76 18.12
CA ASN C 251 5.10 48.13 18.50
C ASN C 251 3.60 48.29 18.55
N GLY C 252 2.91 47.15 18.65
CA GLY C 252 1.44 47.12 18.58
C GLY C 252 0.83 45.82 18.07
N ASN C 253 -0.38 45.53 18.57
CA ASN C 253 -1.20 44.40 18.14
C ASN C 253 -0.74 42.99 18.55
N LEU C 254 0.28 42.90 19.40
CA LEU C 254 0.81 41.61 19.87
C LEU C 254 -0.11 41.01 20.91
N ILE C 255 -0.53 39.75 20.71
CA ILE C 255 -1.08 38.94 21.80
C ILE C 255 0.09 38.07 22.23
N ALA C 256 0.68 38.40 23.36
CA ALA C 256 2.00 37.90 23.68
C ALA C 256 1.94 36.54 24.35
N PRO C 257 2.98 35.72 24.12
CA PRO C 257 3.10 34.54 24.93
C PRO C 257 3.31 34.90 26.40
N TRP C 258 2.69 34.13 27.29
CA TRP C 258 2.83 34.24 28.74
C TRP C 258 3.29 32.91 29.32
N TYR C 259 2.43 31.91 29.25
CA TYR C 259 2.73 30.55 29.69
C TYR C 259 2.86 29.64 28.47
N ALA C 260 3.77 28.66 28.59
CA ALA C 260 4.06 27.68 27.55
C ALA C 260 4.29 26.32 28.20
N TYR C 261 4.56 25.31 27.39
CA TYR C 261 4.69 23.94 27.84
C TYR C 261 6.02 23.34 27.45
N LYS C 262 6.72 22.79 28.43
CA LYS C 262 7.83 21.92 28.17
C LYS C 262 7.21 20.63 27.74
N PHE C 263 7.58 20.17 26.55
CA PHE C 263 6.90 19.06 25.89
C PHE C 263 7.78 17.84 25.84
N VAL C 264 7.24 16.68 26.17
CA VAL C 264 8.07 15.47 26.13
C VAL C 264 7.48 14.44 25.16
N SER C 265 8.30 14.08 24.16
CA SER C 265 7.85 13.27 23.05
C SER C 265 7.86 11.80 23.37
N THR C 266 6.91 11.10 22.76
CA THR C 266 6.75 9.67 22.99
C THR C 266 7.63 8.98 21.94
N ASN C 267 8.37 7.97 22.36
CA ASN C 267 9.09 7.11 21.42
C ASN C 267 8.12 6.21 20.64
N LYS C 268 6.99 5.90 21.29
CA LYS C 268 5.84 5.21 20.72
C LYS C 268 5.17 5.96 19.53
N LYS C 269 3.93 5.57 19.20
CA LYS C 269 2.99 6.39 18.43
C LYS C 269 1.90 6.78 19.43
N GLY C 270 1.31 7.95 19.25
CA GLY C 270 0.23 8.42 20.14
C GLY C 270 -1.12 8.49 19.43
N ALA C 271 -2.17 8.78 20.19
CA ALA C 271 -3.51 8.82 19.65
C ALA C 271 -4.39 9.92 20.25
N VAL C 272 -5.36 10.35 19.46
CA VAL C 272 -6.37 11.33 19.83
C VAL C 272 -7.70 10.72 19.41
N PHE C 273 -8.49 10.31 20.39
CA PHE C 273 -9.76 9.65 20.10
C PHE C 273 -10.88 10.65 20.31
N LYS C 274 -11.66 10.87 19.26
CA LYS C 274 -12.87 11.66 19.32
C LYS C 274 -14.04 10.74 19.63
N SER C 275 -14.47 10.68 20.89
CA SER C 275 -15.44 9.68 21.31
C SER C 275 -16.27 10.09 22.53
N ASP C 276 -17.47 9.53 22.60
CA ASP C 276 -18.44 9.70 23.69
C ASP C 276 -18.19 8.75 24.87
N LEU C 277 -17.37 7.72 24.64
CA LEU C 277 -17.33 6.54 25.53
C LEU C 277 -16.80 6.85 26.91
N PRO C 278 -17.31 6.19 27.93
CA PRO C 278 -16.79 6.45 29.30
C PRO C 278 -15.34 6.05 29.57
N ILE C 279 -14.67 6.75 30.48
CA ILE C 279 -13.35 6.36 30.95
C ILE C 279 -13.50 5.74 32.31
N GLU C 280 -13.04 4.51 32.48
CA GLU C 280 -13.22 3.77 33.72
C GLU C 280 -11.88 3.41 34.36
N ASN C 281 -11.87 3.00 35.61
CA ASN C 281 -10.61 2.57 36.22
C ASN C 281 -10.31 1.09 35.85
N CYS C 282 -9.78 0.89 34.66
CA CYS C 282 -9.45 -0.46 34.17
C CYS C 282 -8.10 -0.40 33.48
N ASP C 283 -7.42 -1.53 33.39
CA ASP C 283 -6.18 -1.63 32.61
C ASP C 283 -6.49 -2.30 31.31
N ALA C 284 -5.60 -2.16 30.34
CA ALA C 284 -5.78 -2.79 29.02
C ALA C 284 -4.47 -2.78 28.29
N THR C 285 -4.31 -3.70 27.34
CA THR C 285 -3.12 -3.68 26.47
C THR C 285 -3.45 -3.23 25.06
N CYS C 286 -4.72 -3.31 24.67
CA CYS C 286 -5.17 -2.84 23.37
C CYS C 286 -6.44 -1.98 23.51
N GLN C 287 -6.36 -0.72 23.06
CA GLN C 287 -7.49 0.20 23.10
C GLN C 287 -7.81 0.71 21.71
N THR C 288 -9.00 0.38 21.21
CA THR C 288 -9.51 0.94 19.95
C THR C 288 -10.48 2.09 20.22
N ILE C 289 -10.58 2.98 19.27
CA ILE C 289 -11.52 4.12 19.30
C ILE C 289 -12.93 3.72 19.74
N THR C 290 -13.35 2.48 19.45
CA THR C 290 -14.70 1.99 19.81
C THR C 290 -14.74 1.02 20.99
N GLY C 291 -13.58 0.72 21.58
CA GLY C 291 -13.52 -0.12 22.74
C GLY C 291 -12.23 -0.89 22.93
N VAL C 292 -12.11 -1.53 24.08
CA VAL C 292 -10.92 -2.31 24.35
C VAL C 292 -11.19 -3.74 23.84
N LEU C 293 -10.16 -4.38 23.28
CA LEU C 293 -10.18 -5.81 23.00
C LEU C 293 -9.32 -6.52 24.06
N ARG C 294 -9.86 -7.54 24.74
CA ARG C 294 -8.99 -8.45 25.51
C ARG C 294 -9.02 -9.82 24.84
N THR C 295 -7.97 -10.16 24.11
CA THR C 295 -8.02 -11.33 23.29
C THR C 295 -6.64 -11.86 23.00
N ASN C 296 -6.56 -13.13 22.61
CA ASN C 296 -5.29 -13.69 22.15
C ASN C 296 -5.37 -13.92 20.63
N LYS C 297 -6.53 -13.67 20.04
CA LYS C 297 -6.73 -13.91 18.61
C LYS C 297 -5.88 -12.99 17.73
N THR C 298 -5.59 -13.40 16.50
CA THR C 298 -4.63 -12.67 15.69
C THR C 298 -5.32 -11.72 14.73
N PHE C 299 -6.65 -11.87 14.58
CA PHE C 299 -7.44 -10.93 13.76
C PHE C 299 -8.55 -10.26 14.58
N GLN C 300 -9.06 -9.13 14.11
CA GLN C 300 -10.21 -8.47 14.71
C GLN C 300 -10.96 -7.63 13.69
N ASN C 301 -12.27 -7.46 13.86
CA ASN C 301 -13.09 -6.61 12.97
C ASN C 301 -13.77 -5.43 13.67
N VAL C 302 -13.26 -5.07 14.83
CA VAL C 302 -13.72 -3.89 15.57
C VAL C 302 -13.32 -2.52 14.98
N SER C 303 -12.03 -2.20 14.91
CA SER C 303 -11.62 -0.90 14.40
C SER C 303 -10.16 -0.90 13.91
N PRO C 304 -9.87 -0.11 12.86
CA PRO C 304 -8.50 0.10 12.42
C PRO C 304 -7.71 1.10 13.28
N LEU C 305 -8.37 1.88 14.13
CA LEU C 305 -7.70 2.89 14.96
C LEU C 305 -7.49 2.41 16.38
N TRP C 306 -6.26 2.41 16.84
CA TRP C 306 -5.97 2.02 18.19
C TRP C 306 -4.62 2.52 18.73
N ILE C 307 -4.40 2.33 20.02
CA ILE C 307 -3.04 2.22 20.58
C ILE C 307 -2.91 0.94 21.36
N GLY C 308 -1.66 0.62 21.69
CA GLY C 308 -1.31 -0.63 22.31
C GLY C 308 -1.07 -1.71 21.26
N GLU C 309 -1.03 -2.95 21.73
CA GLU C 309 -0.76 -4.13 20.93
C GLU C 309 -2.07 -4.84 20.56
N CYS C 310 -2.59 -4.57 19.37
CA CYS C 310 -3.86 -5.11 18.92
C CYS C 310 -3.64 -6.11 17.81
N PRO C 311 -4.66 -6.94 17.55
CA PRO C 311 -4.66 -7.75 16.35
C PRO C 311 -4.92 -6.97 15.03
N LYS C 312 -4.46 -7.57 13.94
CA LYS C 312 -4.68 -7.05 12.61
C LYS C 312 -6.18 -6.88 12.30
N TYR C 313 -6.55 -5.70 11.78
CA TYR C 313 -7.93 -5.39 11.48
C TYR C 313 -8.24 -5.93 10.10
N VAL C 314 -9.37 -6.62 9.96
CA VAL C 314 -9.87 -7.09 8.66
C VAL C 314 -11.38 -6.93 8.61
N LYS C 315 -11.95 -6.99 7.41
CA LYS C 315 -13.41 -6.86 7.27
C LYS C 315 -14.20 -8.14 7.51
N SER C 316 -13.55 -9.25 7.80
CA SER C 316 -14.26 -10.52 7.90
C SER C 316 -15.17 -10.63 9.13
N GLU C 317 -16.23 -11.42 9.00
CA GLU C 317 -17.10 -11.78 10.11
C GLU C 317 -16.45 -12.91 10.89
N SER C 318 -15.71 -13.76 10.19
CA SER C 318 -15.17 -14.97 10.76
C SER C 318 -13.96 -15.49 10.00
N LEU C 319 -13.02 -16.13 10.69
CA LEU C 319 -11.88 -16.73 10.03
C LEU C 319 -11.54 -18.05 10.70
N ARG C 320 -12.36 -19.06 10.46
CA ARG C 320 -12.26 -20.32 11.16
C ARG C 320 -11.47 -21.35 10.38
N LEU C 321 -10.39 -21.82 10.99
CA LEU C 321 -9.47 -22.76 10.37
C LEU C 321 -9.76 -24.17 10.87
N ALA C 322 -9.98 -25.11 9.96
CA ALA C 322 -10.14 -26.53 10.33
C ALA C 322 -8.87 -27.06 10.97
N THR C 323 -9.01 -27.85 12.02
CA THR C 323 -7.88 -28.61 12.54
C THR C 323 -8.14 -30.11 12.47
N GLY C 324 -9.34 -30.52 12.82
CA GLY C 324 -9.72 -31.90 12.69
C GLY C 324 -10.23 -32.27 11.32
N LEU C 325 -11.00 -33.35 11.26
CA LEU C 325 -11.44 -33.90 10.01
C LEU C 325 -12.95 -33.74 9.86
N ARG C 326 -13.47 -34.17 8.73
CA ARG C 326 -14.88 -34.08 8.46
C ARG C 326 -15.59 -35.01 9.44
N ASN C 327 -16.65 -34.50 10.07
CA ASN C 327 -17.36 -35.20 11.15
C ASN C 327 -18.53 -35.92 10.54
N VAL C 328 -18.52 -37.24 10.63
CA VAL C 328 -19.58 -38.08 10.11
C VAL C 328 -19.93 -39.14 11.19
N PRO C 329 -20.75 -38.79 12.19
CA PRO C 329 -21.09 -39.66 13.34
C PRO C 329 -22.15 -40.78 13.17
N GLY D 1 -0.40 -35.63 -14.21
CA GLY D 1 -0.97 -35.68 -12.87
C GLY D 1 -0.03 -36.28 -11.86
N ILE D 2 -0.29 -36.02 -10.58
CA ILE D 2 0.54 -36.53 -9.50
C ILE D 2 0.04 -37.89 -9.01
N PHE D 3 -1.23 -38.16 -9.26
CA PHE D 3 -1.84 -39.42 -8.84
C PHE D 3 -1.52 -40.50 -9.83
N GLY D 4 -0.94 -40.08 -10.97
CA GLY D 4 -0.35 -41.00 -11.92
C GLY D 4 -1.29 -41.55 -12.99
N ALA D 5 -2.54 -41.12 -13.00
CA ALA D 5 -3.49 -41.72 -13.91
C ALA D 5 -3.64 -41.00 -15.24
N ILE D 6 -3.92 -39.72 -15.20
CA ILE D 6 -4.13 -38.93 -16.43
C ILE D 6 -2.78 -38.69 -17.09
N ALA D 7 -2.64 -39.20 -18.29
CA ALA D 7 -1.39 -39.12 -19.05
C ALA D 7 -0.09 -39.55 -18.36
N GLY D 8 0.03 -40.61 -17.56
CA GLY D 8 -0.97 -41.49 -17.12
C GLY D 8 -0.46 -42.92 -17.31
N PHE D 9 -0.75 -43.79 -16.35
CA PHE D 9 -0.90 -45.20 -16.65
C PHE D 9 -2.17 -45.42 -17.47
N ILE D 10 -3.05 -44.41 -17.50
CA ILE D 10 -4.09 -44.31 -18.52
C ILE D 10 -3.66 -43.22 -19.48
N GLU D 11 -2.90 -43.57 -20.50
CA GLU D 11 -2.46 -42.55 -21.48
C GLU D 11 -3.68 -42.15 -22.26
N GLY D 12 -3.83 -40.91 -22.57
CA GLY D 12 -4.98 -40.57 -23.43
C GLY D 12 -6.40 -40.55 -22.89
N GLY D 13 -7.17 -39.58 -23.35
CA GLY D 13 -8.58 -39.44 -23.01
C GLY D 13 -9.46 -39.95 -24.12
N TRP D 14 -10.75 -39.71 -24.00
CA TRP D 14 -11.74 -40.23 -24.88
C TRP D 14 -12.64 -39.15 -25.49
N THR D 15 -12.45 -38.84 -26.74
CA THR D 15 -13.34 -37.85 -27.35
C THR D 15 -14.76 -38.39 -27.44
N GLY D 16 -14.90 -39.72 -27.38
CA GLY D 16 -16.20 -40.35 -27.52
C GLY D 16 -17.07 -40.36 -26.26
N MET D 17 -16.52 -39.93 -25.14
CA MET D 17 -17.30 -39.86 -23.91
C MET D 17 -17.71 -38.41 -23.73
N ILE D 18 -18.92 -38.11 -24.17
CA ILE D 18 -19.38 -36.74 -24.36
C ILE D 18 -20.08 -36.13 -23.14
N ASP D 19 -20.54 -36.96 -22.22
CA ASP D 19 -21.49 -36.56 -21.20
C ASP D 19 -20.89 -36.40 -19.79
N GLY D 20 -19.57 -36.39 -19.67
CA GLY D 20 -18.95 -36.27 -18.36
C GLY D 20 -17.47 -36.09 -18.46
N TRP D 21 -16.82 -35.98 -17.31
CA TRP D 21 -15.35 -35.81 -17.23
C TRP D 21 -14.59 -37.08 -17.00
N TYR D 22 -15.23 -37.98 -16.26
CA TYR D 22 -14.68 -39.29 -15.90
C TYR D 22 -15.73 -40.36 -16.18
N GLY D 23 -15.32 -41.54 -16.62
CA GLY D 23 -16.29 -42.63 -16.75
C GLY D 23 -15.75 -43.94 -17.29
N TYR D 24 -16.57 -44.63 -18.07
CA TYR D 24 -16.31 -46.00 -18.48
C TYR D 24 -16.49 -46.26 -19.95
N HIS D 25 -15.65 -47.17 -20.47
CA HIS D 25 -15.74 -47.72 -21.83
C HIS D 25 -15.85 -49.21 -21.67
N HIS D 26 -16.84 -49.83 -22.30
CA HIS D 26 -17.05 -51.26 -22.12
C HIS D 26 -17.16 -51.89 -23.48
N GLU D 27 -16.98 -53.20 -23.49
CA GLU D 27 -17.23 -54.02 -24.66
C GLU D 27 -17.68 -55.38 -24.21
N ASN D 28 -18.77 -55.84 -24.79
CA ASN D 28 -19.27 -57.19 -24.59
C ASN D 28 -20.05 -57.67 -25.81
N SER D 29 -20.66 -58.83 -25.72
CA SER D 29 -21.38 -59.40 -26.84
C SER D 29 -22.46 -58.46 -27.42
N GLN D 30 -23.17 -57.70 -26.56
CA GLN D 30 -24.25 -56.83 -27.02
C GLN D 30 -23.77 -55.59 -27.71
N GLY D 31 -22.49 -55.26 -27.58
CA GLY D 31 -21.93 -54.07 -28.23
C GLY D 31 -20.88 -53.40 -27.39
N SER D 32 -20.64 -52.12 -27.68
CA SER D 32 -19.65 -51.32 -26.93
C SER D 32 -20.04 -49.83 -26.81
N GLY D 33 -19.49 -49.15 -25.80
CA GLY D 33 -19.75 -47.74 -25.68
C GLY D 33 -19.00 -47.04 -24.60
N TYR D 34 -19.45 -45.82 -24.34
CA TYR D 34 -18.83 -44.89 -23.42
C TYR D 34 -19.91 -44.35 -22.55
N ALA D 35 -19.59 -44.16 -21.27
CA ALA D 35 -20.60 -43.68 -20.32
C ALA D 35 -19.92 -43.01 -19.12
N ALA D 36 -20.30 -41.77 -18.86
CA ALA D 36 -19.77 -41.03 -17.75
C ALA D 36 -20.22 -41.67 -16.44
N ASP D 37 -19.42 -41.47 -15.39
CA ASP D 37 -19.86 -41.66 -14.01
C ASP D 37 -20.41 -40.33 -13.54
N ARG D 38 -21.74 -40.21 -13.44
CA ARG D 38 -22.41 -38.93 -13.10
C ARG D 38 -22.08 -38.44 -11.72
N GLU D 39 -22.07 -39.32 -10.73
CA GLU D 39 -21.83 -38.94 -9.34
C GLU D 39 -20.48 -38.24 -9.16
N SER D 40 -19.42 -38.80 -9.70
CA SER D 40 -18.11 -38.21 -9.50
C SER D 40 -17.90 -36.98 -10.38
N THR D 41 -18.44 -36.99 -11.59
CA THR D 41 -18.34 -35.84 -12.47
C THR D 41 -19.03 -34.65 -11.83
N GLN D 42 -20.27 -34.86 -11.41
CA GLN D 42 -21.05 -33.81 -10.80
C GLN D 42 -20.40 -33.27 -9.54
N LYS D 43 -19.93 -34.15 -8.69
CA LYS D 43 -19.31 -33.71 -7.45
C LYS D 43 -18.06 -32.85 -7.75
N ALA D 44 -17.35 -33.14 -8.84
CA ALA D 44 -16.21 -32.30 -9.30
C ALA D 44 -16.64 -30.96 -9.94
N ILE D 45 -17.70 -30.96 -10.74
CA ILE D 45 -18.28 -29.71 -11.22
C ILE D 45 -18.70 -28.76 -10.08
N ASP D 46 -19.35 -29.29 -9.05
CA ASP D 46 -19.70 -28.47 -7.87
C ASP D 46 -18.45 -27.92 -7.15
N GLY D 47 -17.40 -28.73 -7.00
CA GLY D 47 -16.17 -28.28 -6.35
C GLY D 47 -15.40 -27.21 -7.10
N ILE D 48 -15.15 -27.47 -8.38
CA ILE D 48 -14.49 -26.49 -9.24
C ILE D 48 -15.31 -25.19 -9.37
N THR D 49 -16.64 -25.29 -9.44
CA THR D 49 -17.46 -24.12 -9.63
C THR D 49 -17.32 -23.30 -8.36
N ASN D 50 -17.38 -23.96 -7.21
CA ASN D 50 -17.21 -23.29 -5.93
C ASN D 50 -15.87 -22.62 -5.86
N LYS D 51 -14.85 -23.24 -6.44
CA LYS D 51 -13.51 -22.69 -6.37
C LYS D 51 -13.46 -21.42 -7.20
N VAL D 52 -13.88 -21.49 -8.46
CA VAL D 52 -13.99 -20.32 -9.32
C VAL D 52 -14.79 -19.17 -8.62
N ASN D 53 -15.97 -19.46 -8.07
CA ASN D 53 -16.81 -18.43 -7.46
C ASN D 53 -16.20 -17.86 -6.18
N SER D 54 -15.43 -18.67 -5.46
CA SER D 54 -14.79 -18.18 -4.27
C SER D 54 -13.68 -17.21 -4.64
N ILE D 55 -12.98 -17.50 -5.72
CA ILE D 55 -11.89 -16.63 -6.17
C ILE D 55 -12.44 -15.32 -6.68
N ILE D 56 -13.46 -15.40 -7.52
CA ILE D 56 -14.22 -14.24 -7.94
C ILE D 56 -14.71 -13.41 -6.74
N ASN D 57 -15.37 -14.04 -5.80
CA ASN D 57 -15.84 -13.35 -4.62
C ASN D 57 -14.70 -12.68 -3.82
N LYS D 58 -13.57 -13.33 -3.58
CA LYS D 58 -12.56 -12.71 -2.75
C LYS D 58 -11.81 -11.60 -3.46
N MET D 59 -11.74 -11.68 -4.79
CA MET D 59 -11.16 -10.63 -5.65
C MET D 59 -12.13 -9.45 -5.96
N ASN D 60 -13.25 -9.38 -5.27
CA ASN D 60 -14.28 -8.44 -5.64
C ASN D 60 -14.15 -7.11 -4.94
N THR D 61 -12.93 -6.58 -4.83
CA THR D 61 -12.72 -5.22 -4.34
C THR D 61 -11.81 -4.56 -5.34
N GLN D 62 -11.72 -3.23 -5.30
CA GLN D 62 -10.84 -2.50 -6.24
C GLN D 62 -10.09 -1.39 -5.56
N PHE D 63 -8.80 -1.34 -5.83
CA PHE D 63 -8.04 -0.16 -5.48
C PHE D 63 -8.37 0.91 -6.53
N GLU D 64 -8.71 2.11 -6.05
CA GLU D 64 -9.10 3.17 -6.94
C GLU D 64 -8.04 4.26 -7.02
N ALA D 65 -7.31 4.25 -8.13
CA ALA D 65 -6.40 5.32 -8.48
C ALA D 65 -7.18 6.60 -8.79
N VAL D 66 -6.49 7.73 -8.76
CA VAL D 66 -7.16 9.01 -8.75
C VAL D 66 -6.48 10.03 -9.66
N ASP D 67 -7.27 10.86 -10.32
CA ASP D 67 -6.78 11.84 -11.30
C ASP D 67 -6.23 13.19 -10.75
N HIS D 68 -6.06 13.33 -9.43
CA HIS D 68 -5.65 14.60 -8.83
C HIS D 68 -4.31 15.07 -9.34
N GLU D 69 -4.18 16.38 -9.50
CA GLU D 69 -2.95 17.02 -9.97
C GLU D 69 -2.07 17.50 -8.83
N PHE D 70 -0.83 17.84 -9.14
CA PHE D 70 0.14 18.31 -8.17
C PHE D 70 1.03 19.41 -8.74
N SER D 71 1.34 20.42 -7.95
CA SER D 71 2.05 21.58 -8.49
C SER D 71 3.52 21.25 -8.62
N ASN D 72 4.27 22.18 -9.21
CA ASN D 72 5.69 22.00 -9.31
C ASN D 72 6.38 22.06 -7.92
N LEU D 73 5.66 22.51 -6.88
CA LEU D 73 6.17 22.48 -5.51
C LEU D 73 5.62 21.31 -4.69
N GLU D 74 5.06 20.31 -5.38
CA GLU D 74 4.49 19.11 -4.71
C GLU D 74 5.04 17.85 -5.38
N ARG D 75 6.32 17.87 -5.68
CA ARG D 75 6.98 16.73 -6.26
C ARG D 75 7.00 15.57 -5.26
N ARG D 76 7.17 15.85 -3.99
CA ARG D 76 7.22 14.77 -3.02
C ARG D 76 5.89 13.99 -2.83
N ILE D 77 4.77 14.68 -2.61
CA ILE D 77 3.50 13.97 -2.49
C ILE D 77 2.98 13.47 -3.83
N GLY D 78 3.28 14.17 -4.92
CA GLY D 78 2.97 13.63 -6.22
C GLY D 78 3.58 12.26 -6.34
N ASN D 79 4.86 12.13 -6.01
CA ASN D 79 5.57 10.87 -6.11
C ASN D 79 5.14 9.84 -5.01
N LEU D 80 4.69 10.32 -3.85
CA LEU D 80 4.12 9.43 -2.86
C LEU D 80 2.85 8.78 -3.45
N ASN D 81 2.04 9.57 -4.12
CA ASN D 81 0.85 9.04 -4.73
C ASN D 81 1.20 8.00 -5.79
N LYS D 82 2.12 8.34 -6.67
CA LYS D 82 2.51 7.40 -7.73
C LYS D 82 3.09 6.12 -7.12
N ARG D 83 3.99 6.26 -6.18
CA ARG D 83 4.58 5.07 -5.58
C ARG D 83 3.53 4.17 -4.92
N MET D 84 2.52 4.79 -4.31
CA MET D 84 1.47 4.06 -3.68
C MET D 84 0.59 3.31 -4.69
N GLU D 85 0.16 4.04 -5.72
CA GLU D 85 -0.71 3.48 -6.72
C GLU D 85 -0.05 2.29 -7.46
N ASP D 86 1.23 2.42 -7.78
CA ASP D 86 1.95 1.33 -8.42
C ASP D 86 2.16 0.19 -7.45
N GLY D 87 2.26 0.53 -6.18
CA GLY D 87 2.51 -0.44 -5.14
C GLY D 87 1.36 -1.40 -5.08
N PHE D 88 0.14 -0.88 -5.02
CA PHE D 88 -1.00 -1.77 -4.92
C PHE D 88 -1.23 -2.52 -6.24
N LEU D 89 -1.06 -1.86 -7.37
CA LEU D 89 -1.09 -2.55 -8.63
C LEU D 89 -0.11 -3.73 -8.65
N ASP D 90 1.10 -3.55 -8.14
CA ASP D 90 2.06 -4.67 -8.11
C ASP D 90 1.62 -5.77 -7.12
N VAL D 91 1.05 -5.40 -5.99
CA VAL D 91 0.56 -6.42 -5.07
C VAL D 91 -0.58 -7.26 -5.62
N TRP D 92 -1.59 -6.61 -6.22
CA TRP D 92 -2.74 -7.33 -6.80
C TRP D 92 -2.37 -8.13 -8.02
N THR D 93 -1.49 -7.62 -8.86
CA THR D 93 -1.00 -8.37 -10.04
C THR D 93 -0.31 -9.65 -9.62
N TYR D 94 0.50 -9.57 -8.58
CA TYR D 94 1.17 -10.74 -8.02
C TYR D 94 0.13 -11.71 -7.48
N ASN D 95 -0.82 -11.22 -6.67
CA ASN D 95 -1.77 -12.11 -6.06
C ASN D 95 -2.55 -12.88 -7.06
N ALA D 96 -3.02 -12.20 -8.11
CA ALA D 96 -3.79 -12.86 -9.15
C ALA D 96 -2.99 -13.86 -9.99
N GLU D 97 -1.82 -13.44 -10.46
CA GLU D 97 -0.98 -14.29 -11.31
C GLU D 97 -0.51 -15.55 -10.61
N LEU D 98 -0.18 -15.45 -9.32
CA LEU D 98 0.31 -16.61 -8.59
C LEU D 98 -0.82 -17.57 -8.22
N LEU D 99 -1.90 -17.02 -7.72
CA LEU D 99 -3.08 -17.79 -7.45
C LEU D 99 -3.45 -18.69 -8.64
N VAL D 100 -3.44 -18.12 -9.84
CA VAL D 100 -3.86 -18.86 -11.02
C VAL D 100 -2.88 -20.02 -11.29
N LEU D 101 -1.61 -19.73 -11.15
CA LEU D 101 -0.59 -20.71 -11.33
C LEU D 101 -0.74 -21.85 -10.33
N LEU D 102 -1.02 -21.51 -9.07
CA LEU D 102 -1.12 -22.49 -8.01
C LEU D 102 -2.38 -23.29 -8.15
N GLU D 103 -3.47 -22.61 -8.40
CA GLU D 103 -4.75 -23.28 -8.45
C GLU D 103 -4.89 -24.18 -9.66
N ASN D 104 -4.26 -23.83 -10.75
CA ASN D 104 -4.29 -24.69 -11.91
C ASN D 104 -3.53 -25.97 -11.66
N GLU D 105 -2.43 -25.89 -10.94
CA GLU D 105 -1.69 -27.07 -10.59
C GLU D 105 -2.62 -27.96 -9.79
N ARG D 106 -3.32 -27.38 -8.84
CA ARG D 106 -4.08 -28.20 -7.90
C ARG D 106 -5.38 -28.74 -8.46
N THR D 107 -5.93 -28.03 -9.44
CA THR D 107 -7.08 -28.50 -10.20
C THR D 107 -6.74 -29.73 -11.10
N LEU D 108 -5.62 -29.71 -11.80
CA LEU D 108 -5.26 -30.90 -12.53
C LEU D 108 -5.14 -32.09 -11.60
N ASP D 109 -4.48 -31.91 -10.44
CA ASP D 109 -4.31 -33.00 -9.46
C ASP D 109 -5.65 -33.58 -9.00
N LEU D 110 -6.64 -32.70 -8.84
CA LEU D 110 -7.94 -33.14 -8.40
C LEU D 110 -8.57 -34.07 -9.44
N HIS D 111 -8.62 -33.64 -10.68
CA HIS D 111 -9.08 -34.52 -11.74
C HIS D 111 -8.31 -35.84 -11.78
N ASP D 112 -6.98 -35.75 -11.72
CA ASP D 112 -6.13 -36.93 -11.70
C ASP D 112 -6.55 -37.89 -10.57
N ALA D 113 -6.81 -37.34 -9.39
CA ALA D 113 -7.24 -38.17 -8.26
C ALA D 113 -8.59 -38.82 -8.48
N ASN D 114 -9.49 -38.12 -9.14
CA ASN D 114 -10.84 -38.64 -9.28
C ASN D 114 -10.85 -39.76 -10.26
N VAL D 115 -10.01 -39.67 -11.28
CA VAL D 115 -9.83 -40.80 -12.21
C VAL D 115 -9.20 -42.01 -11.53
N LYS D 116 -8.16 -41.78 -10.76
CA LYS D 116 -7.51 -42.87 -10.02
C LYS D 116 -8.46 -43.55 -9.05
N ASN D 117 -9.26 -42.78 -8.34
CA ASN D 117 -10.18 -43.37 -7.37
C ASN D 117 -11.25 -44.20 -8.05
N LEU D 118 -11.72 -43.76 -9.22
CA LEU D 118 -12.69 -44.52 -9.97
C LEU D 118 -12.11 -45.86 -10.33
N TYR D 119 -10.89 -45.82 -10.85
CA TYR D 119 -10.19 -47.03 -11.22
C TYR D 119 -10.05 -47.95 -10.02
N GLU D 120 -9.70 -47.40 -8.87
CA GLU D 120 -9.52 -48.23 -7.71
C GLU D 120 -10.85 -48.86 -7.24
N LYS D 121 -11.95 -48.12 -7.34
CA LYS D 121 -13.27 -48.67 -6.98
C LYS D 121 -13.61 -49.88 -7.82
N VAL D 122 -13.41 -49.77 -9.13
CA VAL D 122 -13.71 -50.88 -9.97
C VAL D 122 -12.79 -52.05 -9.62
N LYS D 123 -11.51 -51.78 -9.42
CA LYS D 123 -10.56 -52.82 -9.07
C LYS D 123 -10.97 -53.63 -7.85
N SER D 124 -11.50 -52.97 -6.82
CA SER D 124 -11.95 -53.65 -5.60
C SER D 124 -13.13 -54.59 -5.71
N GLN D 125 -14.06 -54.26 -6.59
CA GLN D 125 -15.20 -55.10 -6.81
C GLN D 125 -14.79 -56.36 -7.59
N LEU D 126 -14.03 -56.14 -8.66
CA LEU D 126 -13.69 -57.21 -9.57
C LEU D 126 -12.72 -58.24 -9.01
N ARG D 127 -11.69 -57.78 -8.31
CA ARG D 127 -10.72 -58.66 -7.72
C ARG D 127 -10.11 -59.56 -8.77
N ASP D 128 -10.12 -60.87 -8.55
CA ASP D 128 -9.54 -61.83 -9.49
C ASP D 128 -10.57 -62.44 -10.46
N ASN D 129 -11.78 -61.89 -10.48
CA ASN D 129 -12.70 -62.15 -11.58
C ASN D 129 -12.38 -61.36 -12.83
N ALA D 130 -11.35 -60.51 -12.81
CA ALA D 130 -10.82 -59.90 -14.04
C ALA D 130 -9.32 -59.78 -14.00
N ASN D 131 -8.74 -59.56 -15.17
CA ASN D 131 -7.32 -59.41 -15.36
C ASN D 131 -7.03 -57.97 -15.70
N ASP D 132 -5.99 -57.41 -15.07
CA ASP D 132 -5.49 -56.09 -15.43
C ASP D 132 -4.71 -56.22 -16.76
N LEU D 133 -5.24 -55.59 -17.80
CA LEU D 133 -4.45 -55.26 -18.99
C LEU D 133 -3.68 -54.01 -18.59
N GLY D 134 -3.75 -52.88 -19.26
CA GLY D 134 -2.88 -51.82 -18.72
C GLY D 134 -3.38 -50.42 -18.64
N ASN D 135 -4.09 -50.03 -19.66
CA ASN D 135 -4.48 -48.65 -19.72
C ASN D 135 -5.70 -48.44 -18.84
N GLY D 136 -5.77 -48.95 -17.59
CA GLY D 136 -7.00 -48.82 -16.83
C GLY D 136 -8.12 -49.69 -17.38
N CYS D 137 -7.80 -50.73 -18.15
CA CYS D 137 -8.83 -51.68 -18.66
C CYS D 137 -8.81 -53.00 -17.90
N PHE D 138 -9.97 -53.63 -17.78
CA PHE D 138 -10.13 -54.94 -17.14
C PHE D 138 -10.79 -55.93 -18.11
N GLU D 139 -10.15 -57.08 -18.31
CA GLU D 139 -10.73 -58.18 -19.06
C GLU D 139 -11.39 -59.14 -18.11
N PHE D 140 -12.67 -59.41 -18.30
CA PHE D 140 -13.35 -60.31 -17.40
C PHE D 140 -12.95 -61.76 -17.68
N TRP D 141 -12.84 -62.55 -16.60
CA TRP D 141 -12.61 -63.98 -16.71
C TRP D 141 -13.96 -64.68 -16.92
N HIS D 142 -14.96 -63.93 -17.37
CA HIS D 142 -16.33 -64.40 -17.44
C HIS D 142 -17.19 -63.50 -18.31
N LYS D 143 -18.39 -63.98 -18.61
CA LYS D 143 -19.32 -63.33 -19.53
C LYS D 143 -20.02 -62.20 -18.77
N CYS D 144 -19.83 -60.97 -19.22
CA CYS D 144 -20.40 -59.82 -18.53
C CYS D 144 -21.33 -59.02 -19.46
N ASP D 145 -22.61 -59.32 -19.38
CA ASP D 145 -23.59 -58.66 -20.21
C ASP D 145 -23.86 -57.26 -19.71
N ASN D 146 -24.76 -56.52 -20.34
CA ASN D 146 -25.03 -55.15 -19.95
C ASN D 146 -25.47 -54.97 -18.54
N GLU D 147 -26.29 -55.88 -18.03
CA GLU D 147 -26.76 -55.76 -16.65
C GLU D 147 -25.58 -55.92 -15.71
N CYS D 148 -24.68 -56.84 -16.03
CA CYS D 148 -23.46 -57.02 -15.27
C CYS D 148 -22.54 -55.79 -15.40
N MET D 149 -22.50 -55.18 -16.58
CA MET D 149 -21.75 -53.95 -16.74
C MET D 149 -22.31 -52.87 -15.84
N GLU D 150 -23.62 -52.66 -15.85
CA GLU D 150 -24.24 -51.60 -15.05
C GLU D 150 -23.93 -51.88 -13.59
N SER D 151 -23.98 -53.15 -13.23
CA SER D 151 -23.63 -53.67 -11.94
C SER D 151 -22.31 -53.06 -11.42
N VAL D 152 -21.26 -53.15 -12.25
CA VAL D 152 -19.92 -52.62 -11.92
C VAL D 152 -19.96 -51.10 -11.73
N LYS D 153 -20.68 -50.43 -12.60
CA LYS D 153 -20.72 -48.98 -12.57
C LYS D 153 -21.45 -48.43 -11.37
N ASN D 154 -22.57 -49.06 -10.98
CA ASN D 154 -23.36 -48.57 -9.84
C ASN D 154 -22.88 -49.11 -8.49
N GLY D 155 -21.85 -49.95 -8.49
CA GLY D 155 -21.20 -50.39 -7.24
C GLY D 155 -21.80 -51.60 -6.58
N THR D 156 -22.43 -52.49 -7.36
CA THR D 156 -23.19 -53.62 -6.82
C THR D 156 -22.81 -54.97 -7.47
N TYR D 157 -21.54 -55.18 -7.78
CA TYR D 157 -21.14 -56.20 -8.72
C TYR D 157 -21.48 -57.67 -8.39
N ASP D 158 -21.12 -58.19 -7.22
CA ASP D 158 -21.50 -59.63 -6.91
C ASP D 158 -20.42 -60.59 -7.40
N TYR D 159 -19.27 -60.49 -6.75
CA TYR D 159 -18.14 -61.37 -6.99
C TYR D 159 -18.55 -62.84 -6.84
N PRO D 160 -19.26 -63.19 -5.74
CA PRO D 160 -19.60 -64.61 -5.55
C PRO D 160 -20.22 -65.26 -6.79
N LYS D 161 -21.24 -64.63 -7.36
CA LYS D 161 -21.86 -65.12 -8.59
C LYS D 161 -21.00 -65.45 -9.82
N TYR D 162 -19.87 -64.81 -10.07
CA TYR D 162 -19.02 -65.16 -11.25
C TYR D 162 -17.69 -65.80 -10.93
N GLN D 163 -17.54 -66.20 -9.69
CA GLN D 163 -16.28 -66.68 -9.13
C GLN D 163 -15.95 -68.07 -9.65
N LYS D 164 -16.92 -68.97 -9.55
CA LYS D 164 -16.73 -70.30 -10.11
C LYS D 164 -16.44 -70.19 -11.62
N GLU D 165 -17.29 -69.49 -12.38
CA GLU D 165 -17.03 -69.32 -13.82
C GLU D 165 -15.63 -68.72 -14.13
N SER D 166 -15.25 -67.69 -13.36
CA SER D 166 -13.98 -66.98 -13.49
C SER D 166 -12.75 -67.85 -13.18
N LYS D 167 -12.83 -68.71 -12.16
CA LYS D 167 -11.69 -69.58 -11.78
C LYS D 167 -11.32 -70.61 -12.88
N LEU D 168 -12.31 -71.28 -13.45
CA LEU D 168 -12.12 -71.93 -14.75
C LEU D 168 -12.01 -70.76 -15.65
N ASN D 169 -11.10 -70.80 -16.60
CA ASN D 169 -10.70 -69.58 -17.36
C ASN D 169 -9.54 -69.05 -16.49
N ARG D 170 -8.34 -69.64 -16.60
CA ARG D 170 -7.16 -69.34 -15.69
C ARG D 170 -6.34 -70.63 -15.34
N GLY E 1 5.62 -37.97 4.43
CA GLY E 1 4.92 -37.73 3.18
C GLY E 1 3.44 -38.04 3.27
N ILE E 2 2.64 -37.43 2.40
CA ILE E 2 1.21 -37.64 2.38
C ILE E 2 0.84 -38.85 1.54
N PHE E 3 1.71 -39.19 0.58
CA PHE E 3 1.47 -40.33 -0.29
C PHE E 3 1.93 -41.61 0.35
N GLY E 4 2.60 -41.47 1.48
CA GLY E 4 2.85 -42.60 2.37
C GLY E 4 4.18 -43.30 2.13
N ALA E 5 4.96 -42.87 1.15
CA ALA E 5 6.11 -43.66 0.73
C ALA E 5 7.42 -43.24 1.37
N ILE E 6 7.75 -41.96 1.27
CA ILE E 6 8.98 -41.44 1.84
C ILE E 6 8.82 -41.31 3.34
N ALA E 7 9.66 -42.05 4.06
CA ALA E 7 9.61 -42.07 5.50
C ALA E 7 8.25 -42.31 6.16
N GLY E 8 7.35 -43.19 5.74
CA GLY E 8 7.39 -44.02 4.58
C GLY E 8 7.03 -45.44 4.98
N PHE E 9 6.23 -46.12 4.16
CA PHE E 9 6.32 -47.55 4.06
C PHE E 9 7.64 -47.95 3.42
N ILE E 10 8.33 -46.98 2.78
CA ILE E 10 9.73 -47.15 2.45
C ILE E 10 10.49 -46.27 3.43
N GLU E 11 10.79 -46.81 4.61
CA GLU E 11 11.52 -46.02 5.64
C GLU E 11 12.91 -45.83 5.12
N GLY E 12 13.47 -44.67 5.26
CA GLY E 12 14.86 -44.54 4.79
C GLY E 12 15.18 -44.40 3.28
N GLY E 13 16.10 -43.49 2.96
CA GLY E 13 16.53 -43.29 1.61
C GLY E 13 17.80 -44.06 1.35
N TRP E 14 18.42 -43.80 0.21
CA TRP E 14 19.62 -44.54 -0.19
C TRP E 14 20.83 -43.63 -0.51
N THR E 15 21.82 -43.57 0.38
CA THR E 15 22.98 -42.77 0.06
C THR E 15 23.73 -43.39 -1.11
N GLY E 16 23.50 -44.65 -1.38
CA GLY E 16 24.21 -45.34 -2.44
C GLY E 16 23.68 -45.15 -3.85
N MET E 17 22.53 -44.49 -3.99
CA MET E 17 21.98 -44.18 -5.32
C MET E 17 22.32 -42.72 -5.62
N ILE E 18 23.40 -42.55 -6.36
CA ILE E 18 24.08 -41.26 -6.47
C ILE E 18 23.57 -40.42 -7.63
N ASP E 19 22.91 -41.03 -8.59
CA ASP E 19 22.71 -40.42 -9.92
C ASP E 19 21.27 -39.97 -10.20
N GLY E 20 20.42 -39.95 -9.19
CA GLY E 20 19.02 -39.54 -9.41
C GLY E 20 18.33 -39.35 -8.07
N TRP E 21 17.05 -38.96 -8.14
CA TRP E 21 16.23 -38.73 -6.94
C TRP E 21 15.40 -39.93 -6.52
N TYR E 22 14.99 -40.70 -7.53
CA TYR E 22 14.18 -41.91 -7.37
C TYR E 22 14.78 -43.03 -8.22
N GLY E 23 14.72 -44.27 -7.75
CA GLY E 23 15.16 -45.37 -8.59
C GLY E 23 15.06 -46.75 -7.95
N TYR E 24 16.03 -47.60 -8.28
CA TYR E 24 15.97 -49.03 -7.95
C TYR E 24 17.22 -49.62 -7.31
N HIS E 25 17.01 -50.60 -6.44
CA HIS E 25 18.05 -51.43 -5.82
C HIS E 25 17.71 -52.85 -6.10
N HIS E 26 18.67 -53.64 -6.57
CA HIS E 26 18.40 -55.03 -6.88
C HIS E 26 19.43 -55.93 -6.26
N GLU E 27 19.06 -57.21 -6.13
CA GLU E 27 19.97 -58.25 -5.69
C GLU E 27 19.63 -59.54 -6.36
N ASN E 28 20.64 -60.19 -6.92
CA ASN E 28 20.51 -61.51 -7.56
C ASN E 28 21.83 -62.27 -7.50
N SER E 29 21.88 -63.42 -8.15
CA SER E 29 23.09 -64.25 -8.15
C SER E 29 24.36 -63.51 -8.64
N GLN E 30 24.23 -62.64 -9.63
CA GLN E 30 25.38 -61.90 -10.15
C GLN E 30 25.84 -60.74 -9.27
N GLY E 31 25.08 -60.35 -8.26
CA GLY E 31 25.51 -59.33 -7.33
C GLY E 31 24.36 -58.42 -6.98
N SER E 32 24.69 -57.17 -6.64
CA SER E 32 23.69 -56.19 -6.24
C SER E 32 24.07 -54.73 -6.54
N GLY E 33 23.09 -53.85 -6.61
CA GLY E 33 23.39 -52.43 -6.87
C GLY E 33 22.20 -51.48 -6.90
N TYR E 34 22.48 -50.26 -7.34
CA TYR E 34 21.58 -49.11 -7.31
C TYR E 34 21.54 -48.51 -8.69
N ALA E 35 20.37 -48.00 -9.10
CA ALA E 35 20.23 -47.30 -10.40
C ALA E 35 19.02 -46.38 -10.46
N ALA E 36 19.25 -45.12 -10.82
CA ALA E 36 18.19 -44.13 -10.88
C ALA E 36 17.24 -44.47 -12.01
N ASP E 37 15.99 -44.02 -11.87
CA ASP E 37 15.06 -43.92 -12.98
C ASP E 37 15.20 -42.51 -13.53
N ARG E 38 15.83 -42.39 -14.71
CA ARG E 38 16.08 -41.09 -15.34
C ARG E 38 14.82 -40.36 -15.76
N GLU E 39 13.83 -41.06 -16.33
CA GLU E 39 12.59 -40.43 -16.84
C GLU E 39 11.82 -39.70 -15.73
N SER E 40 11.65 -40.35 -14.59
CA SER E 40 10.89 -39.72 -13.51
C SER E 40 11.71 -38.65 -12.76
N THR E 41 13.01 -38.89 -12.60
CA THR E 41 13.84 -37.88 -11.96
C THR E 41 13.80 -36.62 -12.80
N GLN E 42 14.06 -36.78 -14.09
CA GLN E 42 14.14 -35.64 -14.99
C GLN E 42 12.82 -34.89 -15.03
N LYS E 43 11.74 -35.63 -15.15
CA LYS E 43 10.44 -34.98 -15.22
C LYS E 43 10.16 -34.17 -13.92
N ALA E 44 10.67 -34.62 -12.76
CA ALA E 44 10.62 -33.83 -11.52
C ALA E 44 11.56 -32.62 -11.49
N ILE E 45 12.77 -32.78 -11.99
CA ILE E 45 13.67 -31.65 -12.13
C ILE E 45 13.03 -30.53 -12.97
N ASP E 46 12.41 -30.91 -14.09
CA ASP E 46 11.71 -29.90 -14.94
C ASP E 46 10.57 -29.21 -14.20
N GLY E 47 9.79 -29.95 -13.42
CA GLY E 47 8.70 -29.37 -12.68
C GLY E 47 9.12 -28.43 -11.57
N ILE E 48 10.02 -28.90 -10.70
CA ILE E 48 10.60 -28.08 -9.64
C ILE E 48 11.34 -26.83 -10.18
N THR E 49 12.03 -26.95 -11.31
CA THR E 49 12.77 -25.83 -11.90
C THR E 49 11.77 -24.79 -12.36
N ASN E 50 10.72 -25.25 -13.01
CA ASN E 50 9.67 -24.37 -13.43
C ASN E 50 9.02 -23.69 -12.27
N LYS E 51 8.88 -24.39 -11.15
CA LYS E 51 8.25 -23.81 -9.98
C LYS E 51 9.12 -22.72 -9.43
N VAL E 52 10.38 -23.02 -9.18
CA VAL E 52 11.35 -21.99 -8.76
C VAL E 52 11.34 -20.77 -9.70
N ASN E 53 11.41 -20.99 -11.02
CA ASN E 53 11.49 -19.87 -11.96
C ASN E 53 10.18 -19.07 -12.03
N SER E 54 9.05 -19.73 -11.79
CA SER E 54 7.78 -19.03 -11.77
C SER E 54 7.69 -18.12 -10.54
N ILE E 55 8.23 -18.57 -9.42
CA ILE E 55 8.23 -17.77 -8.23
C ILE E 55 9.17 -16.55 -8.35
N ILE E 56 10.39 -16.80 -8.80
CA ILE E 56 11.32 -15.76 -9.14
C ILE E 56 10.67 -14.76 -10.10
N ASN E 57 10.09 -15.23 -11.19
CA ASN E 57 9.45 -14.35 -12.14
C ASN E 57 8.31 -13.51 -11.55
N LYS E 58 7.44 -14.08 -10.73
CA LYS E 58 6.30 -13.29 -10.20
C LYS E 58 6.72 -12.30 -9.16
N MET E 59 7.79 -12.62 -8.42
CA MET E 59 8.40 -11.73 -7.42
C MET E 59 9.36 -10.67 -8.03
N ASN E 60 9.37 -10.50 -9.34
CA ASN E 60 10.37 -9.68 -9.96
C ASN E 60 9.98 -8.23 -10.12
N THR E 61 9.31 -7.64 -9.13
CA THR E 61 9.02 -6.19 -9.11
C THR E 61 9.46 -5.72 -7.74
N GLN E 62 9.63 -4.40 -7.58
CA GLN E 62 10.07 -3.84 -6.31
C GLN E 62 9.30 -2.59 -5.92
N PHE E 63 8.90 -2.54 -4.65
CA PHE E 63 8.44 -1.31 -4.07
C PHE E 63 9.68 -0.46 -3.75
N GLU E 64 9.65 0.78 -4.21
CA GLU E 64 10.81 1.64 -4.05
C GLU E 64 10.54 2.73 -3.02
N ALA E 65 11.10 2.52 -1.84
CA ALA E 65 11.12 3.51 -0.80
C ALA E 65 12.01 4.67 -1.23
N VAL E 66 11.85 5.81 -0.56
CA VAL E 66 12.42 7.05 -1.04
C VAL E 66 13.03 7.88 0.08
N ASP E 67 14.13 8.51 -0.20
CA ASP E 67 14.93 9.31 0.78
C ASP E 67 14.47 10.76 1.06
N HIS E 68 13.30 11.17 0.56
CA HIS E 68 12.84 12.55 0.67
C HIS E 68 12.70 12.95 2.11
N GLU E 69 13.03 14.20 2.39
CA GLU E 69 12.88 14.81 3.72
C GLU E 69 11.55 15.54 3.91
N PHE E 70 11.25 15.83 5.16
CA PHE E 70 10.00 16.48 5.53
C PHE E 70 10.21 17.46 6.62
N SER E 71 9.56 18.61 6.55
CA SER E 71 9.86 19.68 7.51
C SER E 71 9.19 19.41 8.87
N ASN E 72 9.47 20.23 9.86
CA ASN E 72 8.80 20.12 11.13
C ASN E 72 7.30 20.52 11.02
N LEU E 73 6.87 21.13 9.90
CA LEU E 73 5.45 21.32 9.63
C LEU E 73 4.84 20.30 8.67
N GLU E 74 5.50 19.16 8.48
CA GLU E 74 5.01 18.08 7.62
C GLU E 74 5.05 16.74 8.36
N ARG E 75 4.68 16.75 9.62
CA ARG E 75 4.66 15.55 10.42
C ARG E 75 3.60 14.58 9.87
N ARG E 76 2.47 15.10 9.40
CA ARG E 76 1.42 14.23 8.89
C ARG E 76 1.77 13.45 7.62
N ILE E 77 2.30 14.11 6.58
CA ILE E 77 2.72 13.39 5.38
C ILE E 77 4.00 12.61 5.57
N GLY E 78 4.88 13.11 6.42
CA GLY E 78 6.07 12.33 6.74
C GLY E 78 5.65 10.98 7.26
N ASN E 79 4.69 10.96 8.17
CA ASN E 79 4.19 9.75 8.74
C ASN E 79 3.31 8.93 7.78
N LEU E 80 2.64 9.58 6.86
CA LEU E 80 1.89 8.87 5.83
C LEU E 80 2.90 8.06 5.01
N ASN E 81 4.01 8.69 4.68
CA ASN E 81 5.03 8.04 3.88
C ASN E 81 5.57 6.83 4.66
N LYS E 82 5.92 7.03 5.93
CA LYS E 82 6.44 5.92 6.73
C LYS E 82 5.41 4.79 6.82
N ARG E 83 4.17 5.11 7.15
CA ARG E 83 3.19 4.08 7.34
C ARG E 83 2.97 3.28 6.04
N MET E 84 3.02 3.99 4.91
CA MET E 84 2.91 3.35 3.62
C MET E 84 4.09 2.40 3.34
N GLU E 85 5.30 2.91 3.49
CA GLU E 85 6.51 2.14 3.18
C GLU E 85 6.60 0.86 4.02
N ASP E 86 6.29 0.96 5.31
CA ASP E 86 6.27 -0.21 6.20
C ASP E 86 5.13 -1.15 5.85
N GLY E 87 4.05 -0.57 5.30
CA GLY E 87 2.89 -1.33 4.93
C GLY E 87 3.21 -2.28 3.80
N PHE E 88 3.85 -1.79 2.74
CA PHE E 88 4.21 -2.66 1.65
C PHE E 88 5.33 -3.64 2.03
N LEU E 89 6.33 -3.19 2.75
CA LEU E 89 7.29 -4.09 3.31
C LEU E 89 6.60 -5.24 4.08
N ASP E 90 5.61 -4.96 4.91
CA ASP E 90 4.98 -6.05 5.63
C ASP E 90 4.22 -6.97 4.66
N VAL E 91 3.59 -6.41 3.62
CA VAL E 91 2.83 -7.25 2.71
C VAL E 91 3.71 -8.21 1.96
N TRP E 92 4.80 -7.72 1.43
CA TRP E 92 5.71 -8.55 0.68
C TRP E 92 6.45 -9.54 1.54
N THR E 93 6.83 -9.15 2.75
CA THR E 93 7.47 -10.08 3.69
C THR E 93 6.54 -11.27 4.01
N TYR E 94 5.25 -10.99 4.19
CA TYR E 94 4.26 -12.02 4.39
C TYR E 94 4.16 -12.91 3.16
N ASN E 95 4.00 -12.30 1.98
CA ASN E 95 3.81 -13.10 0.79
C ASN E 95 4.93 -14.06 0.55
N ALA E 96 6.16 -13.58 0.70
CA ALA E 96 7.34 -14.43 0.50
C ALA E 96 7.44 -15.55 1.55
N GLU E 97 7.35 -15.19 2.83
CA GLU E 97 7.54 -16.15 3.92
C GLU E 97 6.51 -17.27 3.92
N LEU E 98 5.26 -16.93 3.57
CA LEU E 98 4.23 -17.92 3.53
C LEU E 98 4.30 -18.81 2.29
N LEU E 99 4.51 -18.19 1.13
CA LEU E 99 4.75 -18.93 -0.07
C LEU E 99 5.80 -20.04 0.12
N VAL E 100 6.93 -19.68 0.72
CA VAL E 100 8.02 -20.65 0.92
C VAL E 100 7.55 -21.81 1.83
N LEU E 101 6.83 -21.47 2.87
CA LEU E 101 6.30 -22.45 3.77
C LEU E 101 5.36 -23.42 3.05
N LEU E 102 4.47 -22.86 2.22
CA LEU E 102 3.44 -23.63 1.54
C LEU E 102 4.05 -24.45 0.47
N GLU E 103 4.93 -23.84 -0.30
CA GLU E 103 5.51 -24.53 -1.44
C GLU E 103 6.45 -25.64 -1.02
N ASN E 104 7.13 -25.49 0.10
CA ASN E 104 7.98 -26.55 0.59
C ASN E 104 7.15 -27.72 1.06
N GLU E 105 6.00 -27.47 1.64
CA GLU E 105 5.12 -28.56 1.98
C GLU E 105 4.77 -29.32 0.71
N ARG E 106 4.44 -28.59 -0.33
CA ARG E 106 3.87 -29.25 -1.50
C ARG E 106 4.93 -29.92 -2.35
N THR E 107 6.13 -29.40 -2.31
CA THR E 107 7.27 -30.03 -2.94
C THR E 107 7.66 -31.40 -2.29
N LEU E 108 7.66 -31.50 -0.96
CA LEU E 108 7.87 -32.80 -0.37
C LEU E 108 6.80 -33.81 -0.81
N ASP E 109 5.54 -33.40 -0.80
CA ASP E 109 4.44 -34.26 -1.28
C ASP E 109 4.69 -34.74 -2.73
N LEU E 110 5.22 -33.85 -3.58
CA LEU E 110 5.41 -34.21 -4.97
C LEU E 110 6.42 -35.36 -5.08
N HIS E 111 7.58 -35.20 -4.42
CA HIS E 111 8.57 -36.26 -4.37
C HIS E 111 7.94 -37.54 -3.81
N ASP E 112 7.16 -37.40 -2.74
CA ASP E 112 6.50 -38.53 -2.16
C ASP E 112 5.64 -39.23 -3.21
N ALA E 113 4.88 -38.48 -3.97
CA ALA E 113 4.00 -39.05 -5.03
C ALA E 113 4.79 -39.76 -6.12
N ASN E 114 5.95 -39.21 -6.50
CA ASN E 114 6.70 -39.77 -7.61
C ASN E 114 7.29 -41.09 -7.21
N VAL E 115 7.72 -41.21 -5.96
CA VAL E 115 8.21 -42.48 -5.46
C VAL E 115 7.08 -43.52 -5.44
N LYS E 116 5.93 -43.12 -4.94
CA LYS E 116 4.79 -44.01 -4.86
C LYS E 116 4.39 -44.47 -6.27
N ASN E 117 4.41 -43.56 -7.25
CA ASN E 117 4.04 -43.94 -8.62
C ASN E 117 5.03 -44.89 -9.28
N LEU E 118 6.32 -44.73 -8.97
CA LEU E 118 7.32 -45.68 -9.43
C LEU E 118 7.02 -47.05 -8.88
N TYR E 119 6.74 -47.09 -7.58
CA TYR E 119 6.39 -48.33 -6.93
C TYR E 119 5.18 -48.96 -7.62
N GLU E 120 4.18 -48.16 -7.94
CA GLU E 120 3.01 -48.69 -8.57
C GLU E 120 3.28 -49.22 -10.00
N LYS E 121 4.13 -48.56 -10.77
CA LYS E 121 4.50 -49.05 -12.09
C LYS E 121 5.17 -50.40 -12.07
N VAL E 122 6.14 -50.56 -11.16
CA VAL E 122 6.81 -51.82 -11.05
C VAL E 122 5.80 -52.88 -10.62
N LYS E 123 4.97 -52.55 -9.64
CA LYS E 123 3.96 -53.47 -9.20
C LYS E 123 3.11 -54.01 -10.33
N SER E 124 2.72 -53.16 -11.28
CA SER E 124 1.86 -53.59 -12.41
C SER E 124 2.48 -54.56 -13.39
N GLN E 125 3.77 -54.45 -13.63
CA GLN E 125 4.49 -55.36 -14.51
C GLN E 125 4.62 -56.72 -13.85
N LEU E 126 5.07 -56.72 -12.61
CA LEU E 126 5.39 -57.94 -11.91
C LEU E 126 4.18 -58.77 -11.51
N ARG E 127 3.11 -58.13 -11.06
CA ARG E 127 1.89 -58.83 -10.70
C ARG E 127 2.19 -59.90 -9.69
N ASP E 128 1.75 -61.14 -9.96
CA ASP E 128 1.95 -62.24 -9.03
C ASP E 128 3.20 -63.08 -9.33
N ASN E 129 4.05 -62.61 -10.26
CA ASN E 129 5.41 -63.12 -10.40
C ASN E 129 6.36 -62.62 -9.33
N ALA E 130 5.89 -61.74 -8.44
CA ALA E 130 6.67 -61.40 -7.25
C ALA E 130 5.77 -61.19 -6.07
N ASN E 131 6.37 -61.19 -4.88
CA ASN E 131 5.67 -60.96 -3.65
C ASN E 131 5.99 -59.54 -3.20
N ASP E 132 4.95 -58.74 -2.86
CA ASP E 132 5.12 -57.33 -2.50
C ASP E 132 6.02 -57.07 -1.33
N LEU E 133 5.72 -57.58 -0.15
CA LEU E 133 6.58 -57.29 1.05
C LEU E 133 6.34 -55.96 1.80
N GLY E 134 5.73 -54.97 1.16
CA GLY E 134 5.34 -53.73 1.86
C GLY E 134 6.38 -52.64 2.12
N ASN E 135 7.66 -52.84 1.77
CA ASN E 135 8.68 -51.82 1.99
C ASN E 135 9.24 -51.29 0.67
N GLY E 136 8.42 -51.39 -0.37
CA GLY E 136 8.86 -51.04 -1.69
C GLY E 136 9.76 -52.06 -2.36
N CYS E 137 9.93 -53.24 -1.77
CA CYS E 137 10.76 -54.30 -2.35
C CYS E 137 9.87 -55.37 -2.90
N PHE E 138 10.33 -56.06 -3.94
CA PHE E 138 9.63 -57.16 -4.51
C PHE E 138 10.53 -58.36 -4.57
N GLU E 139 10.06 -59.47 -4.03
CA GLU E 139 10.79 -60.75 -4.06
C GLU E 139 10.29 -61.57 -5.22
N PHE E 140 11.16 -61.93 -6.17
CA PHE E 140 10.68 -62.68 -7.34
C PHE E 140 10.39 -64.14 -7.01
N TRP E 141 9.32 -64.65 -7.62
CA TRP E 141 8.97 -66.07 -7.49
C TRP E 141 9.77 -66.85 -8.53
N HIS E 142 10.87 -66.27 -8.99
CA HIS E 142 11.65 -66.81 -10.08
C HIS E 142 13.04 -66.18 -10.19
N LYS E 143 13.87 -66.76 -11.03
CA LYS E 143 15.26 -66.36 -11.21
C LYS E 143 15.29 -65.14 -12.09
N CYS E 144 15.80 -64.03 -11.57
CA CYS E 144 15.83 -62.79 -12.32
C CYS E 144 17.26 -62.27 -12.43
N ASP E 145 17.92 -62.62 -13.53
CA ASP E 145 19.29 -62.21 -13.78
C ASP E 145 19.33 -60.74 -14.18
N ASN E 146 20.52 -60.21 -14.48
CA ASN E 146 20.65 -58.78 -14.75
C ASN E 146 19.83 -58.32 -15.92
N GLU E 147 19.72 -59.15 -16.94
CA GLU E 147 18.96 -58.79 -18.14
C GLU E 147 17.48 -58.65 -17.78
N CYS E 148 17.02 -59.57 -16.94
CA CYS E 148 15.67 -59.50 -16.39
C CYS E 148 15.48 -58.28 -15.47
N MET E 149 16.49 -57.95 -14.70
CA MET E 149 16.41 -56.74 -13.91
C MET E 149 16.27 -55.49 -14.80
N GLU E 150 17.12 -55.36 -15.83
CA GLU E 150 17.04 -54.19 -16.72
C GLU E 150 15.69 -54.13 -17.37
N SER E 151 15.16 -55.30 -17.70
CA SER E 151 13.81 -55.50 -18.21
C SER E 151 12.76 -54.71 -17.39
N VAL E 152 12.77 -54.91 -16.07
CA VAL E 152 11.83 -54.25 -15.14
C VAL E 152 11.97 -52.73 -15.18
N LYS E 153 13.20 -52.29 -15.19
CA LYS E 153 13.47 -50.89 -15.12
C LYS E 153 13.11 -50.14 -16.39
N ASN E 154 13.37 -50.72 -17.54
CA ASN E 154 13.08 -50.07 -18.82
C ASN E 154 11.63 -50.26 -19.26
N GLY E 155 10.84 -51.01 -18.49
CA GLY E 155 9.39 -51.10 -18.71
C GLY E 155 9.00 -52.16 -19.72
N THR E 156 9.80 -53.24 -19.84
CA THR E 156 9.58 -54.28 -20.82
C THR E 156 9.66 -55.70 -20.22
N TYR E 157 9.08 -55.90 -19.03
CA TYR E 157 9.34 -57.09 -18.26
C TYR E 157 8.97 -58.47 -18.87
N ASP E 158 7.75 -58.69 -19.34
CA ASP E 158 7.43 -60.04 -19.95
C ASP E 158 6.97 -61.00 -18.86
N TYR E 159 5.80 -60.71 -18.30
CA TYR E 159 5.12 -61.56 -17.36
C TYR E 159 4.93 -62.97 -17.92
N PRO E 160 4.41 -63.10 -19.17
CA PRO E 160 4.15 -64.46 -19.72
C PRO E 160 5.35 -65.40 -19.58
N LYS E 161 6.51 -64.98 -20.02
CA LYS E 161 7.75 -65.68 -19.75
C LYS E 161 7.96 -65.45 -18.27
N TYR E 162 8.49 -66.43 -17.56
CA TYR E 162 8.30 -66.44 -16.08
C TYR E 162 6.77 -66.62 -16.05
N GLN E 163 6.11 -66.78 -14.93
CA GLN E 163 4.64 -67.14 -14.90
C GLN E 163 4.52 -68.61 -14.57
N LYS E 164 4.85 -69.48 -15.52
CA LYS E 164 4.90 -70.91 -15.21
C LYS E 164 5.89 -71.19 -14.05
N GLU E 165 7.15 -70.76 -14.21
CA GLU E 165 8.14 -70.87 -13.13
C GLU E 165 7.66 -70.26 -11.79
N SER E 166 7.04 -69.09 -11.87
CA SER E 166 6.54 -68.34 -10.71
C SER E 166 5.39 -69.03 -9.98
N LYS E 167 4.46 -69.60 -10.72
CA LYS E 167 3.27 -70.25 -10.15
C LYS E 167 3.66 -71.46 -9.30
N LEU E 168 4.54 -72.30 -9.83
CA LEU E 168 5.20 -73.35 -9.08
C LEU E 168 6.30 -72.57 -8.37
N ASN E 169 6.23 -72.47 -7.05
CA ASN E 169 7.15 -71.64 -6.25
C ASN E 169 6.27 -70.84 -5.35
N ARG E 170 5.19 -70.27 -5.91
CA ARG E 170 4.20 -69.53 -5.14
C ARG E 170 3.26 -70.45 -4.38
N GLY F 1 -13.11 -36.25 0.74
CA GLY F 1 -11.67 -36.25 0.59
C GLY F 1 -11.24 -36.58 -0.83
N ILE F 2 -10.00 -36.20 -1.17
CA ILE F 2 -9.46 -36.45 -2.50
C ILE F 2 -8.81 -37.83 -2.57
N PHE F 3 -8.35 -38.32 -1.43
CA PHE F 3 -7.71 -39.61 -1.36
C PHE F 3 -8.76 -40.73 -1.35
N GLY F 4 -10.02 -40.33 -1.18
CA GLY F 4 -11.15 -41.22 -1.39
C GLY F 4 -11.61 -42.00 -0.17
N ALA F 5 -10.98 -41.80 0.97
CA ALA F 5 -11.29 -42.64 2.13
C ALA F 5 -12.35 -42.07 3.03
N ILE F 6 -12.15 -40.85 3.50
CA ILE F 6 -13.08 -40.23 4.45
C ILE F 6 -14.32 -39.84 3.66
N ALA F 7 -15.44 -40.41 4.05
CA ALA F 7 -16.71 -40.13 3.39
C ALA F 7 -16.76 -40.27 1.84
N GLY F 8 -16.17 -41.24 1.16
CA GLY F 8 -15.31 -42.25 1.64
C GLY F 8 -15.74 -43.56 1.04
N PHE F 9 -14.78 -44.38 0.63
CA PHE F 9 -14.99 -45.81 0.64
C PHE F 9 -15.04 -46.31 2.09
N ILE F 10 -14.61 -45.49 3.04
CA ILE F 10 -14.97 -45.69 4.44
C ILE F 10 -16.01 -44.63 4.75
N GLU F 11 -17.29 -44.93 4.54
CA GLU F 11 -18.34 -43.93 4.85
C GLU F 11 -18.40 -43.80 6.34
N GLY F 12 -18.55 -42.62 6.88
CA GLY F 12 -18.69 -42.55 8.34
C GLY F 12 -17.49 -42.80 9.28
N GLY F 13 -17.47 -42.09 10.40
CA GLY F 13 -16.48 -42.24 11.44
C GLY F 13 -17.06 -42.91 12.70
N TRP F 14 -16.26 -42.84 13.76
CA TRP F 14 -16.45 -43.65 14.95
C TRP F 14 -16.49 -42.81 16.21
N THR F 15 -17.67 -42.55 16.76
CA THR F 15 -17.70 -41.82 18.01
C THR F 15 -17.04 -42.63 19.14
N GLY F 16 -16.92 -43.94 18.95
CA GLY F 16 -16.36 -44.82 19.96
C GLY F 16 -14.85 -44.85 20.05
N MET F 17 -14.17 -44.21 19.11
CA MET F 17 -12.70 -44.18 19.13
C MET F 17 -12.33 -42.81 19.67
N ILE F 18 -12.10 -42.77 20.98
CA ILE F 18 -12.05 -41.54 21.73
C ILE F 18 -10.64 -40.95 21.82
N ASP F 19 -9.62 -41.74 21.57
CA ASP F 19 -8.27 -41.41 21.97
C ASP F 19 -7.37 -41.02 20.77
N GLY F 20 -7.95 -40.80 19.61
CA GLY F 20 -7.16 -40.49 18.45
C GLY F 20 -8.02 -40.03 17.29
N TRP F 21 -7.37 -39.70 16.19
CA TRP F 21 -8.08 -39.26 14.97
C TRP F 21 -8.26 -40.39 13.95
N TYR F 22 -7.29 -41.31 13.90
CA TYR F 22 -7.25 -42.44 13.00
C TYR F 22 -6.91 -43.67 13.78
N GLY F 23 -7.51 -44.79 13.44
CA GLY F 23 -7.14 -46.04 14.13
C GLY F 23 -7.89 -47.29 13.68
N TYR F 24 -8.12 -48.20 14.62
CA TYR F 24 -8.62 -49.53 14.32
C TYR F 24 -9.82 -49.98 15.18
N HIS F 25 -10.69 -50.78 14.58
CA HIS F 25 -11.82 -51.46 15.24
C HIS F 25 -11.63 -52.95 14.94
N HIS F 26 -11.65 -53.80 15.95
CA HIS F 26 -11.46 -55.22 15.74
C HIS F 26 -12.53 -56.00 16.42
N GLU F 27 -12.69 -57.24 15.95
CA GLU F 27 -13.59 -58.20 16.59
C GLU F 27 -13.02 -59.57 16.44
N ASN F 28 -12.95 -60.30 17.55
CA ASN F 28 -12.52 -61.69 17.59
C ASN F 28 -13.14 -62.42 18.81
N SER F 29 -12.74 -63.65 19.01
CA SER F 29 -13.31 -64.47 20.06
C SER F 29 -13.17 -63.86 21.45
N GLN F 30 -12.08 -63.16 21.72
CA GLN F 30 -11.90 -62.52 23.03
C GLN F 30 -12.70 -61.23 23.25
N GLY F 31 -13.30 -60.67 22.19
CA GLY F 31 -14.08 -59.46 22.32
C GLY F 31 -13.88 -58.54 21.14
N SER F 32 -14.15 -57.24 21.37
CA SER F 32 -14.08 -56.22 20.33
C SER F 32 -13.77 -54.84 20.89
N GLY F 33 -13.30 -53.95 20.03
CA GLY F 33 -13.08 -52.59 20.48
C GLY F 33 -12.52 -51.63 19.44
N TYR F 34 -12.05 -50.50 19.95
CA TYR F 34 -11.52 -49.39 19.17
C TYR F 34 -10.18 -49.04 19.74
N ALA F 35 -9.25 -48.67 18.89
CA ALA F 35 -7.88 -48.27 19.33
C ALA F 35 -7.19 -47.38 18.31
N ALA F 36 -6.77 -46.19 18.76
CA ALA F 36 -6.14 -45.24 17.90
C ALA F 36 -4.77 -45.75 17.48
N ASP F 37 -4.30 -45.29 16.32
CA ASP F 37 -2.91 -45.42 15.95
C ASP F 37 -2.26 -44.15 16.47
N ARG F 38 -1.47 -44.25 17.56
CA ARG F 38 -0.82 -43.08 18.19
C ARG F 38 0.20 -42.39 17.31
N GLU F 39 1.04 -43.14 16.62
CA GLU F 39 2.10 -42.55 15.80
C GLU F 39 1.52 -41.62 14.72
N SER F 40 0.51 -42.06 13.98
CA SER F 40 -0.02 -41.23 12.89
C SER F 40 -0.93 -40.11 13.40
N THR F 41 -1.66 -40.37 14.46
CA THR F 41 -2.43 -39.31 15.05
C THR F 41 -1.52 -38.19 15.53
N GLN F 42 -0.53 -38.56 16.33
CA GLN F 42 0.35 -37.58 16.94
C GLN F 42 1.08 -36.80 15.89
N LYS F 43 1.61 -37.49 14.90
CA LYS F 43 2.33 -36.82 13.84
C LYS F 43 1.41 -35.79 13.11
N ALA F 44 0.13 -36.08 13.01
CA ALA F 44 -0.84 -35.10 12.46
C ALA F 44 -1.18 -33.94 13.41
N ILE F 45 -1.32 -34.21 14.69
CA ILE F 45 -1.48 -33.15 15.65
C ILE F 45 -0.32 -32.17 15.61
N ASP F 46 0.91 -32.69 15.55
CA ASP F 46 2.10 -31.83 15.43
C ASP F 46 2.05 -31.01 14.11
N GLY F 47 1.65 -31.62 13.01
CA GLY F 47 1.63 -30.91 11.73
C GLY F 47 0.60 -29.79 11.65
N ILE F 48 -0.64 -30.11 12.00
CA ILE F 48 -1.70 -29.13 12.06
C ILE F 48 -1.43 -28.00 13.06
N THR F 49 -0.85 -28.32 14.22
CA THR F 49 -0.54 -27.34 15.24
C THR F 49 0.51 -26.40 14.63
N ASN F 50 1.52 -26.97 14.01
CA ASN F 50 2.55 -26.16 13.35
C ASN F 50 1.97 -25.26 12.24
N LYS F 51 0.96 -25.76 11.53
CA LYS F 51 0.34 -24.99 10.47
C LYS F 51 -0.40 -23.81 11.06
N VAL F 52 -1.26 -24.05 12.04
CA VAL F 52 -1.93 -22.97 12.76
C VAL F 52 -0.90 -21.95 13.31
N ASN F 53 0.15 -22.39 14.02
CA ASN F 53 1.10 -21.45 14.62
C ASN F 53 1.92 -20.70 13.56
N SER F 54 2.18 -21.32 12.43
CA SER F 54 2.89 -20.64 11.38
C SER F 54 2.00 -19.54 10.80
N ILE F 55 0.71 -19.77 10.68
CA ILE F 55 -0.20 -18.77 10.14
C ILE F 55 -0.35 -17.60 11.09
N ILE F 56 -0.56 -17.93 12.37
CA ILE F 56 -0.54 -16.94 13.41
C ILE F 56 0.76 -16.12 13.38
N ASN F 57 1.89 -16.79 13.34
CA ASN F 57 3.16 -16.10 13.31
C ASN F 57 3.35 -15.19 12.09
N LYS F 58 2.96 -15.63 10.89
CA LYS F 58 3.19 -14.79 9.72
C LYS F 58 2.24 -13.62 9.63
N MET F 59 1.06 -13.77 10.19
CA MET F 59 0.07 -12.70 10.26
C MET F 59 0.32 -11.72 11.43
N ASN F 60 1.45 -11.80 12.10
CA ASN F 60 1.62 -11.09 13.35
C ASN F 60 2.21 -9.70 13.17
N THR F 61 1.78 -8.97 12.15
CA THR F 61 2.12 -7.56 12.01
C THR F 61 0.79 -6.82 11.80
N GLN F 62 0.78 -5.50 11.98
CA GLN F 62 -0.43 -4.69 11.80
C GLN F 62 -0.17 -3.40 11.03
N PHE F 63 -1.04 -3.14 10.07
CA PHE F 63 -1.08 -1.83 9.48
C PHE F 63 -1.80 -0.90 10.46
N GLU F 64 -1.17 0.24 10.75
CA GLU F 64 -1.73 1.16 11.70
C GLU F 64 -2.29 2.41 11.05
N ALA F 65 -3.60 2.45 10.93
CA ALA F 65 -4.32 3.63 10.52
C ALA F 65 -4.19 4.74 11.56
N VAL F 66 -4.51 5.96 11.15
CA VAL F 66 -4.14 7.12 11.94
C VAL F 66 -5.25 8.18 12.00
N ASP F 67 -5.38 8.82 13.14
CA ASP F 67 -6.44 9.80 13.42
C ASP F 67 -6.23 11.27 12.95
N HIS F 68 -5.18 11.53 12.18
CA HIS F 68 -4.82 12.90 11.78
C HIS F 68 -5.91 13.56 10.97
N GLU F 69 -6.09 14.85 11.20
CA GLU F 69 -7.09 15.65 10.49
C GLU F 69 -6.51 16.38 9.30
N PHE F 70 -7.40 16.87 8.45
CA PHE F 70 -6.98 17.53 7.22
C PHE F 70 -7.84 18.73 6.97
N SER F 71 -7.26 19.83 6.51
CA SER F 71 -8.03 21.07 6.31
C SER F 71 -8.86 21.00 5.04
N ASN F 72 -9.70 22.00 4.84
CA ASN F 72 -10.48 22.08 3.61
C ASN F 72 -9.58 22.37 2.38
N LEU F 73 -8.30 22.75 2.59
CA LEU F 73 -7.32 22.81 1.49
C LEU F 73 -6.40 21.58 1.37
N GLU F 74 -6.77 20.47 2.01
CA GLU F 74 -6.00 19.25 1.96
C GLU F 74 -6.94 18.08 1.63
N ARG F 75 -7.82 18.30 0.67
CA ARG F 75 -8.67 17.25 0.17
C ARG F 75 -7.81 16.18 -0.55
N ARG F 76 -6.76 16.58 -1.24
CA ARG F 76 -5.98 15.60 -1.96
C ARG F 76 -5.20 14.61 -1.10
N ILE F 77 -4.46 15.10 -0.10
CA ILE F 77 -3.76 14.17 0.81
C ILE F 77 -4.69 13.49 1.76
N GLY F 78 -5.75 14.16 2.14
CA GLY F 78 -6.77 13.50 2.95
C GLY F 78 -7.22 12.24 2.24
N ASN F 79 -7.52 12.36 0.96
CA ASN F 79 -8.01 11.25 0.19
C ASN F 79 -6.90 10.24 -0.14
N LEU F 80 -5.66 10.70 -0.22
CA LEU F 80 -4.56 9.80 -0.42
C LEU F 80 -4.49 8.90 0.80
N ASN F 81 -4.63 9.50 1.96
CA ASN F 81 -4.59 8.73 3.18
C ASN F 81 -5.72 7.71 3.19
N LYS F 82 -6.94 8.13 2.91
CA LYS F 82 -8.07 7.20 2.92
C LYS F 82 -7.83 6.07 1.90
N ARG F 83 -7.45 6.42 0.69
CA ARG F 83 -7.29 5.39 -0.33
C ARG F 83 -6.20 4.36 0.05
N MET F 84 -5.13 4.84 0.69
CA MET F 84 -4.09 4.00 1.20
C MET F 84 -4.58 3.05 2.32
N GLU F 85 -5.22 3.61 3.33
CA GLU F 85 -5.70 2.84 4.47
C GLU F 85 -6.70 1.74 4.06
N ASP F 86 -7.62 2.06 3.16
CA ASP F 86 -8.56 1.08 2.63
C ASP F 86 -7.85 0.05 1.75
N GLY F 87 -6.76 0.49 1.11
CA GLY F 87 -6.01 -0.35 0.23
C GLY F 87 -5.41 -1.49 1.02
N PHE F 88 -4.75 -1.17 2.12
CA PHE F 88 -4.12 -2.22 2.91
C PHE F 88 -5.14 -3.10 3.61
N LEU F 89 -6.19 -2.51 4.14
CA LEU F 89 -7.30 -3.28 4.66
C LEU F 89 -7.82 -4.28 3.62
N ASP F 90 -7.96 -3.87 2.35
CA ASP F 90 -8.46 -4.81 1.34
C ASP F 90 -7.42 -5.91 1.06
N VAL F 91 -6.14 -5.58 1.04
CA VAL F 91 -5.12 -6.58 0.78
C VAL F 91 -5.07 -7.62 1.88
N TRP F 92 -5.08 -7.20 3.13
CA TRP F 92 -5.01 -8.13 4.24
C TRP F 92 -6.27 -8.95 4.38
N THR F 93 -7.43 -8.34 4.15
CA THR F 93 -8.70 -9.06 4.22
C THR F 93 -8.71 -10.19 3.19
N TYR F 94 -8.20 -9.92 2.00
CA TYR F 94 -8.10 -10.92 0.96
C TYR F 94 -7.15 -12.03 1.39
N ASN F 95 -5.97 -11.66 1.86
CA ASN F 95 -4.98 -12.64 2.20
C ASN F 95 -5.48 -13.60 3.22
N ALA F 96 -6.11 -13.09 4.28
CA ALA F 96 -6.62 -13.95 5.33
C ALA F 96 -7.74 -14.85 4.85
N GLU F 97 -8.74 -14.28 4.16
CA GLU F 97 -9.95 -15.01 3.75
C GLU F 97 -9.64 -16.12 2.76
N LEU F 98 -8.68 -15.88 1.87
CA LEU F 98 -8.29 -16.88 0.92
C LEU F 98 -7.40 -17.97 1.51
N LEU F 99 -6.43 -17.57 2.30
CA LEU F 99 -5.62 -18.51 3.05
C LEU F 99 -6.47 -19.55 3.80
N VAL F 100 -7.50 -19.08 4.47
CA VAL F 100 -8.36 -19.98 5.26
C VAL F 100 -9.10 -20.99 4.35
N LEU F 101 -9.59 -20.48 3.24
CA LEU F 101 -10.26 -21.28 2.29
C LEU F 101 -9.33 -22.36 1.71
N LEU F 102 -8.09 -21.97 1.39
CA LEU F 102 -7.16 -22.86 0.75
C LEU F 102 -6.68 -23.86 1.76
N GLU F 103 -6.33 -23.38 2.95
CA GLU F 103 -5.75 -24.28 3.94
C GLU F 103 -6.75 -25.32 4.48
N ASN F 104 -8.01 -24.94 4.55
CA ASN F 104 -9.01 -25.89 5.01
C ASN F 104 -9.20 -26.99 3.98
N GLU F 105 -9.12 -26.66 2.70
CA GLU F 105 -9.17 -27.69 1.70
C GLU F 105 -8.03 -28.66 1.96
N ARG F 106 -6.84 -28.13 2.20
CA ARG F 106 -5.66 -28.98 2.19
C ARG F 106 -5.52 -29.76 3.46
N THR F 107 -6.09 -29.23 4.53
CA THR F 107 -6.18 -29.96 5.79
C THR F 107 -7.12 -31.19 5.70
N LEU F 108 -8.29 -31.05 5.10
CA LEU F 108 -9.13 -32.22 4.93
C LEU F 108 -8.42 -33.30 4.12
N ASP F 109 -7.77 -32.92 3.03
CA ASP F 109 -6.98 -33.87 2.22
C ASP F 109 -5.91 -34.60 3.05
N LEU F 110 -5.27 -33.88 3.99
CA LEU F 110 -4.20 -34.47 4.79
C LEU F 110 -4.75 -35.60 5.66
N HIS F 111 -5.80 -35.31 6.41
CA HIS F 111 -6.48 -36.36 7.15
C HIS F 111 -6.91 -37.52 6.25
N ASP F 112 -7.49 -37.22 5.10
CA ASP F 112 -7.93 -38.22 4.15
C ASP F 112 -6.77 -39.12 3.78
N ALA F 113 -5.62 -38.52 3.52
CA ALA F 113 -4.42 -39.30 3.12
C ALA F 113 -3.96 -40.20 4.26
N ASN F 114 -4.05 -39.73 5.50
CA ASN F 114 -3.48 -40.44 6.58
C ASN F 114 -4.32 -41.66 6.81
N VAL F 115 -5.64 -41.53 6.62
CA VAL F 115 -6.52 -42.67 6.77
C VAL F 115 -6.22 -43.69 5.68
N LYS F 116 -6.07 -43.21 4.46
CA LYS F 116 -5.84 -44.09 3.33
C LYS F 116 -4.56 -44.85 3.51
N ASN F 117 -3.50 -44.17 3.96
CA ASN F 117 -2.20 -44.83 4.13
C ASN F 117 -2.25 -45.89 5.21
N LEU F 118 -3.00 -45.65 6.28
CA LEU F 118 -3.20 -46.65 7.29
C LEU F 118 -3.85 -47.88 6.70
N TYR F 119 -4.91 -47.66 5.95
CA TYR F 119 -5.62 -48.74 5.32
C TYR F 119 -4.69 -49.53 4.40
N GLU F 120 -3.87 -48.83 3.64
CA GLU F 120 -2.99 -49.51 2.72
C GLU F 120 -1.93 -50.36 3.46
N LYS F 121 -1.41 -49.85 4.57
CA LYS F 121 -0.45 -50.61 5.39
C LYS F 121 -1.04 -51.92 5.85
N VAL F 122 -2.25 -51.88 6.36
CA VAL F 122 -2.89 -53.10 6.76
C VAL F 122 -3.09 -54.03 5.56
N LYS F 123 -3.59 -53.49 4.45
CA LYS F 123 -3.80 -54.30 3.25
C LYS F 123 -2.58 -55.07 2.77
N SER F 124 -1.41 -54.44 2.84
CA SER F 124 -0.15 -55.09 2.37
C SER F 124 0.32 -56.26 3.21
N GLN F 125 0.05 -56.20 4.50
CA GLN F 125 0.44 -57.26 5.36
C GLN F 125 -0.47 -58.46 5.15
N LEU F 126 -1.77 -58.20 5.14
CA LEU F 126 -2.77 -59.25 5.15
C LEU F 126 -2.85 -60.01 3.83
N ARG F 127 -2.78 -59.30 2.72
CA ARG F 127 -2.81 -59.94 1.41
C ARG F 127 -4.06 -60.80 1.27
N ASP F 128 -3.89 -62.07 0.90
CA ASP F 128 -5.04 -62.97 0.70
C ASP F 128 -5.34 -63.82 1.95
N ASN F 129 -4.68 -63.54 3.07
CA ASN F 129 -5.12 -64.05 4.36
C ASN F 129 -6.35 -63.33 4.89
N ALA F 130 -6.85 -62.31 4.19
CA ALA F 130 -8.15 -61.72 4.52
C ALA F 130 -8.92 -61.32 3.28
N ASN F 131 -10.22 -61.09 3.45
CA ASN F 131 -11.13 -60.66 2.39
C ASN F 131 -11.47 -59.19 2.62
N ASP F 132 -11.34 -58.37 1.58
CA ASP F 132 -11.42 -56.90 1.71
C ASP F 132 -12.74 -56.44 2.24
N LEU F 133 -13.88 -56.79 1.65
CA LEU F 133 -15.16 -56.27 2.19
C LEU F 133 -15.43 -54.77 1.99
N GLY F 134 -14.54 -54.00 1.33
CA GLY F 134 -14.88 -52.68 0.74
C GLY F 134 -15.19 -51.45 1.61
N ASN F 135 -15.38 -51.62 2.94
CA ASN F 135 -15.67 -50.48 3.83
C ASN F 135 -14.46 -50.13 4.75
N GLY F 136 -13.25 -50.47 4.28
CA GLY F 136 -12.08 -50.41 5.12
C GLY F 136 -12.02 -51.48 6.20
N CYS F 137 -12.87 -52.51 6.10
CA CYS F 137 -12.84 -53.65 7.03
C CYS F 137 -12.22 -54.90 6.39
N PHE F 138 -11.55 -55.75 7.16
CA PHE F 138 -10.97 -56.99 6.64
C PHE F 138 -11.51 -58.17 7.46
N GLU F 139 -12.04 -59.20 6.77
CA GLU F 139 -12.44 -60.47 7.40
C GLU F 139 -11.30 -61.42 7.28
N PHE F 140 -10.77 -61.90 8.38
CA PHE F 140 -9.67 -62.86 8.28
C PHE F 140 -10.18 -64.23 7.75
N TRP F 141 -9.34 -64.89 6.96
CA TRP F 141 -9.59 -66.26 6.54
C TRP F 141 -9.06 -67.20 7.64
N HIS F 142 -8.92 -66.70 8.86
CA HIS F 142 -8.26 -67.46 9.95
C HIS F 142 -8.52 -66.86 11.31
N LYS F 143 -8.10 -67.61 12.34
CA LYS F 143 -8.31 -67.22 13.73
C LYS F 143 -7.28 -66.15 14.14
N CYS F 144 -7.74 -64.96 14.48
CA CYS F 144 -6.83 -63.86 14.83
C CYS F 144 -7.09 -63.33 16.23
N ASP F 145 -6.33 -63.86 17.19
CA ASP F 145 -6.50 -63.47 18.58
C ASP F 145 -5.90 -62.08 18.83
N ASN F 146 -5.95 -61.60 20.05
CA ASN F 146 -5.51 -60.24 20.35
C ASN F 146 -4.06 -60.00 20.01
N GLU F 147 -3.20 -61.00 20.24
CA GLU F 147 -1.78 -60.88 19.95
C GLU F 147 -1.60 -60.71 18.44
N CYS F 148 -2.39 -61.46 17.68
CA CYS F 148 -2.40 -61.36 16.23
C CYS F 148 -2.99 -60.01 15.80
N MET F 149 -3.99 -59.51 16.50
CA MET F 149 -4.48 -58.16 16.21
C MET F 149 -3.39 -57.12 16.44
N GLU F 150 -2.68 -57.17 17.57
CA GLU F 150 -1.63 -56.15 17.90
C GLU F 150 -0.57 -56.25 16.84
N SER F 151 -0.31 -57.48 16.41
CA SER F 151 0.60 -57.82 15.32
C SER F 151 0.35 -56.94 14.07
N VAL F 152 -0.91 -56.90 13.62
CA VAL F 152 -1.32 -56.12 12.46
C VAL F 152 -1.14 -54.61 12.68
N LYS F 153 -1.48 -54.14 13.87
CA LYS F 153 -1.38 -52.71 14.19
C LYS F 153 0.06 -52.22 14.31
N ASN F 154 0.97 -53.01 14.91
CA ASN F 154 2.38 -52.62 15.06
C ASN F 154 3.26 -52.97 13.86
N GLY F 155 2.68 -53.58 12.83
CA GLY F 155 3.37 -53.76 11.52
C GLY F 155 4.24 -55.03 11.39
N THR F 156 3.88 -56.09 12.12
CA THR F 156 4.71 -57.29 12.22
C THR F 156 3.91 -58.58 12.00
N TYR F 157 2.97 -58.56 11.07
CA TYR F 157 1.92 -59.57 11.05
C TYR F 157 2.33 -61.05 10.86
N ASP F 158 3.13 -61.39 9.86
CA ASP F 158 3.53 -62.84 9.71
C ASP F 158 2.50 -63.58 8.88
N TYR F 159 2.45 -63.24 7.59
CA TYR F 159 1.64 -63.92 6.60
C TYR F 159 1.95 -65.43 6.55
N PRO F 160 3.26 -65.82 6.48
CA PRO F 160 3.57 -67.27 6.37
C PRO F 160 2.82 -68.14 7.42
N LYS F 161 2.92 -67.75 8.68
CA LYS F 161 2.11 -68.34 9.72
C LYS F 161 0.73 -67.83 9.33
N TYR F 162 -0.27 -68.70 9.23
CA TYR F 162 -1.68 -68.34 8.85
C TYR F 162 -2.08 -68.59 7.41
N GLN F 163 -1.10 -68.81 6.56
CA GLN F 163 -1.29 -68.98 5.12
C GLN F 163 -1.97 -70.31 4.93
N LYS F 164 -1.43 -71.28 5.66
CA LYS F 164 -2.08 -72.50 6.09
C LYS F 164 -3.66 -72.52 6.23
N GLU F 165 -4.21 -72.11 7.42
CA GLU F 165 -5.68 -72.01 7.65
C GLU F 165 -6.31 -71.15 6.55
N SER F 166 -5.63 -70.06 6.20
CA SER F 166 -6.25 -69.11 5.36
C SER F 166 -6.61 -69.72 4.02
N LYS F 167 -5.70 -70.49 3.43
CA LYS F 167 -5.90 -71.07 2.09
C LYS F 167 -7.06 -72.05 2.09
N LEU F 168 -7.07 -72.98 3.06
CA LEU F 168 -8.13 -73.99 3.12
C LEU F 168 -9.48 -73.43 3.53
N ASN F 169 -9.49 -72.40 4.35
CA ASN F 169 -10.74 -71.66 4.57
C ASN F 169 -11.27 -70.91 3.39
N ARG F 170 -10.36 -70.50 2.51
CA ARG F 170 -10.69 -69.89 1.22
C ARG F 170 -11.39 -70.84 0.18
#